data_3I87
# 
_entry.id   3I87 
# 
_audit_conform.dict_name       mmcif_pdbx.dic 
_audit_conform.dict_version    5.387 
_audit_conform.dict_location   http://mmcif.pdb.org/dictionaries/ascii/mmcif_pdbx.dic 
# 
loop_
_database_2.database_id 
_database_2.database_code 
_database_2.pdbx_database_accession 
_database_2.pdbx_DOI 
PDB   3I87         pdb_00003i87 10.2210/pdb3i87/pdb 
RCSB  RCSB054086   ?            ?                   
WWPDB D_1000054086 ?            ?                   
# 
loop_
_pdbx_audit_revision_history.ordinal 
_pdbx_audit_revision_history.data_content_type 
_pdbx_audit_revision_history.major_revision 
_pdbx_audit_revision_history.minor_revision 
_pdbx_audit_revision_history.revision_date 
1 'Structure model' 1 0 2010-01-12 
2 'Structure model' 1 1 2011-07-13 
3 'Structure model' 1 2 2017-11-01 
4 'Structure model' 1 3 2024-02-21 
# 
_pdbx_audit_revision_details.ordinal             1 
_pdbx_audit_revision_details.revision_ordinal    1 
_pdbx_audit_revision_details.data_content_type   'Structure model' 
_pdbx_audit_revision_details.provider            repository 
_pdbx_audit_revision_details.type                'Initial release' 
_pdbx_audit_revision_details.description         ? 
_pdbx_audit_revision_details.details             ? 
# 
loop_
_pdbx_audit_revision_group.ordinal 
_pdbx_audit_revision_group.revision_ordinal 
_pdbx_audit_revision_group.data_content_type 
_pdbx_audit_revision_group.group 
1 2 'Structure model' Advisory                    
2 2 'Structure model' 'Version format compliance' 
3 3 'Structure model' 'Refinement description'    
4 4 'Structure model' 'Data collection'           
5 4 'Structure model' 'Database references'       
6 4 'Structure model' 'Derived calculations'      
# 
loop_
_pdbx_audit_revision_category.ordinal 
_pdbx_audit_revision_category.revision_ordinal 
_pdbx_audit_revision_category.data_content_type 
_pdbx_audit_revision_category.category 
1 3 'Structure model' software           
2 4 'Structure model' chem_comp_atom     
3 4 'Structure model' chem_comp_bond     
4 4 'Structure model' database_2         
5 4 'Structure model' struct_ref_seq_dif 
6 4 'Structure model' struct_site        
# 
loop_
_pdbx_audit_revision_item.ordinal 
_pdbx_audit_revision_item.revision_ordinal 
_pdbx_audit_revision_item.data_content_type 
_pdbx_audit_revision_item.item 
1 4 'Structure model' '_database_2.pdbx_DOI'                
2 4 'Structure model' '_database_2.pdbx_database_accession' 
3 4 'Structure model' '_struct_ref_seq_dif.details'         
4 4 'Structure model' '_struct_site.pdbx_auth_asym_id'      
5 4 'Structure model' '_struct_site.pdbx_auth_comp_id'      
6 4 'Structure model' '_struct_site.pdbx_auth_seq_id'       
# 
_pdbx_database_status.entry_id                        3I87 
_pdbx_database_status.status_code                     REL 
_pdbx_database_status.deposit_site                    RCSB 
_pdbx_database_status.process_site                    RCSB 
_pdbx_database_status.recvd_initial_deposition_date   2009-07-09 
_pdbx_database_status.status_code_sf                  REL 
_pdbx_database_status.status_code_mr                  ? 
_pdbx_database_status.SG_entry                        ? 
_pdbx_database_status.pdb_format_compatible           Y 
_pdbx_database_status.status_code_cs                  ? 
_pdbx_database_status.methods_development_category    ? 
_pdbx_database_status.status_code_nmr_data            ? 
# 
loop_
_pdbx_database_related.db_name 
_pdbx_database_related.db_id 
_pdbx_database_related.details 
_pdbx_database_related.content_type 
PDB 3I6P 'Ethanolamine Utilization Microcompartment Shell Subunit, EutM'                   unspecified 
PDB 3I71 'Ethanolamine Utilization Microcompartment Shell Subunit, EutK C-terminal domain' unspecified 
PDB 3I82 'Ethanolamine Utilization Microcompartment Shell Subunit, EutL Closed Form'       unspecified 
PDB 3I96 'Ethanolamine Utilization Microcompartment Shell Subunit, EutS'                   unspecified 
PDB 3IA0 'Ethanolamine Utilization Microcompartment Shell Subunit, EutS-G39V mutant'       unspecified 
# 
loop_
_audit_author.name 
_audit_author.pdbx_ordinal 
'Tanaka, S.'   1 
'Sawaya, M.R.' 2 
'Yeates, T.O.' 3 
# 
_citation.id                        primary 
_citation.title                     'Structure and Mechanisms of a Protein-Based Organelle in Escherichia coli.' 
_citation.journal_abbrev            Science 
_citation.journal_volume            327 
_citation.page_first                81 
_citation.page_last                 84 
_citation.year                      2010 
_citation.journal_id_ASTM           SCIEAS 
_citation.country                   US 
_citation.journal_id_ISSN           0036-8075 
_citation.journal_id_CSD            0038 
_citation.book_publisher            ? 
_citation.pdbx_database_id_PubMed   20044574 
_citation.pdbx_database_id_DOI      10.1126/science.1179513 
# 
loop_
_citation_author.citation_id 
_citation_author.name 
_citation_author.ordinal 
_citation_author.identifier_ORCID 
primary 'Tanaka, S.'   1 ? 
primary 'Sawaya, M.R.' 2 ? 
primary 'Yeates, T.O.' 3 ? 
# 
loop_
_entity.id 
_entity.type 
_entity.src_method 
_entity.pdbx_description 
_entity.formula_weight 
_entity.pdbx_number_of_molecules 
_entity.pdbx_ec 
_entity.pdbx_mutation 
_entity.pdbx_fragment 
_entity.details 
1 polymer     man 'Ethanolamine utilization protein eutL' 23875.928 1  ? ? ? ? 
2 non-polymer syn 'CHLORIDE ION'                          35.453    1  ? ? ? ? 
3 water       nat water                                   18.015    51 ? ? ? ? 
# 
_entity_poly.entity_id                      1 
_entity_poly.type                           'polypeptide(L)' 
_entity_poly.nstd_linkage                   no 
_entity_poly.nstd_monomer                   no 
_entity_poly.pdbx_seq_one_letter_code       
;MPALDLIRPSVTAMRVIASVNADFARELKLPPHIRSLGLISADSDDVTYIAADEATKQAMVEVVYGRSLYAGAAHGPSPT
AGEVLIMLGGPNPAEVRAGLDAMIAHIENGAAFQWANDAQDTAFLAHVVSRTGSYLSSTAGITLGDPMAYLVAPPLEATY
GIDAALKSADVQLATYVPPPSETNYSAAFLTGSQAACKAACNAFTDAVLEIARNPIQRALEHHHHHH
;
_entity_poly.pdbx_seq_one_letter_code_can   
;MPALDLIRPSVTAMRVIASVNADFARELKLPPHIRSLGLISADSDDVTYIAADEATKQAMVEVVYGRSLYAGAAHGPSPT
AGEVLIMLGGPNPAEVRAGLDAMIAHIENGAAFQWANDAQDTAFLAHVVSRTGSYLSSTAGITLGDPMAYLVAPPLEATY
GIDAALKSADVQLATYVPPPSETNYSAAFLTGSQAACKAACNAFTDAVLEIARNPIQRALEHHHHHH
;
_entity_poly.pdbx_strand_id                 A 
_entity_poly.pdbx_target_identifier         ? 
# 
loop_
_pdbx_entity_nonpoly.entity_id 
_pdbx_entity_nonpoly.name 
_pdbx_entity_nonpoly.comp_id 
2 'CHLORIDE ION' CL  
3 water          HOH 
# 
loop_
_entity_poly_seq.entity_id 
_entity_poly_seq.num 
_entity_poly_seq.mon_id 
_entity_poly_seq.hetero 
1 1   MET n 
1 2   PRO n 
1 3   ALA n 
1 4   LEU n 
1 5   ASP n 
1 6   LEU n 
1 7   ILE n 
1 8   ARG n 
1 9   PRO n 
1 10  SER n 
1 11  VAL n 
1 12  THR n 
1 13  ALA n 
1 14  MET n 
1 15  ARG n 
1 16  VAL n 
1 17  ILE n 
1 18  ALA n 
1 19  SER n 
1 20  VAL n 
1 21  ASN n 
1 22  ALA n 
1 23  ASP n 
1 24  PHE n 
1 25  ALA n 
1 26  ARG n 
1 27  GLU n 
1 28  LEU n 
1 29  LYS n 
1 30  LEU n 
1 31  PRO n 
1 32  PRO n 
1 33  HIS n 
1 34  ILE n 
1 35  ARG n 
1 36  SER n 
1 37  LEU n 
1 38  GLY n 
1 39  LEU n 
1 40  ILE n 
1 41  SER n 
1 42  ALA n 
1 43  ASP n 
1 44  SER n 
1 45  ASP n 
1 46  ASP n 
1 47  VAL n 
1 48  THR n 
1 49  TYR n 
1 50  ILE n 
1 51  ALA n 
1 52  ALA n 
1 53  ASP n 
1 54  GLU n 
1 55  ALA n 
1 56  THR n 
1 57  LYS n 
1 58  GLN n 
1 59  ALA n 
1 60  MET n 
1 61  VAL n 
1 62  GLU n 
1 63  VAL n 
1 64  VAL n 
1 65  TYR n 
1 66  GLY n 
1 67  ARG n 
1 68  SER n 
1 69  LEU n 
1 70  TYR n 
1 71  ALA n 
1 72  GLY n 
1 73  ALA n 
1 74  ALA n 
1 75  HIS n 
1 76  GLY n 
1 77  PRO n 
1 78  SER n 
1 79  PRO n 
1 80  THR n 
1 81  ALA n 
1 82  GLY n 
1 83  GLU n 
1 84  VAL n 
1 85  LEU n 
1 86  ILE n 
1 87  MET n 
1 88  LEU n 
1 89  GLY n 
1 90  GLY n 
1 91  PRO n 
1 92  ASN n 
1 93  PRO n 
1 94  ALA n 
1 95  GLU n 
1 96  VAL n 
1 97  ARG n 
1 98  ALA n 
1 99  GLY n 
1 100 LEU n 
1 101 ASP n 
1 102 ALA n 
1 103 MET n 
1 104 ILE n 
1 105 ALA n 
1 106 HIS n 
1 107 ILE n 
1 108 GLU n 
1 109 ASN n 
1 110 GLY n 
1 111 ALA n 
1 112 ALA n 
1 113 PHE n 
1 114 GLN n 
1 115 TRP n 
1 116 ALA n 
1 117 ASN n 
1 118 ASP n 
1 119 ALA n 
1 120 GLN n 
1 121 ASP n 
1 122 THR n 
1 123 ALA n 
1 124 PHE n 
1 125 LEU n 
1 126 ALA n 
1 127 HIS n 
1 128 VAL n 
1 129 VAL n 
1 130 SER n 
1 131 ARG n 
1 132 THR n 
1 133 GLY n 
1 134 SER n 
1 135 TYR n 
1 136 LEU n 
1 137 SER n 
1 138 SER n 
1 139 THR n 
1 140 ALA n 
1 141 GLY n 
1 142 ILE n 
1 143 THR n 
1 144 LEU n 
1 145 GLY n 
1 146 ASP n 
1 147 PRO n 
1 148 MET n 
1 149 ALA n 
1 150 TYR n 
1 151 LEU n 
1 152 VAL n 
1 153 ALA n 
1 154 PRO n 
1 155 PRO n 
1 156 LEU n 
1 157 GLU n 
1 158 ALA n 
1 159 THR n 
1 160 TYR n 
1 161 GLY n 
1 162 ILE n 
1 163 ASP n 
1 164 ALA n 
1 165 ALA n 
1 166 LEU n 
1 167 LYS n 
1 168 SER n 
1 169 ALA n 
1 170 ASP n 
1 171 VAL n 
1 172 GLN n 
1 173 LEU n 
1 174 ALA n 
1 175 THR n 
1 176 TYR n 
1 177 VAL n 
1 178 PRO n 
1 179 PRO n 
1 180 PRO n 
1 181 SER n 
1 182 GLU n 
1 183 THR n 
1 184 ASN n 
1 185 TYR n 
1 186 SER n 
1 187 ALA n 
1 188 ALA n 
1 189 PHE n 
1 190 LEU n 
1 191 THR n 
1 192 GLY n 
1 193 SER n 
1 194 GLN n 
1 195 ALA n 
1 196 ALA n 
1 197 CYS n 
1 198 LYS n 
1 199 ALA n 
1 200 ALA n 
1 201 CYS n 
1 202 ASN n 
1 203 ALA n 
1 204 PHE n 
1 205 THR n 
1 206 ASP n 
1 207 ALA n 
1 208 VAL n 
1 209 LEU n 
1 210 GLU n 
1 211 ILE n 
1 212 ALA n 
1 213 ARG n 
1 214 ASN n 
1 215 PRO n 
1 216 ILE n 
1 217 GLN n 
1 218 ARG n 
1 219 ALA n 
1 220 LEU n 
1 221 GLU n 
1 222 HIS n 
1 223 HIS n 
1 224 HIS n 
1 225 HIS n 
1 226 HIS n 
1 227 HIS n 
# 
_entity_src_gen.entity_id                          1 
_entity_src_gen.pdbx_src_id                        1 
_entity_src_gen.pdbx_alt_source_flag               sample 
_entity_src_gen.pdbx_seq_type                      ? 
_entity_src_gen.pdbx_beg_seq_num                   ? 
_entity_src_gen.pdbx_end_seq_num                   ? 
_entity_src_gen.gene_src_common_name               ? 
_entity_src_gen.gene_src_genus                     ? 
_entity_src_gen.pdbx_gene_src_gene                 'b2439, eutL, JW2432, yffJ' 
_entity_src_gen.gene_src_species                   ? 
_entity_src_gen.gene_src_strain                    K-12 
_entity_src_gen.gene_src_tissue                    ? 
_entity_src_gen.gene_src_tissue_fraction           ? 
_entity_src_gen.gene_src_details                   ? 
_entity_src_gen.pdbx_gene_src_fragment             ? 
_entity_src_gen.pdbx_gene_src_scientific_name      'Escherichia coli' 
_entity_src_gen.pdbx_gene_src_ncbi_taxonomy_id     83333 
_entity_src_gen.pdbx_gene_src_variant              ? 
_entity_src_gen.pdbx_gene_src_cell_line            ? 
_entity_src_gen.pdbx_gene_src_atcc                 ? 
_entity_src_gen.pdbx_gene_src_organ                ? 
_entity_src_gen.pdbx_gene_src_organelle            ? 
_entity_src_gen.pdbx_gene_src_cell                 ? 
_entity_src_gen.pdbx_gene_src_cellular_location    ? 
_entity_src_gen.host_org_common_name               ? 
_entity_src_gen.pdbx_host_org_scientific_name      'Escherichia coli' 
_entity_src_gen.pdbx_host_org_ncbi_taxonomy_id     562 
_entity_src_gen.host_org_genus                     ? 
_entity_src_gen.pdbx_host_org_gene                 ? 
_entity_src_gen.pdbx_host_org_organ                ? 
_entity_src_gen.host_org_species                   ? 
_entity_src_gen.pdbx_host_org_tissue               ? 
_entity_src_gen.pdbx_host_org_tissue_fraction      ? 
_entity_src_gen.pdbx_host_org_strain               'BL21(DE3)Gold' 
_entity_src_gen.pdbx_host_org_variant              ? 
_entity_src_gen.pdbx_host_org_cell_line            ? 
_entity_src_gen.pdbx_host_org_atcc                 ? 
_entity_src_gen.pdbx_host_org_culture_collection   ? 
_entity_src_gen.pdbx_host_org_cell                 ? 
_entity_src_gen.pdbx_host_org_organelle            ? 
_entity_src_gen.pdbx_host_org_cellular_location    ? 
_entity_src_gen.pdbx_host_org_vector_type          plasmid 
_entity_src_gen.pdbx_host_org_vector               ? 
_entity_src_gen.host_org_details                   ? 
_entity_src_gen.expression_system_id               ? 
_entity_src_gen.plasmid_name                       pET22b 
_entity_src_gen.plasmid_details                    ? 
_entity_src_gen.pdbx_description                   ? 
# 
loop_
_chem_comp.id 
_chem_comp.type 
_chem_comp.mon_nstd_flag 
_chem_comp.name 
_chem_comp.pdbx_synonyms 
_chem_comp.formula 
_chem_comp.formula_weight 
ALA 'L-peptide linking' y ALANINE         ? 'C3 H7 N O2'     89.093  
ARG 'L-peptide linking' y ARGININE        ? 'C6 H15 N4 O2 1' 175.209 
ASN 'L-peptide linking' y ASPARAGINE      ? 'C4 H8 N2 O3'    132.118 
ASP 'L-peptide linking' y 'ASPARTIC ACID' ? 'C4 H7 N O4'     133.103 
CL  non-polymer         . 'CHLORIDE ION'  ? 'Cl -1'          35.453  
CYS 'L-peptide linking' y CYSTEINE        ? 'C3 H7 N O2 S'   121.158 
GLN 'L-peptide linking' y GLUTAMINE       ? 'C5 H10 N2 O3'   146.144 
GLU 'L-peptide linking' y 'GLUTAMIC ACID' ? 'C5 H9 N O4'     147.129 
GLY 'peptide linking'   y GLYCINE         ? 'C2 H5 N O2'     75.067  
HIS 'L-peptide linking' y HISTIDINE       ? 'C6 H10 N3 O2 1' 156.162 
HOH non-polymer         . WATER           ? 'H2 O'           18.015  
ILE 'L-peptide linking' y ISOLEUCINE      ? 'C6 H13 N O2'    131.173 
LEU 'L-peptide linking' y LEUCINE         ? 'C6 H13 N O2'    131.173 
LYS 'L-peptide linking' y LYSINE          ? 'C6 H15 N2 O2 1' 147.195 
MET 'L-peptide linking' y METHIONINE      ? 'C5 H11 N O2 S'  149.211 
PHE 'L-peptide linking' y PHENYLALANINE   ? 'C9 H11 N O2'    165.189 
PRO 'L-peptide linking' y PROLINE         ? 'C5 H9 N O2'     115.130 
SER 'L-peptide linking' y SERINE          ? 'C3 H7 N O3'     105.093 
THR 'L-peptide linking' y THREONINE       ? 'C4 H9 N O3'     119.119 
TRP 'L-peptide linking' y TRYPTOPHAN      ? 'C11 H12 N2 O2'  204.225 
TYR 'L-peptide linking' y TYROSINE        ? 'C9 H11 N O3'    181.189 
VAL 'L-peptide linking' y VALINE          ? 'C5 H11 N O2'    117.146 
# 
loop_
_pdbx_poly_seq_scheme.asym_id 
_pdbx_poly_seq_scheme.entity_id 
_pdbx_poly_seq_scheme.seq_id 
_pdbx_poly_seq_scheme.mon_id 
_pdbx_poly_seq_scheme.ndb_seq_num 
_pdbx_poly_seq_scheme.pdb_seq_num 
_pdbx_poly_seq_scheme.auth_seq_num 
_pdbx_poly_seq_scheme.pdb_mon_id 
_pdbx_poly_seq_scheme.auth_mon_id 
_pdbx_poly_seq_scheme.pdb_strand_id 
_pdbx_poly_seq_scheme.pdb_ins_code 
_pdbx_poly_seq_scheme.hetero 
A 1 1   MET 1   1   ?   ?   ?   A . n 
A 1 2   PRO 2   2   2   PRO PRO A . n 
A 1 3   ALA 3   3   3   ALA ALA A . n 
A 1 4   LEU 4   4   4   LEU LEU A . n 
A 1 5   ASP 5   5   5   ASP ASP A . n 
A 1 6   LEU 6   6   6   LEU LEU A . n 
A 1 7   ILE 7   7   7   ILE ILE A . n 
A 1 8   ARG 8   8   8   ARG ARG A . n 
A 1 9   PRO 9   9   9   PRO PRO A . n 
A 1 10  SER 10  10  10  SER SER A . n 
A 1 11  VAL 11  11  11  VAL VAL A . n 
A 1 12  THR 12  12  12  THR THR A . n 
A 1 13  ALA 13  13  13  ALA ALA A . n 
A 1 14  MET 14  14  14  MET MET A . n 
A 1 15  ARG 15  15  15  ARG ARG A . n 
A 1 16  VAL 16  16  16  VAL VAL A . n 
A 1 17  ILE 17  17  17  ILE ILE A . n 
A 1 18  ALA 18  18  18  ALA ALA A . n 
A 1 19  SER 19  19  19  SER SER A . n 
A 1 20  VAL 20  20  20  VAL VAL A . n 
A 1 21  ASN 21  21  21  ASN ASN A . n 
A 1 22  ALA 22  22  22  ALA ALA A . n 
A 1 23  ASP 23  23  23  ASP ASP A . n 
A 1 24  PHE 24  24  24  PHE PHE A . n 
A 1 25  ALA 25  25  25  ALA ALA A . n 
A 1 26  ARG 26  26  26  ARG ARG A . n 
A 1 27  GLU 27  27  27  GLU GLU A . n 
A 1 28  LEU 28  28  28  LEU LEU A . n 
A 1 29  LYS 29  29  29  LYS LYS A . n 
A 1 30  LEU 30  30  30  LEU LEU A . n 
A 1 31  PRO 31  31  31  PRO PRO A . n 
A 1 32  PRO 32  32  32  PRO PRO A . n 
A 1 33  HIS 33  33  33  HIS HIS A . n 
A 1 34  ILE 34  34  34  ILE ILE A . n 
A 1 35  ARG 35  35  35  ARG ARG A . n 
A 1 36  SER 36  36  36  SER SER A . n 
A 1 37  LEU 37  37  37  LEU LEU A . n 
A 1 38  GLY 38  38  38  GLY GLY A . n 
A 1 39  LEU 39  39  39  LEU LEU A . n 
A 1 40  ILE 40  40  40  ILE ILE A . n 
A 1 41  SER 41  41  41  SER SER A . n 
A 1 42  ALA 42  42  42  ALA ALA A . n 
A 1 43  ASP 43  43  43  ASP ASP A . n 
A 1 44  SER 44  44  44  SER SER A . n 
A 1 45  ASP 45  45  45  ASP ASP A . n 
A 1 46  ASP 46  46  46  ASP ASP A . n 
A 1 47  VAL 47  47  47  VAL VAL A . n 
A 1 48  THR 48  48  48  THR THR A . n 
A 1 49  TYR 49  49  49  TYR TYR A . n 
A 1 50  ILE 50  50  50  ILE ILE A . n 
A 1 51  ALA 51  51  51  ALA ALA A . n 
A 1 52  ALA 52  52  52  ALA ALA A . n 
A 1 53  ASP 53  53  53  ASP ASP A . n 
A 1 54  GLU 54  54  54  GLU GLU A . n 
A 1 55  ALA 55  55  55  ALA ALA A . n 
A 1 56  THR 56  56  56  THR THR A . n 
A 1 57  LYS 57  57  57  LYS LYS A . n 
A 1 58  GLN 58  58  58  GLN GLN A . n 
A 1 59  ALA 59  59  59  ALA ALA A . n 
A 1 60  MET 60  60  60  MET MET A . n 
A 1 61  VAL 61  61  61  VAL VAL A . n 
A 1 62  GLU 62  62  62  GLU GLU A . n 
A 1 63  VAL 63  63  63  VAL VAL A . n 
A 1 64  VAL 64  64  64  VAL VAL A . n 
A 1 65  TYR 65  65  ?   ?   ?   A . n 
A 1 66  GLY 66  66  ?   ?   ?   A . n 
A 1 67  ARG 67  67  ?   ?   ?   A . n 
A 1 68  SER 68  68  ?   ?   ?   A . n 
A 1 69  LEU 69  69  ?   ?   ?   A . n 
A 1 70  TYR 70  70  ?   ?   ?   A . n 
A 1 71  ALA 71  71  71  ALA ALA A . n 
A 1 72  GLY 72  72  72  GLY GLY A . n 
A 1 73  ALA 73  73  73  ALA ALA A . n 
A 1 74  ALA 74  74  74  ALA ALA A . n 
A 1 75  HIS 75  75  75  HIS HIS A . n 
A 1 76  GLY 76  76  76  GLY GLY A . n 
A 1 77  PRO 77  77  77  PRO PRO A . n 
A 1 78  SER 78  78  78  SER SER A . n 
A 1 79  PRO 79  79  79  PRO PRO A . n 
A 1 80  THR 80  80  80  THR THR A . n 
A 1 81  ALA 81  81  81  ALA ALA A . n 
A 1 82  GLY 82  82  82  GLY GLY A . n 
A 1 83  GLU 83  83  83  GLU GLU A . n 
A 1 84  VAL 84  84  84  VAL VAL A . n 
A 1 85  LEU 85  85  85  LEU LEU A . n 
A 1 86  ILE 86  86  86  ILE ILE A . n 
A 1 87  MET 87  87  87  MET MET A . n 
A 1 88  LEU 88  88  88  LEU LEU A . n 
A 1 89  GLY 89  89  89  GLY GLY A . n 
A 1 90  GLY 90  90  90  GLY GLY A . n 
A 1 91  PRO 91  91  91  PRO PRO A . n 
A 1 92  ASN 92  92  92  ASN ASN A . n 
A 1 93  PRO 93  93  93  PRO PRO A . n 
A 1 94  ALA 94  94  94  ALA ALA A . n 
A 1 95  GLU 95  95  95  GLU GLU A . n 
A 1 96  VAL 96  96  96  VAL VAL A . n 
A 1 97  ARG 97  97  97  ARG ARG A . n 
A 1 98  ALA 98  98  98  ALA ALA A . n 
A 1 99  GLY 99  99  99  GLY GLY A . n 
A 1 100 LEU 100 100 100 LEU LEU A . n 
A 1 101 ASP 101 101 101 ASP ASP A . n 
A 1 102 ALA 102 102 102 ALA ALA A . n 
A 1 103 MET 103 103 103 MET MET A . n 
A 1 104 ILE 104 104 104 ILE ILE A . n 
A 1 105 ALA 105 105 105 ALA ALA A . n 
A 1 106 HIS 106 106 106 HIS HIS A . n 
A 1 107 ILE 107 107 107 ILE ILE A . n 
A 1 108 GLU 108 108 108 GLU GLU A . n 
A 1 109 ASN 109 109 109 ASN ASN A . n 
A 1 110 GLY 110 110 110 GLY GLY A . n 
A 1 111 ALA 111 111 111 ALA ALA A . n 
A 1 112 ALA 112 112 112 ALA ALA A . n 
A 1 113 PHE 113 113 113 PHE PHE A . n 
A 1 114 GLN 114 114 114 GLN GLN A . n 
A 1 115 TRP 115 115 115 TRP TRP A . n 
A 1 116 ALA 116 116 116 ALA ALA A . n 
A 1 117 ASN 117 117 117 ASN ASN A . n 
A 1 118 ASP 118 118 118 ASP ASP A . n 
A 1 119 ALA 119 119 119 ALA ALA A . n 
A 1 120 GLN 120 120 120 GLN GLN A . n 
A 1 121 ASP 121 121 121 ASP ASP A . n 
A 1 122 THR 122 122 122 THR THR A . n 
A 1 123 ALA 123 123 123 ALA ALA A . n 
A 1 124 PHE 124 124 124 PHE PHE A . n 
A 1 125 LEU 125 125 125 LEU LEU A . n 
A 1 126 ALA 126 126 126 ALA ALA A . n 
A 1 127 HIS 127 127 127 HIS HIS A . n 
A 1 128 VAL 128 128 128 VAL VAL A . n 
A 1 129 VAL 129 129 129 VAL VAL A . n 
A 1 130 SER 130 130 130 SER SER A . n 
A 1 131 ARG 131 131 131 ARG ARG A . n 
A 1 132 THR 132 132 132 THR THR A . n 
A 1 133 GLY 133 133 133 GLY GLY A . n 
A 1 134 SER 134 134 134 SER SER A . n 
A 1 135 TYR 135 135 135 TYR TYR A . n 
A 1 136 LEU 136 136 136 LEU LEU A . n 
A 1 137 SER 137 137 137 SER SER A . n 
A 1 138 SER 138 138 138 SER SER A . n 
A 1 139 THR 139 139 139 THR THR A . n 
A 1 140 ALA 140 140 140 ALA ALA A . n 
A 1 141 GLY 141 141 141 GLY GLY A . n 
A 1 142 ILE 142 142 142 ILE ILE A . n 
A 1 143 THR 143 143 143 THR THR A . n 
A 1 144 LEU 144 144 144 LEU LEU A . n 
A 1 145 GLY 145 145 145 GLY GLY A . n 
A 1 146 ASP 146 146 146 ASP ASP A . n 
A 1 147 PRO 147 147 147 PRO PRO A . n 
A 1 148 MET 148 148 148 MET MET A . n 
A 1 149 ALA 149 149 149 ALA ALA A . n 
A 1 150 TYR 150 150 150 TYR TYR A . n 
A 1 151 LEU 151 151 151 LEU LEU A . n 
A 1 152 VAL 152 152 152 VAL VAL A . n 
A 1 153 ALA 153 153 153 ALA ALA A . n 
A 1 154 PRO 154 154 154 PRO PRO A . n 
A 1 155 PRO 155 155 155 PRO PRO A . n 
A 1 156 LEU 156 156 156 LEU LEU A . n 
A 1 157 GLU 157 157 157 GLU GLU A . n 
A 1 158 ALA 158 158 158 ALA ALA A . n 
A 1 159 THR 159 159 159 THR THR A . n 
A 1 160 TYR 160 160 160 TYR TYR A . n 
A 1 161 GLY 161 161 161 GLY GLY A . n 
A 1 162 ILE 162 162 162 ILE ILE A . n 
A 1 163 ASP 163 163 163 ASP ASP A . n 
A 1 164 ALA 164 164 164 ALA ALA A . n 
A 1 165 ALA 165 165 165 ALA ALA A . n 
A 1 166 LEU 166 166 166 LEU LEU A . n 
A 1 167 LYS 167 167 167 LYS LYS A . n 
A 1 168 SER 168 168 168 SER SER A . n 
A 1 169 ALA 169 169 169 ALA ALA A . n 
A 1 170 ASP 170 170 170 ASP ASP A . n 
A 1 171 VAL 171 171 171 VAL VAL A . n 
A 1 172 GLN 172 172 172 GLN GLN A . n 
A 1 173 LEU 173 173 173 LEU LEU A . n 
A 1 174 ALA 174 174 174 ALA ALA A . n 
A 1 175 THR 175 175 175 THR THR A . n 
A 1 176 TYR 176 176 176 TYR TYR A . n 
A 1 177 VAL 177 177 177 VAL VAL A . n 
A 1 178 PRO 178 178 178 PRO PRO A . n 
A 1 179 PRO 179 179 179 PRO PRO A . n 
A 1 180 PRO 180 180 180 PRO PRO A . n 
A 1 181 SER 181 181 ?   ?   ?   A . n 
A 1 182 GLU 182 182 182 GLU GLU A . n 
A 1 183 THR 183 183 183 THR THR A . n 
A 1 184 ASN 184 184 184 ASN ASN A . n 
A 1 185 TYR 185 185 185 TYR TYR A . n 
A 1 186 SER 186 186 186 SER SER A . n 
A 1 187 ALA 187 187 187 ALA ALA A . n 
A 1 188 ALA 188 188 188 ALA ALA A . n 
A 1 189 PHE 189 189 189 PHE PHE A . n 
A 1 190 LEU 190 190 190 LEU LEU A . n 
A 1 191 THR 191 191 191 THR THR A . n 
A 1 192 GLY 192 192 192 GLY GLY A . n 
A 1 193 SER 193 193 193 SER SER A . n 
A 1 194 GLN 194 194 194 GLN GLN A . n 
A 1 195 ALA 195 195 195 ALA ALA A . n 
A 1 196 ALA 196 196 196 ALA ALA A . n 
A 1 197 CYS 197 197 197 CYS CYS A . n 
A 1 198 LYS 198 198 198 LYS LYS A . n 
A 1 199 ALA 199 199 199 ALA ALA A . n 
A 1 200 ALA 200 200 200 ALA ALA A . n 
A 1 201 CYS 201 201 201 CYS CYS A . n 
A 1 202 ASN 202 202 202 ASN ASN A . n 
A 1 203 ALA 203 203 203 ALA ALA A . n 
A 1 204 PHE 204 204 204 PHE PHE A . n 
A 1 205 THR 205 205 205 THR THR A . n 
A 1 206 ASP 206 206 206 ASP ASP A . n 
A 1 207 ALA 207 207 207 ALA ALA A . n 
A 1 208 VAL 208 208 208 VAL VAL A . n 
A 1 209 LEU 209 209 209 LEU LEU A . n 
A 1 210 GLU 210 210 210 GLU GLU A . n 
A 1 211 ILE 211 211 211 ILE ILE A . n 
A 1 212 ALA 212 212 212 ALA ALA A . n 
A 1 213 ARG 213 213 213 ARG ARG A . n 
A 1 214 ASN 214 214 214 ASN ASN A . n 
A 1 215 PRO 215 215 215 PRO PRO A . n 
A 1 216 ILE 216 216 216 ILE ILE A . n 
A 1 217 GLN 217 217 217 GLN GLN A . n 
A 1 218 ARG 218 218 ?   ?   ?   A . n 
A 1 219 ALA 219 219 ?   ?   ?   A . n 
A 1 220 LEU 220 220 ?   ?   ?   A . n 
A 1 221 GLU 221 221 ?   ?   ?   A . n 
A 1 222 HIS 222 222 ?   ?   ?   A . n 
A 1 223 HIS 223 223 ?   ?   ?   A . n 
A 1 224 HIS 224 224 ?   ?   ?   A . n 
A 1 225 HIS 225 225 ?   ?   ?   A . n 
A 1 226 HIS 226 226 ?   ?   ?   A . n 
A 1 227 HIS 227 227 ?   ?   ?   A . n 
# 
loop_
_pdbx_nonpoly_scheme.asym_id 
_pdbx_nonpoly_scheme.entity_id 
_pdbx_nonpoly_scheme.mon_id 
_pdbx_nonpoly_scheme.ndb_seq_num 
_pdbx_nonpoly_scheme.pdb_seq_num 
_pdbx_nonpoly_scheme.auth_seq_num 
_pdbx_nonpoly_scheme.pdb_mon_id 
_pdbx_nonpoly_scheme.auth_mon_id 
_pdbx_nonpoly_scheme.pdb_strand_id 
_pdbx_nonpoly_scheme.pdb_ins_code 
B 2 CL  1  228 1  CL  CL  A . 
C 3 HOH 1  229 2  HOH HOH A . 
C 3 HOH 2  230 3  HOH HOH A . 
C 3 HOH 3  231 4  HOH HOH A . 
C 3 HOH 4  232 5  HOH HOH A . 
C 3 HOH 5  233 6  HOH HOH A . 
C 3 HOH 6  234 7  HOH HOH A . 
C 3 HOH 7  235 8  HOH HOH A . 
C 3 HOH 8  236 9  HOH HOH A . 
C 3 HOH 9  237 10 HOH HOH A . 
C 3 HOH 10 238 11 HOH HOH A . 
C 3 HOH 11 239 12 HOH HOH A . 
C 3 HOH 12 240 13 HOH HOH A . 
C 3 HOH 13 241 15 HOH HOH A . 
C 3 HOH 14 242 16 HOH HOH A . 
C 3 HOH 15 243 17 HOH HOH A . 
C 3 HOH 16 244 18 HOH HOH A . 
C 3 HOH 17 245 19 HOH HOH A . 
C 3 HOH 18 246 20 HOH HOH A . 
C 3 HOH 19 247 21 HOH HOH A . 
C 3 HOH 20 248 22 HOH HOH A . 
C 3 HOH 21 249 23 HOH HOH A . 
C 3 HOH 22 250 24 HOH HOH A . 
C 3 HOH 23 251 25 HOH HOH A . 
C 3 HOH 24 252 26 HOH HOH A . 
C 3 HOH 25 253 27 HOH HOH A . 
C 3 HOH 26 254 28 HOH HOH A . 
C 3 HOH 27 255 29 HOH HOH A . 
C 3 HOH 28 256 30 HOH HOH A . 
C 3 HOH 29 257 31 HOH HOH A . 
C 3 HOH 30 258 32 HOH HOH A . 
C 3 HOH 31 259 33 HOH HOH A . 
C 3 HOH 32 260 34 HOH HOH A . 
C 3 HOH 33 261 35 HOH HOH A . 
C 3 HOH 34 262 36 HOH HOH A . 
C 3 HOH 35 263 37 HOH HOH A . 
C 3 HOH 36 264 38 HOH HOH A . 
C 3 HOH 37 265 39 HOH HOH A . 
C 3 HOH 38 266 40 HOH HOH A . 
C 3 HOH 39 267 41 HOH HOH A . 
C 3 HOH 40 268 42 HOH HOH A . 
C 3 HOH 41 269 43 HOH HOH A . 
C 3 HOH 42 270 44 HOH HOH A . 
C 3 HOH 43 271 45 HOH HOH A . 
C 3 HOH 44 272 46 HOH HOH A . 
C 3 HOH 45 273 47 HOH HOH A . 
C 3 HOH 46 274 48 HOH HOH A . 
C 3 HOH 47 275 49 HOH HOH A . 
C 3 HOH 48 276 50 HOH HOH A . 
C 3 HOH 49 277 51 HOH HOH A . 
C 3 HOH 50 278 52 HOH HOH A . 
C 3 HOH 51 279 53 HOH HOH A . 
# 
loop_
_software.pdbx_ordinal 
_software.name 
_software.version 
_software.date 
_software.type 
_software.contact_author 
_software.contact_author_email 
_software.classification 
_software.location 
_software.language 
_software.citation_id 
1 DENZO       .       ?               package 'Zbyszek Otwinowski' hkl@hkl-xray.com       'data reduction'  
http://www.hkl-xray.com/                     ?          ? 
2 SCALEPACK   .       ?               package 'Zbyszek Otwinowski' hkl@hkl-xray.com       'data scaling'    
http://www.hkl-xray.com/                     ?          ? 
3 MLPHARE     .       ?               other   'Eleanor J. Dodson'  ccp4@ccp4.ac.uk        phasing           
http://www.ccp4.ac.uk/dist/html/mlphare.html Fortran_77 ? 
4 DM          6.0     ?               program 'Kevin Cowtan'       kowtan@ysbl.york.ac.uk phasing           
http://www.ccp4.ac.uk/dist/html/dm.html      Fortran_77 ? 
5 REFMAC      .       ?               program 'Garib N. Murshudov' garib@ysbl.york.ac.uk  refinement        
http://www.ccp4.ac.uk/dist/html/refmac5.html Fortran_77 ? 
6 PDB_EXTRACT 3.005   'June 11, 2008' package PDB                  help@deposit.rcsb.org  'data extraction' 
http://sw-tools.pdb.org/apps/PDB_EXTRACT/    C++        ? 
7 ADSC        Quantum ?               ?       ?                    ?                      'data collection' ? ?          ? 
# 
_cell.length_a           67.799 
_cell.length_b           67.799 
_cell.length_c           80.520 
_cell.angle_alpha        90.000 
_cell.angle_beta         90.000 
_cell.angle_gamma        120.000 
_cell.entry_id           3I87 
_cell.pdbx_unique_axis   ? 
_cell.Z_PDB              6 
_cell.length_a_esd       ? 
_cell.length_b_esd       ? 
_cell.length_c_esd       ? 
_cell.angle_alpha_esd    ? 
_cell.angle_beta_esd     ? 
_cell.angle_gamma_esd    ? 
# 
_symmetry.space_group_name_H-M             'P 3 2 1' 
_symmetry.entry_id                         3I87 
_symmetry.Int_Tables_number                150 
_symmetry.pdbx_full_space_group_name_H-M   ? 
_symmetry.cell_setting                     ? 
_symmetry.space_group_name_Hall            ? 
# 
_exptl.crystals_number   1 
_exptl.entry_id          3I87 
_exptl.method            'X-RAY DIFFRACTION' 
# 
_exptl_crystal.id                    1 
_exptl_crystal.density_Matthews      2.24 
_exptl_crystal.density_meas          ? 
_exptl_crystal.density_percent_sol   45.03 
_exptl_crystal.description           ? 
_exptl_crystal.F_000                 ? 
_exptl_crystal.preparation           ? 
# 
_exptl_crystal_grow.crystal_id      1 
_exptl_crystal_grow.method          'VAPOR DIFFUSION, HANGING DROP' 
_exptl_crystal_grow.pH              6.0 
_exptl_crystal_grow.temp            298 
_exptl_crystal_grow.pdbx_details    
'0.1M sodium/potassium phosphate, 2.2M sodium chloride, pH 6.0, VAPOR DIFFUSION, HANGING DROP, temperature 298K' 
_exptl_crystal_grow.temp_details    ? 
_exptl_crystal_grow.pdbx_pH_range   ? 
# 
_diffrn.id                     1 
_diffrn.ambient_temp           100 
_diffrn.ambient_temp_details   ? 
_diffrn.crystal_id             1 
# 
_diffrn_detector.diffrn_id              1 
_diffrn_detector.detector               CCD 
_diffrn_detector.type                   'ADSC QUANTUM 315' 
_diffrn_detector.pdbx_collection_date   2009-03-29 
_diffrn_detector.details                ? 
# 
_diffrn_radiation.diffrn_id                        1 
_diffrn_radiation.pdbx_diffrn_protocol             'SINGLE WAVELENGTH' 
_diffrn_radiation.monochromator                    ? 
_diffrn_radiation.wavelength_id                    1 
_diffrn_radiation.pdbx_monochromatic_or_laue_m_l   M 
_diffrn_radiation.pdbx_scattering_type             x-ray 
# 
_diffrn_radiation_wavelength.id           1 
_diffrn_radiation_wavelength.wavelength   0.9792 
_diffrn_radiation_wavelength.wt           1.0 
# 
_diffrn_source.diffrn_id                   1 
_diffrn_source.source                      SYNCHROTRON 
_diffrn_source.type                        'APS BEAMLINE 24-ID-C' 
_diffrn_source.pdbx_wavelength_list        0.9792 
_diffrn_source.pdbx_wavelength             ? 
_diffrn_source.pdbx_synchrotron_site       APS 
_diffrn_source.pdbx_synchrotron_beamline   24-ID-C 
# 
_reflns.entry_id                     3I87 
_reflns.d_resolution_high            2.300 
_reflns.d_resolution_low             90.000 
_reflns.number_obs                   8975 
_reflns.pdbx_Rmerge_I_obs            0.131 
_reflns.pdbx_netI_over_sigmaI        7.500 
_reflns.pdbx_chi_squared             1.060 
_reflns.pdbx_redundancy              6.000 
_reflns.percent_possible_obs         90.900 
_reflns.observed_criterion_sigma_F   ? 
_reflns.observed_criterion_sigma_I   ? 
_reflns.number_all                   ? 
_reflns.pdbx_Rsym_value              ? 
_reflns.B_iso_Wilson_estimate        ? 
_reflns.R_free_details               ? 
_reflns.limit_h_max                  ? 
_reflns.limit_h_min                  ? 
_reflns.limit_k_max                  ? 
_reflns.limit_k_min                  ? 
_reflns.limit_l_max                  ? 
_reflns.limit_l_min                  ? 
_reflns.observed_criterion_F_max     ? 
_reflns.observed_criterion_F_min     ? 
_reflns.pdbx_scaling_rejects         ? 
_reflns.pdbx_ordinal                 1 
_reflns.pdbx_diffrn_id               1 
# 
loop_
_reflns_shell.d_res_high 
_reflns_shell.d_res_low 
_reflns_shell.number_measured_obs 
_reflns_shell.number_measured_all 
_reflns_shell.number_unique_obs 
_reflns_shell.Rmerge_I_obs 
_reflns_shell.meanI_over_sigI_obs 
_reflns_shell.pdbx_Rsym_value 
_reflns_shell.pdbx_chi_squared 
_reflns_shell.pdbx_redundancy 
_reflns_shell.percent_possible_obs 
_reflns_shell.number_unique_all 
_reflns_shell.percent_possible_all 
_reflns_shell.pdbx_ordinal 
_reflns_shell.pdbx_diffrn_id 
2.30 2.38  ? ? ? 0.493 ? ? 1.217 5.90 ? 912 93.60 1  1 
2.38 2.48  ? ? ? 0.398 ? ? 1.101 6.00 ? 890 93.20 2  1 
2.48 2.59  ? ? ? 0.351 ? ? 1.058 6.10 ? 903 92.50 3  1 
2.59 2.73  ? ? ? 0.248 ? ? 1.025 6.00 ? 907 92.80 4  1 
2.73 2.90  ? ? ? 0.189 ? ? 1.099 6.00 ? 895 92.10 5  1 
2.90 3.12  ? ? ? 0.140 ? ? 0.966 6.10 ? 882 91.30 6  1 
3.12 3.44  ? ? ? 0.104 ? ? 1.059 6.10 ? 893 90.80 7  1 
3.44 3.93  ? ? ? 0.090 ? ? 1.034 6.10 ? 891 90.20 8  1 
3.93 4.95  ? ? ? 0.076 ? ? 1.063 6.10 ? 895 88.40 9  1 
4.95 90.00 ? ? ? 0.048 ? ? 0.982 6.00 ? 907 84.70 10 1 
# 
_refine.entry_id                                 3I87 
_refine.ls_d_res_high                            2.300 
_refine.ls_d_res_low                             80.580 
_refine.pdbx_ls_sigma_F                          0.00 
_refine.pdbx_data_cutoff_high_absF               ? 
_refine.pdbx_data_cutoff_low_absF                ? 
_refine.ls_percent_reflns_obs                    90.680 
_refine.ls_number_reflns_obs                     8966 
_refine.ls_number_reflns_all                     ? 
_refine.pdbx_ls_cross_valid_method               THROUGHOUT 
_refine.pdbx_R_Free_selection_details            RANDOM 
_refine.details                                  'HYDROGENS HAVE BEEN ADDED IN THE RIDING POSITIONS; U VALUES: RESIDUAL ONLY' 
_refine.ls_R_factor_all                          ? 
_refine.ls_R_factor_obs                          0.190 
_refine.ls_R_factor_R_work                       0.188 
_refine.ls_wR_factor_R_work                      0.183 
_refine.ls_R_factor_R_free                       0.234 
_refine.ls_wR_factor_R_free                      0.231 
_refine.ls_percent_reflns_R_free                 4.900 
_refine.ls_number_reflns_R_free                  435 
_refine.ls_R_factor_R_free_error                 ? 
_refine.B_iso_mean                               20.198 
_refine.solvent_model_param_bsol                 ? 
_refine.solvent_model_param_ksol                 ? 
_refine.pdbx_isotropic_thermal_model             ? 
_refine.aniso_B[1][1]                            -1.980 
_refine.aniso_B[2][2]                            -1.980 
_refine.aniso_B[3][3]                            2.970 
_refine.aniso_B[1][2]                            -0.990 
_refine.aniso_B[1][3]                            0.000 
_refine.aniso_B[2][3]                            0.000 
_refine.correlation_coeff_Fo_to_Fc               0.942 
_refine.correlation_coeff_Fo_to_Fc_free          0.900 
_refine.overall_SU_R_Cruickshank_DPI             0.382 
_refine.overall_SU_R_free                        0.243 
_refine.pdbx_overall_ESU_R                       0.382 
_refine.pdbx_overall_ESU_R_Free                  0.243 
_refine.overall_SU_ML                            0.156 
_refine.overall_SU_B                             14.222 
_refine.solvent_model_details                    MASK 
_refine.pdbx_solvent_vdw_probe_radii             1.400 
_refine.pdbx_solvent_ion_probe_radii             0.800 
_refine.pdbx_solvent_shrinkage_radii             0.800 
_refine.ls_number_parameters                     ? 
_refine.ls_number_restraints                     ? 
_refine.pdbx_starting_model                      ? 
_refine.pdbx_method_to_determine_struct          SAD 
_refine.pdbx_stereochemistry_target_values       'MAXIMUM LIKELIHOOD' 
_refine.pdbx_stereochem_target_val_spec_case     ? 
_refine.overall_FOM_work_R_set                   0.843 
_refine.B_iso_max                                56.14 
_refine.B_iso_min                                2.00 
_refine.occupancy_max                            1.00 
_refine.occupancy_min                            0.40 
_refine.pdbx_ls_sigma_I                          ? 
_refine.ls_redundancy_reflns_obs                 ? 
_refine.ls_R_factor_R_free_error_details         ? 
_refine.pdbx_data_cutoff_high_rms_absF           ? 
_refine.overall_FOM_free_R_set                   ? 
_refine.pdbx_overall_phase_error                 ? 
_refine.pdbx_refine_id                           'X-RAY DIFFRACTION' 
_refine.pdbx_TLS_residual_ADP_flag               'LIKELY RESIDUAL' 
_refine.pdbx_diffrn_id                           1 
_refine.pdbx_overall_SU_R_free_Cruickshank_DPI   ? 
_refine.pdbx_overall_SU_R_Blow_DPI               ? 
_refine.pdbx_overall_SU_R_free_Blow_DPI          ? 
# 
_refine_hist.pdbx_refine_id                   'X-RAY DIFFRACTION' 
_refine_hist.cycle_id                         LAST 
_refine_hist.pdbx_number_atoms_protein        1517 
_refine_hist.pdbx_number_atoms_nucleic_acid   0 
_refine_hist.pdbx_number_atoms_ligand         1 
_refine_hist.number_atoms_solvent             51 
_refine_hist.number_atoms_total               1569 
_refine_hist.d_res_high                       2.300 
_refine_hist.d_res_low                        80.580 
# 
loop_
_refine_ls_restr.type 
_refine_ls_restr.number 
_refine_ls_restr.dev_ideal 
_refine_ls_restr.dev_ideal_target 
_refine_ls_restr.weight 
_refine_ls_restr.pdbx_refine_id 
_refine_ls_restr.pdbx_restraint_function 
r_bond_refined_d       1555 0.006  0.022  ? 'X-RAY DIFFRACTION' ? 
r_bond_other_d         992  0.001  0.020  ? 'X-RAY DIFFRACTION' ? 
r_angle_refined_deg    2128 0.873  1.967  ? 'X-RAY DIFFRACTION' ? 
r_angle_other_deg      2440 0.786  3.000  ? 'X-RAY DIFFRACTION' ? 
r_dihedral_angle_1_deg 208  4.964  5.000  ? 'X-RAY DIFFRACTION' ? 
r_dihedral_angle_2_deg 59   37.107 24.576 ? 'X-RAY DIFFRACTION' ? 
r_dihedral_angle_3_deg 224  14.952 15.000 ? 'X-RAY DIFFRACTION' ? 
r_dihedral_angle_4_deg 8    23.653 15.000 ? 'X-RAY DIFFRACTION' ? 
r_chiral_restr         255  0.053  0.200  ? 'X-RAY DIFFRACTION' ? 
r_gen_planes_refined   1760 0.003  0.021  ? 'X-RAY DIFFRACTION' ? 
r_gen_planes_other     287  0.001  0.020  ? 'X-RAY DIFFRACTION' ? 
r_mcbond_it            1047 1.048  2.000  ? 'X-RAY DIFFRACTION' ? 
r_mcbond_other         419  0.157  2.000  ? 'X-RAY DIFFRACTION' ? 
r_mcangle_it           1673 1.833  3.000  ? 'X-RAY DIFFRACTION' ? 
r_scbond_it            508  1.131  2.000  ? 'X-RAY DIFFRACTION' ? 
r_scangle_it           454  1.869  3.000  ? 'X-RAY DIFFRACTION' ? 
# 
_refine_ls_shell.d_res_high                       2.30 
_refine_ls_shell.d_res_low                        2.362 
_refine_ls_shell.pdbx_total_number_of_bins_used   20 
_refine_ls_shell.percent_reflns_obs               91.990 
_refine_ls_shell.number_reflns_R_work             618 
_refine_ls_shell.R_factor_all                     ? 
_refine_ls_shell.R_factor_R_work                  0.228 
_refine_ls_shell.R_factor_R_free                  0.314 
_refine_ls_shell.percent_reflns_R_free            ? 
_refine_ls_shell.number_reflns_R_free             37 
_refine_ls_shell.R_factor_R_free_error            ? 
_refine_ls_shell.number_reflns_all                655 
_refine_ls_shell.number_reflns_obs                ? 
_refine_ls_shell.redundancy_reflns_obs            ? 
_refine_ls_shell.pdbx_refine_id                   'X-RAY DIFFRACTION' 
# 
_struct.entry_id                  3I87 
_struct.title                     'Ethanolamine Utilization Microcompartment Shell Subunit, EutL Open Form' 
_struct.pdbx_model_details        ? 
_struct.pdbx_CASP_flag            ? 
_struct.pdbx_model_type_details   ? 
# 
_struct_keywords.entry_id        3I87 
_struct_keywords.text            'STRUCTURAL PROTEIN' 
_struct_keywords.pdbx_keywords   'STRUCTURAL PROTEIN' 
# 
loop_
_struct_asym.id 
_struct_asym.pdbx_blank_PDB_chainid_flag 
_struct_asym.pdbx_modified 
_struct_asym.entity_id 
_struct_asym.details 
A N N 1 ? 
B N N 2 ? 
C N N 3 ? 
# 
_struct_ref.id                         1 
_struct_ref.db_name                    UNP 
_struct_ref.db_code                    EUTL_ECOLI 
_struct_ref.pdbx_db_accession          P76541 
_struct_ref.entity_id                  1 
_struct_ref.pdbx_seq_one_letter_code   
;MPALDLIRPSVTAMRVIASVNADFARELKLPPHIRSLGLISADSDDVTYIAADEATKQAMVEVVYGRSLYAGAAHGPSPT
AGEVLIMLGGPNPAEVRAGLDAMIAHIENGAAFQWANDAQDTAFLAHVVSRTGSYLSSTAGITLGDPMAYLVAPPLEATY
GIDAALKSADVQLATYVPPPSETNYSAAFLTGSQAACKAACNAFTDAVLEIARNPIQRA
;
_struct_ref.pdbx_align_begin           1 
_struct_ref.pdbx_db_isoform            ? 
# 
_struct_ref_seq.align_id                      1 
_struct_ref_seq.ref_id                        1 
_struct_ref_seq.pdbx_PDB_id_code              3I87 
_struct_ref_seq.pdbx_strand_id                A 
_struct_ref_seq.seq_align_beg                 1 
_struct_ref_seq.pdbx_seq_align_beg_ins_code   ? 
_struct_ref_seq.seq_align_end                 219 
_struct_ref_seq.pdbx_seq_align_end_ins_code   ? 
_struct_ref_seq.pdbx_db_accession             P76541 
_struct_ref_seq.db_align_beg                  1 
_struct_ref_seq.pdbx_db_align_beg_ins_code    ? 
_struct_ref_seq.db_align_end                  219 
_struct_ref_seq.pdbx_db_align_end_ins_code    ? 
_struct_ref_seq.pdbx_auth_seq_align_beg       1 
_struct_ref_seq.pdbx_auth_seq_align_end       219 
# 
loop_
_struct_ref_seq_dif.align_id 
_struct_ref_seq_dif.pdbx_pdb_id_code 
_struct_ref_seq_dif.mon_id 
_struct_ref_seq_dif.pdbx_pdb_strand_id 
_struct_ref_seq_dif.seq_num 
_struct_ref_seq_dif.pdbx_pdb_ins_code 
_struct_ref_seq_dif.pdbx_seq_db_name 
_struct_ref_seq_dif.pdbx_seq_db_accession_code 
_struct_ref_seq_dif.db_mon_id 
_struct_ref_seq_dif.pdbx_seq_db_seq_num 
_struct_ref_seq_dif.details 
_struct_ref_seq_dif.pdbx_auth_seq_num 
_struct_ref_seq_dif.pdbx_ordinal 
1 3I87 LEU A 220 ? UNP P76541 ? ? 'expression tag' 220 1 
1 3I87 GLU A 221 ? UNP P76541 ? ? 'expression tag' 221 2 
1 3I87 HIS A 222 ? UNP P76541 ? ? 'expression tag' 222 3 
1 3I87 HIS A 223 ? UNP P76541 ? ? 'expression tag' 223 4 
1 3I87 HIS A 224 ? UNP P76541 ? ? 'expression tag' 224 5 
1 3I87 HIS A 225 ? UNP P76541 ? ? 'expression tag' 225 6 
1 3I87 HIS A 226 ? UNP P76541 ? ? 'expression tag' 226 7 
1 3I87 HIS A 227 ? UNP P76541 ? ? 'expression tag' 227 8 
# 
_pdbx_struct_assembly.id                   1 
_pdbx_struct_assembly.details              author_and_software_defined_assembly 
_pdbx_struct_assembly.method_details       PISA 
_pdbx_struct_assembly.oligomeric_details   trimeric 
_pdbx_struct_assembly.oligomeric_count     3 
# 
loop_
_pdbx_struct_assembly_prop.biol_id 
_pdbx_struct_assembly_prop.type 
_pdbx_struct_assembly_prop.value 
_pdbx_struct_assembly_prop.details 
1 'ABSA (A^2)' 6400  ? 
1 MORE         -40   ? 
1 'SSA (A^2)'  24820 ? 
# 
_pdbx_struct_assembly_gen.assembly_id       1 
_pdbx_struct_assembly_gen.oper_expression   1,2,3 
_pdbx_struct_assembly_gen.asym_id_list      A,B,C 
# 
loop_
_pdbx_struct_oper_list.id 
_pdbx_struct_oper_list.type 
_pdbx_struct_oper_list.name 
_pdbx_struct_oper_list.symmetry_operation 
_pdbx_struct_oper_list.matrix[1][1] 
_pdbx_struct_oper_list.matrix[1][2] 
_pdbx_struct_oper_list.matrix[1][3] 
_pdbx_struct_oper_list.vector[1] 
_pdbx_struct_oper_list.matrix[2][1] 
_pdbx_struct_oper_list.matrix[2][2] 
_pdbx_struct_oper_list.matrix[2][3] 
_pdbx_struct_oper_list.vector[2] 
_pdbx_struct_oper_list.matrix[3][1] 
_pdbx_struct_oper_list.matrix[3][2] 
_pdbx_struct_oper_list.matrix[3][3] 
_pdbx_struct_oper_list.vector[3] 
1 'identity operation'         1_555 x,y,z       1.0000000000  0.0000000000  0.0000000000  0.0000000000   0.0000000000  1.0000000000 0.0000000000 0.0000000000  0.0000000000  0.0000000000 1.0000000000 0.0000000000  
2 'crystal symmetry operation' 2_565 -y,x-y+1,z  -0.0807067385 0.9950312460  -0.0583030173 -26.1490784741 -0.0292780411 0.0561019808 0.9979956734 2.8145398957  0.9963077931  0.0822519740 0.0246047578 20.4797612608 
3 'crystal symmetry operation' 3_455 -x+y-1,-x,z -0.0807067385 -0.0292780411 0.9963077931  -22.4321483703 0.9950312460  0.0561019808 0.0822519740 24.1767480812 -0.0583030173 0.9979956734 0.0246047578 -4.8373683784 
# 
_struct_biol.id        1 
_struct_biol.details   ? 
# 
loop_
_struct_conf.conf_type_id 
_struct_conf.id 
_struct_conf.pdbx_PDB_helix_id 
_struct_conf.beg_label_comp_id 
_struct_conf.beg_label_asym_id 
_struct_conf.beg_label_seq_id 
_struct_conf.pdbx_beg_PDB_ins_code 
_struct_conf.end_label_comp_id 
_struct_conf.end_label_asym_id 
_struct_conf.end_label_seq_id 
_struct_conf.pdbx_end_PDB_ins_code 
_struct_conf.beg_auth_comp_id 
_struct_conf.beg_auth_asym_id 
_struct_conf.beg_auth_seq_id 
_struct_conf.end_auth_comp_id 
_struct_conf.end_auth_asym_id 
_struct_conf.end_auth_seq_id 
_struct_conf.pdbx_PDB_helix_class 
_struct_conf.details 
_struct_conf.pdbx_PDB_helix_length 
HELX_P HELX_P1 1 ASN A 21  ? LEU A 28  ? ASN A 21  LEU A 28  1 ? 8  
HELX_P HELX_P2 2 ASP A 45  ? ALA A 59  ? ASP A 45  ALA A 59  1 ? 15 
HELX_P HELX_P3 3 ASN A 92  ? GLY A 110 ? ASN A 92  GLY A 110 1 ? 19 
HELX_P HELX_P4 4 TYR A 135 ? THR A 139 ? TYR A 135 THR A 139 5 ? 5  
HELX_P HELX_P5 5 PRO A 154 ? ALA A 169 ? PRO A 154 ALA A 169 1 ? 16 
HELX_P HELX_P6 6 SER A 193 ? ASN A 214 ? SER A 193 ASN A 214 1 ? 22 
# 
_struct_conf_type.id          HELX_P 
_struct_conf_type.criteria    ? 
_struct_conf_type.reference   ? 
# 
_struct_mon_prot_cis.pdbx_id                1 
_struct_mon_prot_cis.label_comp_id          SER 
_struct_mon_prot_cis.label_seq_id           78 
_struct_mon_prot_cis.label_asym_id          A 
_struct_mon_prot_cis.label_alt_id           . 
_struct_mon_prot_cis.pdbx_PDB_ins_code      ? 
_struct_mon_prot_cis.auth_comp_id           SER 
_struct_mon_prot_cis.auth_seq_id            78 
_struct_mon_prot_cis.auth_asym_id           A 
_struct_mon_prot_cis.pdbx_label_comp_id_2   PRO 
_struct_mon_prot_cis.pdbx_label_seq_id_2    79 
_struct_mon_prot_cis.pdbx_label_asym_id_2   A 
_struct_mon_prot_cis.pdbx_PDB_ins_code_2    ? 
_struct_mon_prot_cis.pdbx_auth_comp_id_2    PRO 
_struct_mon_prot_cis.pdbx_auth_seq_id_2     79 
_struct_mon_prot_cis.pdbx_auth_asym_id_2    A 
_struct_mon_prot_cis.pdbx_PDB_model_num     1 
_struct_mon_prot_cis.pdbx_omega_angle       -4.43 
# 
loop_
_struct_sheet.id 
_struct_sheet.type 
_struct_sheet.number_strands 
_struct_sheet.details 
A ? 4 ? 
B ? 5 ? 
# 
loop_
_struct_sheet_order.sheet_id 
_struct_sheet_order.range_id_1 
_struct_sheet_order.range_id_2 
_struct_sheet_order.offset 
_struct_sheet_order.sense 
A 1 2 ? anti-parallel 
A 2 3 ? anti-parallel 
A 3 4 ? anti-parallel 
B 1 2 ? anti-parallel 
B 2 3 ? anti-parallel 
B 3 4 ? anti-parallel 
B 4 5 ? anti-parallel 
# 
loop_
_struct_sheet_range.sheet_id 
_struct_sheet_range.id 
_struct_sheet_range.beg_label_comp_id 
_struct_sheet_range.beg_label_asym_id 
_struct_sheet_range.beg_label_seq_id 
_struct_sheet_range.pdbx_beg_PDB_ins_code 
_struct_sheet_range.end_label_comp_id 
_struct_sheet_range.end_label_asym_id 
_struct_sheet_range.end_label_seq_id 
_struct_sheet_range.pdbx_end_PDB_ins_code 
_struct_sheet_range.beg_auth_comp_id 
_struct_sheet_range.beg_auth_asym_id 
_struct_sheet_range.beg_auth_seq_id 
_struct_sheet_range.end_auth_comp_id 
_struct_sheet_range.end_auth_asym_id 
_struct_sheet_range.end_auth_seq_id 
A 1 VAL A 11  ? ILE A 17  ? VAL A 11  ILE A 17  
A 2 SER A 36  ? ALA A 42  ? SER A 36  ALA A 42  
A 3 VAL A 84  ? GLY A 90  ? VAL A 84  GLY A 90  
A 4 GLU A 62  ? VAL A 63  ? GLU A 62  VAL A 63  
B 1 GLN A 114 ? TRP A 115 ? GLN A 114 TRP A 115 
B 2 ALA A 123 ? VAL A 129 ? ALA A 123 VAL A 129 
B 3 MET A 148 ? ALA A 153 ? MET A 148 ALA A 153 
B 4 SER A 186 ? THR A 191 ? SER A 186 THR A 191 
B 5 GLN A 172 ? THR A 175 ? GLN A 172 THR A 175 
# 
loop_
_pdbx_struct_sheet_hbond.sheet_id 
_pdbx_struct_sheet_hbond.range_id_1 
_pdbx_struct_sheet_hbond.range_id_2 
_pdbx_struct_sheet_hbond.range_1_label_atom_id 
_pdbx_struct_sheet_hbond.range_1_label_comp_id 
_pdbx_struct_sheet_hbond.range_1_label_asym_id 
_pdbx_struct_sheet_hbond.range_1_label_seq_id 
_pdbx_struct_sheet_hbond.range_1_PDB_ins_code 
_pdbx_struct_sheet_hbond.range_1_auth_atom_id 
_pdbx_struct_sheet_hbond.range_1_auth_comp_id 
_pdbx_struct_sheet_hbond.range_1_auth_asym_id 
_pdbx_struct_sheet_hbond.range_1_auth_seq_id 
_pdbx_struct_sheet_hbond.range_2_label_atom_id 
_pdbx_struct_sheet_hbond.range_2_label_comp_id 
_pdbx_struct_sheet_hbond.range_2_label_asym_id 
_pdbx_struct_sheet_hbond.range_2_label_seq_id 
_pdbx_struct_sheet_hbond.range_2_PDB_ins_code 
_pdbx_struct_sheet_hbond.range_2_auth_atom_id 
_pdbx_struct_sheet_hbond.range_2_auth_comp_id 
_pdbx_struct_sheet_hbond.range_2_auth_asym_id 
_pdbx_struct_sheet_hbond.range_2_auth_seq_id 
A 1 2 N ARG A 15  ? N ARG A 15  O LEU A 39  ? O LEU A 39  
A 2 3 N GLY A 38  ? N GLY A 38  O LEU A 88  ? O LEU A 88  
A 3 4 O GLY A 89  ? O GLY A 89  N GLU A 62  ? N GLU A 62  
B 1 2 N GLN A 114 ? N GLN A 114 O PHE A 124 ? O PHE A 124 
B 2 3 N HIS A 127 ? N HIS A 127 O TYR A 150 ? O TYR A 150 
B 3 4 N ALA A 153 ? N ALA A 153 O SER A 186 ? O SER A 186 
B 4 5 O THR A 191 ? O THR A 191 N GLN A 172 ? N GLN A 172 
# 
_struct_site.id                   AC1 
_struct_site.pdbx_evidence_code   Software 
_struct_site.pdbx_auth_asym_id    A 
_struct_site.pdbx_auth_comp_id    CL 
_struct_site.pdbx_auth_seq_id     228 
_struct_site.pdbx_auth_ins_code   ? 
_struct_site.pdbx_num_residues    2 
_struct_site.details              'BINDING SITE FOR RESIDUE CL A 228' 
# 
loop_
_struct_site_gen.id 
_struct_site_gen.site_id 
_struct_site_gen.pdbx_num_res 
_struct_site_gen.label_comp_id 
_struct_site_gen.label_asym_id 
_struct_site_gen.label_seq_id 
_struct_site_gen.pdbx_auth_ins_code 
_struct_site_gen.auth_comp_id 
_struct_site_gen.auth_asym_id 
_struct_site_gen.auth_seq_id 
_struct_site_gen.label_atom_id 
_struct_site_gen.label_alt_id 
_struct_site_gen.symmetry 
_struct_site_gen.details 
1 AC1 2 VAL A 63  ? VAL A 63  . ? 1_555 ? 
2 AC1 2 SER A 134 ? SER A 134 . ? 1_555 ? 
# 
loop_
_pdbx_validate_torsion.id 
_pdbx_validate_torsion.PDB_model_num 
_pdbx_validate_torsion.auth_comp_id 
_pdbx_validate_torsion.auth_asym_id 
_pdbx_validate_torsion.auth_seq_id 
_pdbx_validate_torsion.PDB_ins_code 
_pdbx_validate_torsion.label_alt_id 
_pdbx_validate_torsion.phi 
_pdbx_validate_torsion.psi 
1 1 ASP A 45  ? ? -81.50  -71.30 
2 1 ASN A 109 ? ? -147.06 29.60  
# 
_pdbx_struct_special_symmetry.id              1 
_pdbx_struct_special_symmetry.PDB_model_num   1 
_pdbx_struct_special_symmetry.auth_asym_id    A 
_pdbx_struct_special_symmetry.auth_comp_id    HOH 
_pdbx_struct_special_symmetry.auth_seq_id     261 
_pdbx_struct_special_symmetry.PDB_ins_code    ? 
_pdbx_struct_special_symmetry.label_asym_id   C 
_pdbx_struct_special_symmetry.label_comp_id   HOH 
_pdbx_struct_special_symmetry.label_seq_id    . 
# 
_diffrn_reflns.diffrn_id                   1 
_diffrn_reflns.pdbx_d_res_high             2.500 
_diffrn_reflns.pdbx_d_res_low              90.000 
_diffrn_reflns.pdbx_number_obs             14100 
_diffrn_reflns.pdbx_Rmerge_I_obs           0.119 
_diffrn_reflns.pdbx_Rsym_value             ? 
_diffrn_reflns.pdbx_chi_squared            1.07 
_diffrn_reflns.av_sigmaI_over_netI         14.11 
_diffrn_reflns.pdbx_redundancy             6.30 
_diffrn_reflns.pdbx_percent_possible_obs   100.00 
_diffrn_reflns.number                      88176 
_diffrn_reflns.pdbx_observed_criterion     ? 
_diffrn_reflns.limit_h_max                 ? 
_diffrn_reflns.limit_h_min                 ? 
_diffrn_reflns.limit_k_max                 ? 
_diffrn_reflns.limit_k_min                 ? 
_diffrn_reflns.limit_l_max                 ? 
_diffrn_reflns.limit_l_min                 ? 
# 
loop_
_pdbx_diffrn_reflns_shell.diffrn_id 
_pdbx_diffrn_reflns_shell.d_res_high 
_pdbx_diffrn_reflns_shell.d_res_low 
_pdbx_diffrn_reflns_shell.number_obs 
_pdbx_diffrn_reflns_shell.rejects 
_pdbx_diffrn_reflns_shell.Rmerge_I_obs 
_pdbx_diffrn_reflns_shell.Rsym_value 
_pdbx_diffrn_reflns_shell.chi_squared 
_pdbx_diffrn_reflns_shell.redundancy 
_pdbx_diffrn_reflns_shell.percent_possible_obs 
1 5.39 90.00 ? ? 0.064 ? 1.054 6.40 99.60  
1 4.27 5.39  ? ? 0.061 ? 1.058 6.10 100.00 
1 3.73 4.27  ? ? 0.081 ? 0.973 6.20 100.00 
1 3.39 3.73  ? ? 0.113 ? 1.109 6.30 100.00 
1 3.15 3.39  ? ? 0.146 ? 1.114 6.20 100.00 
1 2.96 3.15  ? ? 0.190 ? 1.057 6.30 100.00 
1 2.82 2.96  ? ? 0.248 ? 1.071 6.30 100.00 
1 2.69 2.82  ? ? 0.326 ? 1.092 6.30 100.00 
1 2.59 2.69  ? ? 0.394 ? 1.067 6.30 100.00 
1 2.50 2.59  ? ? 0.471 ? 1.073 6.20 100.00 
# 
_pdbx_refine_tls.pdbx_refine_id   'X-RAY DIFFRACTION' 
_pdbx_refine_tls.id               1 
_pdbx_refine_tls.details          ? 
_pdbx_refine_tls.method           refined 
_pdbx_refine_tls.origin_x         -0.2588 
_pdbx_refine_tls.origin_y         0.0846 
_pdbx_refine_tls.origin_z         -0.2370 
_pdbx_refine_tls.T[1][1]          0.0176 
_pdbx_refine_tls.T[2][2]          0.0262 
_pdbx_refine_tls.T[3][3]          0.0160 
_pdbx_refine_tls.T[1][2]          0.0090 
_pdbx_refine_tls.T[1][3]          0.0086 
_pdbx_refine_tls.T[2][3]          -0.0081 
_pdbx_refine_tls.L[1][1]          0.3763 
_pdbx_refine_tls.L[2][2]          1.7328 
_pdbx_refine_tls.L[3][3]          1.1412 
_pdbx_refine_tls.L[1][2]          0.3443 
_pdbx_refine_tls.L[1][3]          -0.2732 
_pdbx_refine_tls.L[2][3]          -1.1284 
_pdbx_refine_tls.S[1][1]          -0.0270 
_pdbx_refine_tls.S[2][2]          -0.0107 
_pdbx_refine_tls.S[3][3]          0.0378 
_pdbx_refine_tls.S[1][2]          0.0079 
_pdbx_refine_tls.S[1][3]          0.0051 
_pdbx_refine_tls.S[2][3]          0.0192 
_pdbx_refine_tls.S[2][1]          -0.0065 
_pdbx_refine_tls.S[3][1]          0.0466 
_pdbx_refine_tls.S[3][2]          -0.0303 
# 
_pdbx_refine_tls_group.pdbx_refine_id      'X-RAY DIFFRACTION' 
_pdbx_refine_tls_group.id                  1 
_pdbx_refine_tls_group.refine_tls_id       1 
_pdbx_refine_tls_group.beg_auth_asym_id    A 
_pdbx_refine_tls_group.beg_auth_seq_id     2 
_pdbx_refine_tls_group.end_auth_asym_id    A 
_pdbx_refine_tls_group.end_auth_seq_id     217 
_pdbx_refine_tls_group.selection_details   ? 
_pdbx_refine_tls_group.beg_label_asym_id   . 
_pdbx_refine_tls_group.beg_label_seq_id    . 
_pdbx_refine_tls_group.end_label_asym_id   . 
_pdbx_refine_tls_group.end_label_seq_id    . 
_pdbx_refine_tls_group.selection           ? 
# 
loop_
_pdbx_phasing_MAD_set.id 
_pdbx_phasing_MAD_set.d_res_high 
_pdbx_phasing_MAD_set.d_res_low 
_pdbx_phasing_MAD_set.reflns_acentric 
_pdbx_phasing_MAD_set.loc_acentric 
_pdbx_phasing_MAD_set.power_acentric 
_pdbx_phasing_MAD_set.R_cullis_acentric 
_pdbx_phasing_MAD_set.reflns_centric 
_pdbx_phasing_MAD_set.loc_centric 
_pdbx_phasing_MAD_set.power_centric 
_pdbx_phasing_MAD_set.R_cullis_centric 
1 2.50 19.97 6455 0.000  0.000 1.920 1153 0.000  0.000 1.000 
2 2.50 19.97 6332 13.100 0.470 0.970 1144 19.100 0.350 0.930 
# 
loop_
_pdbx_phasing_MAD_set_shell.id 
_pdbx_phasing_MAD_set_shell.d_res_high 
_pdbx_phasing_MAD_set_shell.d_res_low 
_pdbx_phasing_MAD_set_shell.reflns_acentric 
_pdbx_phasing_MAD_set_shell.loc_acentric 
_pdbx_phasing_MAD_set_shell.power_acentric 
_pdbx_phasing_MAD_set_shell.R_cullis_acentric 
_pdbx_phasing_MAD_set_shell.reflns_centric 
_pdbx_phasing_MAD_set_shell.loc_centric 
_pdbx_phasing_MAD_set_shell.power_centric 
_pdbx_phasing_MAD_set_shell.R_cullis_centric 
1 10.66 19.97 55   0.000  0.000 1.330 49  0.000  0.000 1.000 
1 7.27  10.66 160  0.100  0.000 1.320 72  0.000  0.000 1.000 
1 5.52  7.27  324  0.100  0.000 2.240 99  0.000  0.000 1.000 
1 4.45  5.52  529  0.000  0.000 1.360 132 0.000  0.000 1.000 
1 3.72  4.45  808  0.000  0.000 1.310 160 0.000  0.000 1.000 
1 3.20  3.72  1127 0.000  0.000 1.780 188 0.000  0.000 1.000 
1 2.81  3.20  1518 0.000  0.000 2.880 212 0.000  0.000 1.000 
1 2.50  2.81  1934 0.000  0.000 7.010 241 0.000  0.000 1.000 
2 10.66 19.97 55   16.300 0.970 0.950 49  22.500 0.860 0.820 
2 7.27  10.66 160  15.000 0.990 0.930 72  22.500 0.690 0.850 
2 5.52  7.27  324  13.300 0.980 0.850 99  17.700 0.670 0.830 
2 4.45  5.52  528  14.300 0.730 0.930 132 19.300 0.450 0.890 
2 3.72  4.45  807  16.400 0.510 0.970 160 22.100 0.290 0.960 
2 3.20  3.72  1124 13.900 0.440 0.970 188 20.600 0.240 0.970 
2 2.81  3.20  1508 12.200 0.370 0.980 211 18.600 0.200 0.980 
2 2.50  2.81  1826 11.400 0.270 0.990 233 14.800 0.180 0.990 
# 
loop_
_pdbx_phasing_MAD_set_site.id 
_pdbx_phasing_MAD_set_site.atom_type_symbol 
_pdbx_phasing_MAD_set_site.fract_x 
_pdbx_phasing_MAD_set_site.fract_y 
_pdbx_phasing_MAD_set_site.fract_z 
_pdbx_phasing_MAD_set_site.b_iso 
_pdbx_phasing_MAD_set_site.occupancy 
1 Hg 0.596 0.151 0.290 43.628 0.000 
2 Hg 0.595 0.151 0.290 45.058 0.107 
# 
loop_
_pdbx_phasing_MAD_shell.d_res_high 
_pdbx_phasing_MAD_shell.d_res_low 
_pdbx_phasing_MAD_shell.reflns 
_pdbx_phasing_MAD_shell.fom 
_pdbx_phasing_MAD_shell.reflns_centric 
_pdbx_phasing_MAD_shell.fom_centric 
_pdbx_phasing_MAD_shell.reflns_acentric 
_pdbx_phasing_MAD_shell.fom_acentric 
10.66 19.97 104  0.578 49  0.528 55   0.622 
7.27  10.66 232  0.535 72  0.432 160  0.582 
5.52  7.27  423  0.554 99  0.426 324  0.593 
4.45  5.52  661  0.452 132 0.318 529  0.486 
3.72  4.45  968  0.336 160 0.200 808  0.363 
3.20  3.72  1315 0.266 188 0.186 1127 0.280 
2.81  3.20  1730 0.189 212 0.132 1518 0.197 
2.50  2.81  2175 0.114 241 0.075 1934 0.119 
# 
_pdbx_phasing_dm.entry_id   3I87 
_pdbx_phasing_dm.method     'Solvent flattening  and Histogram matching' 
_pdbx_phasing_dm.reflns     7608 
# 
loop_
_pdbx_phasing_dm_shell.d_res_high 
_pdbx_phasing_dm_shell.d_res_low 
_pdbx_phasing_dm_shell.delta_phi_final 
_pdbx_phasing_dm_shell.delta_phi_initial 
_pdbx_phasing_dm_shell.fom_acentric 
_pdbx_phasing_dm_shell.fom_centric 
_pdbx_phasing_dm_shell.fom 
_pdbx_phasing_dm_shell.reflns_acentric 
_pdbx_phasing_dm_shell.reflns_centric 
_pdbx_phasing_dm_shell.reflns 
6.370 100.000 56.400 ? ? ? 0.738 ? ? 503 
5.010 6.370   56.700 ? ? ? 0.786 ? ? 502 
4.350 5.010   53.200 ? ? ? 0.777 ? ? 506 
3.950 4.350   60.400 ? ? ? 0.711 ? ? 504 
3.660 3.950   61.200 ? ? ? 0.689 ? ? 501 
3.430 3.660   73.400 ? ? ? 0.501 ? ? 520 
3.250 3.430   75.400 ? ? ? 0.522 ? ? 511 
3.110 3.250   71.100 ? ? ? 0.471 ? ? 504 
2.980 3.110   77.300 ? ? ? 0.545 ? ? 508 
2.880 2.980   77.700 ? ? ? 0.460 ? ? 506 
2.780 2.880   80.600 ? ? ? 0.539 ? ? 503 
2.700 2.780   78.400 ? ? ? 0.380 ? ? 506 
2.630 2.700   80.200 ? ? ? 0.447 ? ? 502 
2.570 2.630   83.100 ? ? ? 0.373 ? ? 504 
2.500 2.570   79.800 ? ? ? 0.393 ? ? 528 
# 
_phasing.method   SAD 
# 
_phasing_MAD.entry_id               3I87 
_phasing_MAD.pdbx_d_res_high        2.50 
_phasing_MAD.pdbx_d_res_low         19.97 
_phasing_MAD.pdbx_reflns            7608 
_phasing_MAD.pdbx_fom               0.259 
_phasing_MAD.pdbx_reflns_centric    1153 
_phasing_MAD.pdbx_fom_centric       0.220 
_phasing_MAD.pdbx_reflns_acentric   6455 
_phasing_MAD.pdbx_fom_acentric      0.266 
# 
loop_
_pdbx_unobs_or_zero_occ_residues.id 
_pdbx_unobs_or_zero_occ_residues.PDB_model_num 
_pdbx_unobs_or_zero_occ_residues.polymer_flag 
_pdbx_unobs_or_zero_occ_residues.occupancy_flag 
_pdbx_unobs_or_zero_occ_residues.auth_asym_id 
_pdbx_unobs_or_zero_occ_residues.auth_comp_id 
_pdbx_unobs_or_zero_occ_residues.auth_seq_id 
_pdbx_unobs_or_zero_occ_residues.PDB_ins_code 
_pdbx_unobs_or_zero_occ_residues.label_asym_id 
_pdbx_unobs_or_zero_occ_residues.label_comp_id 
_pdbx_unobs_or_zero_occ_residues.label_seq_id 
1  1 Y 1 A MET 1   ? A MET 1   
2  1 Y 1 A TYR 65  ? A TYR 65  
3  1 Y 1 A GLY 66  ? A GLY 66  
4  1 Y 1 A ARG 67  ? A ARG 67  
5  1 Y 1 A SER 68  ? A SER 68  
6  1 Y 1 A LEU 69  ? A LEU 69  
7  1 Y 1 A TYR 70  ? A TYR 70  
8  1 Y 1 A SER 181 ? A SER 181 
9  1 Y 1 A ARG 218 ? A ARG 218 
10 1 Y 1 A ALA 219 ? A ALA 219 
11 1 Y 1 A LEU 220 ? A LEU 220 
12 1 Y 1 A GLU 221 ? A GLU 221 
13 1 Y 1 A HIS 222 ? A HIS 222 
14 1 Y 1 A HIS 223 ? A HIS 223 
15 1 Y 1 A HIS 224 ? A HIS 224 
16 1 Y 1 A HIS 225 ? A HIS 225 
17 1 Y 1 A HIS 226 ? A HIS 226 
18 1 Y 1 A HIS 227 ? A HIS 227 
# 
loop_
_chem_comp_atom.comp_id 
_chem_comp_atom.atom_id 
_chem_comp_atom.type_symbol 
_chem_comp_atom.pdbx_aromatic_flag 
_chem_comp_atom.pdbx_stereo_config 
_chem_comp_atom.pdbx_ordinal 
ALA N    N  N N 1   
ALA CA   C  N S 2   
ALA C    C  N N 3   
ALA O    O  N N 4   
ALA CB   C  N N 5   
ALA OXT  O  N N 6   
ALA H    H  N N 7   
ALA H2   H  N N 8   
ALA HA   H  N N 9   
ALA HB1  H  N N 10  
ALA HB2  H  N N 11  
ALA HB3  H  N N 12  
ALA HXT  H  N N 13  
ARG N    N  N N 14  
ARG CA   C  N S 15  
ARG C    C  N N 16  
ARG O    O  N N 17  
ARG CB   C  N N 18  
ARG CG   C  N N 19  
ARG CD   C  N N 20  
ARG NE   N  N N 21  
ARG CZ   C  N N 22  
ARG NH1  N  N N 23  
ARG NH2  N  N N 24  
ARG OXT  O  N N 25  
ARG H    H  N N 26  
ARG H2   H  N N 27  
ARG HA   H  N N 28  
ARG HB2  H  N N 29  
ARG HB3  H  N N 30  
ARG HG2  H  N N 31  
ARG HG3  H  N N 32  
ARG HD2  H  N N 33  
ARG HD3  H  N N 34  
ARG HE   H  N N 35  
ARG HH11 H  N N 36  
ARG HH12 H  N N 37  
ARG HH21 H  N N 38  
ARG HH22 H  N N 39  
ARG HXT  H  N N 40  
ASN N    N  N N 41  
ASN CA   C  N S 42  
ASN C    C  N N 43  
ASN O    O  N N 44  
ASN CB   C  N N 45  
ASN CG   C  N N 46  
ASN OD1  O  N N 47  
ASN ND2  N  N N 48  
ASN OXT  O  N N 49  
ASN H    H  N N 50  
ASN H2   H  N N 51  
ASN HA   H  N N 52  
ASN HB2  H  N N 53  
ASN HB3  H  N N 54  
ASN HD21 H  N N 55  
ASN HD22 H  N N 56  
ASN HXT  H  N N 57  
ASP N    N  N N 58  
ASP CA   C  N S 59  
ASP C    C  N N 60  
ASP O    O  N N 61  
ASP CB   C  N N 62  
ASP CG   C  N N 63  
ASP OD1  O  N N 64  
ASP OD2  O  N N 65  
ASP OXT  O  N N 66  
ASP H    H  N N 67  
ASP H2   H  N N 68  
ASP HA   H  N N 69  
ASP HB2  H  N N 70  
ASP HB3  H  N N 71  
ASP HD2  H  N N 72  
ASP HXT  H  N N 73  
CL  CL   CL N N 74  
CYS N    N  N N 75  
CYS CA   C  N R 76  
CYS C    C  N N 77  
CYS O    O  N N 78  
CYS CB   C  N N 79  
CYS SG   S  N N 80  
CYS OXT  O  N N 81  
CYS H    H  N N 82  
CYS H2   H  N N 83  
CYS HA   H  N N 84  
CYS HB2  H  N N 85  
CYS HB3  H  N N 86  
CYS HG   H  N N 87  
CYS HXT  H  N N 88  
GLN N    N  N N 89  
GLN CA   C  N S 90  
GLN C    C  N N 91  
GLN O    O  N N 92  
GLN CB   C  N N 93  
GLN CG   C  N N 94  
GLN CD   C  N N 95  
GLN OE1  O  N N 96  
GLN NE2  N  N N 97  
GLN OXT  O  N N 98  
GLN H    H  N N 99  
GLN H2   H  N N 100 
GLN HA   H  N N 101 
GLN HB2  H  N N 102 
GLN HB3  H  N N 103 
GLN HG2  H  N N 104 
GLN HG3  H  N N 105 
GLN HE21 H  N N 106 
GLN HE22 H  N N 107 
GLN HXT  H  N N 108 
GLU N    N  N N 109 
GLU CA   C  N S 110 
GLU C    C  N N 111 
GLU O    O  N N 112 
GLU CB   C  N N 113 
GLU CG   C  N N 114 
GLU CD   C  N N 115 
GLU OE1  O  N N 116 
GLU OE2  O  N N 117 
GLU OXT  O  N N 118 
GLU H    H  N N 119 
GLU H2   H  N N 120 
GLU HA   H  N N 121 
GLU HB2  H  N N 122 
GLU HB3  H  N N 123 
GLU HG2  H  N N 124 
GLU HG3  H  N N 125 
GLU HE2  H  N N 126 
GLU HXT  H  N N 127 
GLY N    N  N N 128 
GLY CA   C  N N 129 
GLY C    C  N N 130 
GLY O    O  N N 131 
GLY OXT  O  N N 132 
GLY H    H  N N 133 
GLY H2   H  N N 134 
GLY HA2  H  N N 135 
GLY HA3  H  N N 136 
GLY HXT  H  N N 137 
HIS N    N  N N 138 
HIS CA   C  N S 139 
HIS C    C  N N 140 
HIS O    O  N N 141 
HIS CB   C  N N 142 
HIS CG   C  Y N 143 
HIS ND1  N  Y N 144 
HIS CD2  C  Y N 145 
HIS CE1  C  Y N 146 
HIS NE2  N  Y N 147 
HIS OXT  O  N N 148 
HIS H    H  N N 149 
HIS H2   H  N N 150 
HIS HA   H  N N 151 
HIS HB2  H  N N 152 
HIS HB3  H  N N 153 
HIS HD1  H  N N 154 
HIS HD2  H  N N 155 
HIS HE1  H  N N 156 
HIS HE2  H  N N 157 
HIS HXT  H  N N 158 
HOH O    O  N N 159 
HOH H1   H  N N 160 
HOH H2   H  N N 161 
ILE N    N  N N 162 
ILE CA   C  N S 163 
ILE C    C  N N 164 
ILE O    O  N N 165 
ILE CB   C  N S 166 
ILE CG1  C  N N 167 
ILE CG2  C  N N 168 
ILE CD1  C  N N 169 
ILE OXT  O  N N 170 
ILE H    H  N N 171 
ILE H2   H  N N 172 
ILE HA   H  N N 173 
ILE HB   H  N N 174 
ILE HG12 H  N N 175 
ILE HG13 H  N N 176 
ILE HG21 H  N N 177 
ILE HG22 H  N N 178 
ILE HG23 H  N N 179 
ILE HD11 H  N N 180 
ILE HD12 H  N N 181 
ILE HD13 H  N N 182 
ILE HXT  H  N N 183 
LEU N    N  N N 184 
LEU CA   C  N S 185 
LEU C    C  N N 186 
LEU O    O  N N 187 
LEU CB   C  N N 188 
LEU CG   C  N N 189 
LEU CD1  C  N N 190 
LEU CD2  C  N N 191 
LEU OXT  O  N N 192 
LEU H    H  N N 193 
LEU H2   H  N N 194 
LEU HA   H  N N 195 
LEU HB2  H  N N 196 
LEU HB3  H  N N 197 
LEU HG   H  N N 198 
LEU HD11 H  N N 199 
LEU HD12 H  N N 200 
LEU HD13 H  N N 201 
LEU HD21 H  N N 202 
LEU HD22 H  N N 203 
LEU HD23 H  N N 204 
LEU HXT  H  N N 205 
LYS N    N  N N 206 
LYS CA   C  N S 207 
LYS C    C  N N 208 
LYS O    O  N N 209 
LYS CB   C  N N 210 
LYS CG   C  N N 211 
LYS CD   C  N N 212 
LYS CE   C  N N 213 
LYS NZ   N  N N 214 
LYS OXT  O  N N 215 
LYS H    H  N N 216 
LYS H2   H  N N 217 
LYS HA   H  N N 218 
LYS HB2  H  N N 219 
LYS HB3  H  N N 220 
LYS HG2  H  N N 221 
LYS HG3  H  N N 222 
LYS HD2  H  N N 223 
LYS HD3  H  N N 224 
LYS HE2  H  N N 225 
LYS HE3  H  N N 226 
LYS HZ1  H  N N 227 
LYS HZ2  H  N N 228 
LYS HZ3  H  N N 229 
LYS HXT  H  N N 230 
MET N    N  N N 231 
MET CA   C  N S 232 
MET C    C  N N 233 
MET O    O  N N 234 
MET CB   C  N N 235 
MET CG   C  N N 236 
MET SD   S  N N 237 
MET CE   C  N N 238 
MET OXT  O  N N 239 
MET H    H  N N 240 
MET H2   H  N N 241 
MET HA   H  N N 242 
MET HB2  H  N N 243 
MET HB3  H  N N 244 
MET HG2  H  N N 245 
MET HG3  H  N N 246 
MET HE1  H  N N 247 
MET HE2  H  N N 248 
MET HE3  H  N N 249 
MET HXT  H  N N 250 
PHE N    N  N N 251 
PHE CA   C  N S 252 
PHE C    C  N N 253 
PHE O    O  N N 254 
PHE CB   C  N N 255 
PHE CG   C  Y N 256 
PHE CD1  C  Y N 257 
PHE CD2  C  Y N 258 
PHE CE1  C  Y N 259 
PHE CE2  C  Y N 260 
PHE CZ   C  Y N 261 
PHE OXT  O  N N 262 
PHE H    H  N N 263 
PHE H2   H  N N 264 
PHE HA   H  N N 265 
PHE HB2  H  N N 266 
PHE HB3  H  N N 267 
PHE HD1  H  N N 268 
PHE HD2  H  N N 269 
PHE HE1  H  N N 270 
PHE HE2  H  N N 271 
PHE HZ   H  N N 272 
PHE HXT  H  N N 273 
PRO N    N  N N 274 
PRO CA   C  N S 275 
PRO C    C  N N 276 
PRO O    O  N N 277 
PRO CB   C  N N 278 
PRO CG   C  N N 279 
PRO CD   C  N N 280 
PRO OXT  O  N N 281 
PRO H    H  N N 282 
PRO HA   H  N N 283 
PRO HB2  H  N N 284 
PRO HB3  H  N N 285 
PRO HG2  H  N N 286 
PRO HG3  H  N N 287 
PRO HD2  H  N N 288 
PRO HD3  H  N N 289 
PRO HXT  H  N N 290 
SER N    N  N N 291 
SER CA   C  N S 292 
SER C    C  N N 293 
SER O    O  N N 294 
SER CB   C  N N 295 
SER OG   O  N N 296 
SER OXT  O  N N 297 
SER H    H  N N 298 
SER H2   H  N N 299 
SER HA   H  N N 300 
SER HB2  H  N N 301 
SER HB3  H  N N 302 
SER HG   H  N N 303 
SER HXT  H  N N 304 
THR N    N  N N 305 
THR CA   C  N S 306 
THR C    C  N N 307 
THR O    O  N N 308 
THR CB   C  N R 309 
THR OG1  O  N N 310 
THR CG2  C  N N 311 
THR OXT  O  N N 312 
THR H    H  N N 313 
THR H2   H  N N 314 
THR HA   H  N N 315 
THR HB   H  N N 316 
THR HG1  H  N N 317 
THR HG21 H  N N 318 
THR HG22 H  N N 319 
THR HG23 H  N N 320 
THR HXT  H  N N 321 
TRP N    N  N N 322 
TRP CA   C  N S 323 
TRP C    C  N N 324 
TRP O    O  N N 325 
TRP CB   C  N N 326 
TRP CG   C  Y N 327 
TRP CD1  C  Y N 328 
TRP CD2  C  Y N 329 
TRP NE1  N  Y N 330 
TRP CE2  C  Y N 331 
TRP CE3  C  Y N 332 
TRP CZ2  C  Y N 333 
TRP CZ3  C  Y N 334 
TRP CH2  C  Y N 335 
TRP OXT  O  N N 336 
TRP H    H  N N 337 
TRP H2   H  N N 338 
TRP HA   H  N N 339 
TRP HB2  H  N N 340 
TRP HB3  H  N N 341 
TRP HD1  H  N N 342 
TRP HE1  H  N N 343 
TRP HE3  H  N N 344 
TRP HZ2  H  N N 345 
TRP HZ3  H  N N 346 
TRP HH2  H  N N 347 
TRP HXT  H  N N 348 
TYR N    N  N N 349 
TYR CA   C  N S 350 
TYR C    C  N N 351 
TYR O    O  N N 352 
TYR CB   C  N N 353 
TYR CG   C  Y N 354 
TYR CD1  C  Y N 355 
TYR CD2  C  Y N 356 
TYR CE1  C  Y N 357 
TYR CE2  C  Y N 358 
TYR CZ   C  Y N 359 
TYR OH   O  N N 360 
TYR OXT  O  N N 361 
TYR H    H  N N 362 
TYR H2   H  N N 363 
TYR HA   H  N N 364 
TYR HB2  H  N N 365 
TYR HB3  H  N N 366 
TYR HD1  H  N N 367 
TYR HD2  H  N N 368 
TYR HE1  H  N N 369 
TYR HE2  H  N N 370 
TYR HH   H  N N 371 
TYR HXT  H  N N 372 
VAL N    N  N N 373 
VAL CA   C  N S 374 
VAL C    C  N N 375 
VAL O    O  N N 376 
VAL CB   C  N N 377 
VAL CG1  C  N N 378 
VAL CG2  C  N N 379 
VAL OXT  O  N N 380 
VAL H    H  N N 381 
VAL H2   H  N N 382 
VAL HA   H  N N 383 
VAL HB   H  N N 384 
VAL HG11 H  N N 385 
VAL HG12 H  N N 386 
VAL HG13 H  N N 387 
VAL HG21 H  N N 388 
VAL HG22 H  N N 389 
VAL HG23 H  N N 390 
VAL HXT  H  N N 391 
# 
loop_
_chem_comp_bond.comp_id 
_chem_comp_bond.atom_id_1 
_chem_comp_bond.atom_id_2 
_chem_comp_bond.value_order 
_chem_comp_bond.pdbx_aromatic_flag 
_chem_comp_bond.pdbx_stereo_config 
_chem_comp_bond.pdbx_ordinal 
ALA N   CA   sing N N 1   
ALA N   H    sing N N 2   
ALA N   H2   sing N N 3   
ALA CA  C    sing N N 4   
ALA CA  CB   sing N N 5   
ALA CA  HA   sing N N 6   
ALA C   O    doub N N 7   
ALA C   OXT  sing N N 8   
ALA CB  HB1  sing N N 9   
ALA CB  HB2  sing N N 10  
ALA CB  HB3  sing N N 11  
ALA OXT HXT  sing N N 12  
ARG N   CA   sing N N 13  
ARG N   H    sing N N 14  
ARG N   H2   sing N N 15  
ARG CA  C    sing N N 16  
ARG CA  CB   sing N N 17  
ARG CA  HA   sing N N 18  
ARG C   O    doub N N 19  
ARG C   OXT  sing N N 20  
ARG CB  CG   sing N N 21  
ARG CB  HB2  sing N N 22  
ARG CB  HB3  sing N N 23  
ARG CG  CD   sing N N 24  
ARG CG  HG2  sing N N 25  
ARG CG  HG3  sing N N 26  
ARG CD  NE   sing N N 27  
ARG CD  HD2  sing N N 28  
ARG CD  HD3  sing N N 29  
ARG NE  CZ   sing N N 30  
ARG NE  HE   sing N N 31  
ARG CZ  NH1  sing N N 32  
ARG CZ  NH2  doub N N 33  
ARG NH1 HH11 sing N N 34  
ARG NH1 HH12 sing N N 35  
ARG NH2 HH21 sing N N 36  
ARG NH2 HH22 sing N N 37  
ARG OXT HXT  sing N N 38  
ASN N   CA   sing N N 39  
ASN N   H    sing N N 40  
ASN N   H2   sing N N 41  
ASN CA  C    sing N N 42  
ASN CA  CB   sing N N 43  
ASN CA  HA   sing N N 44  
ASN C   O    doub N N 45  
ASN C   OXT  sing N N 46  
ASN CB  CG   sing N N 47  
ASN CB  HB2  sing N N 48  
ASN CB  HB3  sing N N 49  
ASN CG  OD1  doub N N 50  
ASN CG  ND2  sing N N 51  
ASN ND2 HD21 sing N N 52  
ASN ND2 HD22 sing N N 53  
ASN OXT HXT  sing N N 54  
ASP N   CA   sing N N 55  
ASP N   H    sing N N 56  
ASP N   H2   sing N N 57  
ASP CA  C    sing N N 58  
ASP CA  CB   sing N N 59  
ASP CA  HA   sing N N 60  
ASP C   O    doub N N 61  
ASP C   OXT  sing N N 62  
ASP CB  CG   sing N N 63  
ASP CB  HB2  sing N N 64  
ASP CB  HB3  sing N N 65  
ASP CG  OD1  doub N N 66  
ASP CG  OD2  sing N N 67  
ASP OD2 HD2  sing N N 68  
ASP OXT HXT  sing N N 69  
CYS N   CA   sing N N 70  
CYS N   H    sing N N 71  
CYS N   H2   sing N N 72  
CYS CA  C    sing N N 73  
CYS CA  CB   sing N N 74  
CYS CA  HA   sing N N 75  
CYS C   O    doub N N 76  
CYS C   OXT  sing N N 77  
CYS CB  SG   sing N N 78  
CYS CB  HB2  sing N N 79  
CYS CB  HB3  sing N N 80  
CYS SG  HG   sing N N 81  
CYS OXT HXT  sing N N 82  
GLN N   CA   sing N N 83  
GLN N   H    sing N N 84  
GLN N   H2   sing N N 85  
GLN CA  C    sing N N 86  
GLN CA  CB   sing N N 87  
GLN CA  HA   sing N N 88  
GLN C   O    doub N N 89  
GLN C   OXT  sing N N 90  
GLN CB  CG   sing N N 91  
GLN CB  HB2  sing N N 92  
GLN CB  HB3  sing N N 93  
GLN CG  CD   sing N N 94  
GLN CG  HG2  sing N N 95  
GLN CG  HG3  sing N N 96  
GLN CD  OE1  doub N N 97  
GLN CD  NE2  sing N N 98  
GLN NE2 HE21 sing N N 99  
GLN NE2 HE22 sing N N 100 
GLN OXT HXT  sing N N 101 
GLU N   CA   sing N N 102 
GLU N   H    sing N N 103 
GLU N   H2   sing N N 104 
GLU CA  C    sing N N 105 
GLU CA  CB   sing N N 106 
GLU CA  HA   sing N N 107 
GLU C   O    doub N N 108 
GLU C   OXT  sing N N 109 
GLU CB  CG   sing N N 110 
GLU CB  HB2  sing N N 111 
GLU CB  HB3  sing N N 112 
GLU CG  CD   sing N N 113 
GLU CG  HG2  sing N N 114 
GLU CG  HG3  sing N N 115 
GLU CD  OE1  doub N N 116 
GLU CD  OE2  sing N N 117 
GLU OE2 HE2  sing N N 118 
GLU OXT HXT  sing N N 119 
GLY N   CA   sing N N 120 
GLY N   H    sing N N 121 
GLY N   H2   sing N N 122 
GLY CA  C    sing N N 123 
GLY CA  HA2  sing N N 124 
GLY CA  HA3  sing N N 125 
GLY C   O    doub N N 126 
GLY C   OXT  sing N N 127 
GLY OXT HXT  sing N N 128 
HIS N   CA   sing N N 129 
HIS N   H    sing N N 130 
HIS N   H2   sing N N 131 
HIS CA  C    sing N N 132 
HIS CA  CB   sing N N 133 
HIS CA  HA   sing N N 134 
HIS C   O    doub N N 135 
HIS C   OXT  sing N N 136 
HIS CB  CG   sing N N 137 
HIS CB  HB2  sing N N 138 
HIS CB  HB3  sing N N 139 
HIS CG  ND1  sing Y N 140 
HIS CG  CD2  doub Y N 141 
HIS ND1 CE1  doub Y N 142 
HIS ND1 HD1  sing N N 143 
HIS CD2 NE2  sing Y N 144 
HIS CD2 HD2  sing N N 145 
HIS CE1 NE2  sing Y N 146 
HIS CE1 HE1  sing N N 147 
HIS NE2 HE2  sing N N 148 
HIS OXT HXT  sing N N 149 
HOH O   H1   sing N N 150 
HOH O   H2   sing N N 151 
ILE N   CA   sing N N 152 
ILE N   H    sing N N 153 
ILE N   H2   sing N N 154 
ILE CA  C    sing N N 155 
ILE CA  CB   sing N N 156 
ILE CA  HA   sing N N 157 
ILE C   O    doub N N 158 
ILE C   OXT  sing N N 159 
ILE CB  CG1  sing N N 160 
ILE CB  CG2  sing N N 161 
ILE CB  HB   sing N N 162 
ILE CG1 CD1  sing N N 163 
ILE CG1 HG12 sing N N 164 
ILE CG1 HG13 sing N N 165 
ILE CG2 HG21 sing N N 166 
ILE CG2 HG22 sing N N 167 
ILE CG2 HG23 sing N N 168 
ILE CD1 HD11 sing N N 169 
ILE CD1 HD12 sing N N 170 
ILE CD1 HD13 sing N N 171 
ILE OXT HXT  sing N N 172 
LEU N   CA   sing N N 173 
LEU N   H    sing N N 174 
LEU N   H2   sing N N 175 
LEU CA  C    sing N N 176 
LEU CA  CB   sing N N 177 
LEU CA  HA   sing N N 178 
LEU C   O    doub N N 179 
LEU C   OXT  sing N N 180 
LEU CB  CG   sing N N 181 
LEU CB  HB2  sing N N 182 
LEU CB  HB3  sing N N 183 
LEU CG  CD1  sing N N 184 
LEU CG  CD2  sing N N 185 
LEU CG  HG   sing N N 186 
LEU CD1 HD11 sing N N 187 
LEU CD1 HD12 sing N N 188 
LEU CD1 HD13 sing N N 189 
LEU CD2 HD21 sing N N 190 
LEU CD2 HD22 sing N N 191 
LEU CD2 HD23 sing N N 192 
LEU OXT HXT  sing N N 193 
LYS N   CA   sing N N 194 
LYS N   H    sing N N 195 
LYS N   H2   sing N N 196 
LYS CA  C    sing N N 197 
LYS CA  CB   sing N N 198 
LYS CA  HA   sing N N 199 
LYS C   O    doub N N 200 
LYS C   OXT  sing N N 201 
LYS CB  CG   sing N N 202 
LYS CB  HB2  sing N N 203 
LYS CB  HB3  sing N N 204 
LYS CG  CD   sing N N 205 
LYS CG  HG2  sing N N 206 
LYS CG  HG3  sing N N 207 
LYS CD  CE   sing N N 208 
LYS CD  HD2  sing N N 209 
LYS CD  HD3  sing N N 210 
LYS CE  NZ   sing N N 211 
LYS CE  HE2  sing N N 212 
LYS CE  HE3  sing N N 213 
LYS NZ  HZ1  sing N N 214 
LYS NZ  HZ2  sing N N 215 
LYS NZ  HZ3  sing N N 216 
LYS OXT HXT  sing N N 217 
MET N   CA   sing N N 218 
MET N   H    sing N N 219 
MET N   H2   sing N N 220 
MET CA  C    sing N N 221 
MET CA  CB   sing N N 222 
MET CA  HA   sing N N 223 
MET C   O    doub N N 224 
MET C   OXT  sing N N 225 
MET CB  CG   sing N N 226 
MET CB  HB2  sing N N 227 
MET CB  HB3  sing N N 228 
MET CG  SD   sing N N 229 
MET CG  HG2  sing N N 230 
MET CG  HG3  sing N N 231 
MET SD  CE   sing N N 232 
MET CE  HE1  sing N N 233 
MET CE  HE2  sing N N 234 
MET CE  HE3  sing N N 235 
MET OXT HXT  sing N N 236 
PHE N   CA   sing N N 237 
PHE N   H    sing N N 238 
PHE N   H2   sing N N 239 
PHE CA  C    sing N N 240 
PHE CA  CB   sing N N 241 
PHE CA  HA   sing N N 242 
PHE C   O    doub N N 243 
PHE C   OXT  sing N N 244 
PHE CB  CG   sing N N 245 
PHE CB  HB2  sing N N 246 
PHE CB  HB3  sing N N 247 
PHE CG  CD1  doub Y N 248 
PHE CG  CD2  sing Y N 249 
PHE CD1 CE1  sing Y N 250 
PHE CD1 HD1  sing N N 251 
PHE CD2 CE2  doub Y N 252 
PHE CD2 HD2  sing N N 253 
PHE CE1 CZ   doub Y N 254 
PHE CE1 HE1  sing N N 255 
PHE CE2 CZ   sing Y N 256 
PHE CE2 HE2  sing N N 257 
PHE CZ  HZ   sing N N 258 
PHE OXT HXT  sing N N 259 
PRO N   CA   sing N N 260 
PRO N   CD   sing N N 261 
PRO N   H    sing N N 262 
PRO CA  C    sing N N 263 
PRO CA  CB   sing N N 264 
PRO CA  HA   sing N N 265 
PRO C   O    doub N N 266 
PRO C   OXT  sing N N 267 
PRO CB  CG   sing N N 268 
PRO CB  HB2  sing N N 269 
PRO CB  HB3  sing N N 270 
PRO CG  CD   sing N N 271 
PRO CG  HG2  sing N N 272 
PRO CG  HG3  sing N N 273 
PRO CD  HD2  sing N N 274 
PRO CD  HD3  sing N N 275 
PRO OXT HXT  sing N N 276 
SER N   CA   sing N N 277 
SER N   H    sing N N 278 
SER N   H2   sing N N 279 
SER CA  C    sing N N 280 
SER CA  CB   sing N N 281 
SER CA  HA   sing N N 282 
SER C   O    doub N N 283 
SER C   OXT  sing N N 284 
SER CB  OG   sing N N 285 
SER CB  HB2  sing N N 286 
SER CB  HB3  sing N N 287 
SER OG  HG   sing N N 288 
SER OXT HXT  sing N N 289 
THR N   CA   sing N N 290 
THR N   H    sing N N 291 
THR N   H2   sing N N 292 
THR CA  C    sing N N 293 
THR CA  CB   sing N N 294 
THR CA  HA   sing N N 295 
THR C   O    doub N N 296 
THR C   OXT  sing N N 297 
THR CB  OG1  sing N N 298 
THR CB  CG2  sing N N 299 
THR CB  HB   sing N N 300 
THR OG1 HG1  sing N N 301 
THR CG2 HG21 sing N N 302 
THR CG2 HG22 sing N N 303 
THR CG2 HG23 sing N N 304 
THR OXT HXT  sing N N 305 
TRP N   CA   sing N N 306 
TRP N   H    sing N N 307 
TRP N   H2   sing N N 308 
TRP CA  C    sing N N 309 
TRP CA  CB   sing N N 310 
TRP CA  HA   sing N N 311 
TRP C   O    doub N N 312 
TRP C   OXT  sing N N 313 
TRP CB  CG   sing N N 314 
TRP CB  HB2  sing N N 315 
TRP CB  HB3  sing N N 316 
TRP CG  CD1  doub Y N 317 
TRP CG  CD2  sing Y N 318 
TRP CD1 NE1  sing Y N 319 
TRP CD1 HD1  sing N N 320 
TRP CD2 CE2  doub Y N 321 
TRP CD2 CE3  sing Y N 322 
TRP NE1 CE2  sing Y N 323 
TRP NE1 HE1  sing N N 324 
TRP CE2 CZ2  sing Y N 325 
TRP CE3 CZ3  doub Y N 326 
TRP CE3 HE3  sing N N 327 
TRP CZ2 CH2  doub Y N 328 
TRP CZ2 HZ2  sing N N 329 
TRP CZ3 CH2  sing Y N 330 
TRP CZ3 HZ3  sing N N 331 
TRP CH2 HH2  sing N N 332 
TRP OXT HXT  sing N N 333 
TYR N   CA   sing N N 334 
TYR N   H    sing N N 335 
TYR N   H2   sing N N 336 
TYR CA  C    sing N N 337 
TYR CA  CB   sing N N 338 
TYR CA  HA   sing N N 339 
TYR C   O    doub N N 340 
TYR C   OXT  sing N N 341 
TYR CB  CG   sing N N 342 
TYR CB  HB2  sing N N 343 
TYR CB  HB3  sing N N 344 
TYR CG  CD1  doub Y N 345 
TYR CG  CD2  sing Y N 346 
TYR CD1 CE1  sing Y N 347 
TYR CD1 HD1  sing N N 348 
TYR CD2 CE2  doub Y N 349 
TYR CD2 HD2  sing N N 350 
TYR CE1 CZ   doub Y N 351 
TYR CE1 HE1  sing N N 352 
TYR CE2 CZ   sing Y N 353 
TYR CE2 HE2  sing N N 354 
TYR CZ  OH   sing N N 355 
TYR OH  HH   sing N N 356 
TYR OXT HXT  sing N N 357 
VAL N   CA   sing N N 358 
VAL N   H    sing N N 359 
VAL N   H2   sing N N 360 
VAL CA  C    sing N N 361 
VAL CA  CB   sing N N 362 
VAL CA  HA   sing N N 363 
VAL C   O    doub N N 364 
VAL C   OXT  sing N N 365 
VAL CB  CG1  sing N N 366 
VAL CB  CG2  sing N N 367 
VAL CB  HB   sing N N 368 
VAL CG1 HG11 sing N N 369 
VAL CG1 HG12 sing N N 370 
VAL CG1 HG13 sing N N 371 
VAL CG2 HG21 sing N N 372 
VAL CG2 HG22 sing N N 373 
VAL CG2 HG23 sing N N 374 
VAL OXT HXT  sing N N 375 
# 
_atom_sites.entry_id                    3I87 
_atom_sites.fract_transf_matrix[1][1]   0.01301486 
_atom_sites.fract_transf_matrix[1][2]   -0.01097996 
_atom_sites.fract_transf_matrix[1][3]   -0.00033065 
_atom_sites.fract_transf_matrix[2][1]   0.00105883 
_atom_sites.fract_transf_matrix[2][2]   -0.01230717 
_atom_sites.fract_transf_matrix[2][3]   0.01172464 
_atom_sites.fract_transf_matrix[3][1]   -0.00656599 
_atom_sites.fract_transf_matrix[3][2]   -0.00756168 
_atom_sites.fract_transf_matrix[3][3]   -0.00734441 
_atom_sites.fract_transf_vector[1]      -0.022039 
_atom_sites.fract_transf_vector[2]      0.400070 
_atom_sites.fract_transf_vector[3]      0.218843 
# 
loop_
_atom_type.symbol 
C  
CL 
N  
O  
S  
# 
loop_
_atom_site.group_PDB 
_atom_site.id 
_atom_site.type_symbol 
_atom_site.label_atom_id 
_atom_site.label_alt_id 
_atom_site.label_comp_id 
_atom_site.label_asym_id 
_atom_site.label_entity_id 
_atom_site.label_seq_id 
_atom_site.pdbx_PDB_ins_code 
_atom_site.Cartn_x 
_atom_site.Cartn_y 
_atom_site.Cartn_z 
_atom_site.occupancy 
_atom_site.B_iso_or_equiv 
_atom_site.pdbx_formal_charge 
_atom_site.auth_seq_id 
_atom_site.auth_comp_id 
_atom_site.auth_asym_id 
_atom_site.auth_atom_id 
_atom_site.pdbx_PDB_model_num 
ATOM   1    N  N   . PRO A 1 2   ? -11.596 -19.080 -5.306  1.00 18.44 ? 2   PRO A N   1 
ATOM   2    C  CA  . PRO A 1 2   ? -11.552 -19.660 -3.969  1.00 18.26 ? 2   PRO A CA  1 
ATOM   3    C  C   . PRO A 1 2   ? -10.600 -18.926 -3.019  1.00 17.39 ? 2   PRO A C   1 
ATOM   4    O  O   . PRO A 1 2   ? -10.030 -17.894 -3.387  1.00 17.03 ? 2   PRO A O   1 
ATOM   5    C  CB  . PRO A 1 2   ? -11.053 -21.084 -4.235  1.00 18.31 ? 2   PRO A CB  1 
ATOM   6    C  CG  . PRO A 1 2   ? -11.539 -21.405 -5.627  1.00 18.65 ? 2   PRO A CG  1 
ATOM   7    C  CD  . PRO A 1 2   ? -11.866 -20.106 -6.329  1.00 18.36 ? 2   PRO A CD  1 
ATOM   8    N  N   . ALA A 1 3   ? -10.435 -19.471 -1.815  1.00 16.56 ? 3   ALA A N   1 
ATOM   9    C  CA  . ALA A 1 3   ? -9.520  -18.913 -0.815  1.00 16.65 ? 3   ALA A CA  1 
ATOM   10   C  C   . ALA A 1 3   ? -8.083  -18.824 -1.341  1.00 16.63 ? 3   ALA A C   1 
ATOM   11   O  O   . ALA A 1 3   ? -7.610  -19.738 -2.020  1.00 15.33 ? 3   ALA A O   1 
ATOM   12   C  CB  . ALA A 1 3   ? -9.561  -19.750 0.460   1.00 16.60 ? 3   ALA A CB  1 
ATOM   13   N  N   . LEU A 1 4   ? -7.417  -17.709 -1.028  1.00 16.85 ? 4   LEU A N   1 
ATOM   14   C  CA  . LEU A 1 4   ? -6.018  -17.426 -1.408  1.00 17.25 ? 4   LEU A CA  1 
ATOM   15   C  C   . LEU A 1 4   ? -5.772  -17.099 -2.894  1.00 17.66 ? 4   LEU A C   1 
ATOM   16   O  O   . LEU A 1 4   ? -4.630  -16.839 -3.279  1.00 16.86 ? 4   LEU A O   1 
ATOM   17   C  CB  . LEU A 1 4   ? -5.063  -18.540 -0.935  1.00 17.48 ? 4   LEU A CB  1 
ATOM   18   C  CG  . LEU A 1 4   ? -4.979  -18.742 0.584   1.00 18.14 ? 4   LEU A CG  1 
ATOM   19   C  CD1 . LEU A 1 4   ? -4.251  -20.035 0.928   1.00 17.60 ? 4   LEU A CD1 1 
ATOM   20   C  CD2 . LEU A 1 4   ? -4.297  -17.552 1.257   1.00 17.59 ? 4   LEU A CD2 1 
ATOM   21   N  N   . ASP A 1 5   ? -6.819  -17.085 -3.719  1.00 18.05 ? 5   ASP A N   1 
ATOM   22   C  CA  . ASP A 1 5   ? -6.682  -16.619 -5.103  1.00 19.28 ? 5   ASP A CA  1 
ATOM   23   C  C   . ASP A 1 5   ? -6.496  -15.103 -5.122  1.00 19.12 ? 5   ASP A C   1 
ATOM   24   O  O   . ASP A 1 5   ? -7.071  -14.394 -4.296  1.00 18.02 ? 5   ASP A O   1 
ATOM   25   C  CB  . ASP A 1 5   ? -7.894  -17.005 -5.956  1.00 20.32 ? 5   ASP A CB  1 
ATOM   26   C  CG  . ASP A 1 5   ? -7.920  -18.482 -6.305  1.00 21.93 ? 5   ASP A CG  1 
ATOM   27   O  OD1 . ASP A 1 5   ? -6.841  -19.070 -6.536  1.00 23.85 ? 5   ASP A OD1 1 
ATOM   28   O  OD2 . ASP A 1 5   ? -9.024  -19.060 -6.354  1.00 22.70 ? 5   ASP A OD2 1 
ATOM   29   N  N   . LEU A 1 6   ? -5.695  -14.621 -6.070  1.00 19.10 ? 6   LEU A N   1 
ATOM   30   C  CA  . LEU A 1 6   ? -5.329  -13.210 -6.132  1.00 20.08 ? 6   LEU A CA  1 
ATOM   31   C  C   . LEU A 1 6   ? -6.444  -12.370 -6.737  1.00 20.58 ? 6   LEU A C   1 
ATOM   32   O  O   . LEU A 1 6   ? -7.129  -12.808 -7.662  1.00 19.37 ? 6   LEU A O   1 
ATOM   33   C  CB  . LEU A 1 6   ? -4.056  -13.018 -6.965  1.00 20.55 ? 6   LEU A CB  1 
ATOM   34   C  CG  . LEU A 1 6   ? -2.810  -13.798 -6.541  1.00 21.13 ? 6   LEU A CG  1 
ATOM   35   C  CD1 . LEU A 1 6   ? -1.665  -13.522 -7.505  1.00 21.63 ? 6   LEU A CD1 1 
ATOM   36   C  CD2 . LEU A 1 6   ? -2.401  -13.463 -5.122  1.00 21.22 ? 6   LEU A CD2 1 
ATOM   37   N  N   . ILE A 1 7   ? -6.629  -11.169 -6.191  1.00 22.09 ? 7   ILE A N   1 
ATOM   38   C  CA  . ILE A 1 7   ? -7.461  -10.143 -6.816  1.00 22.69 ? 7   ILE A CA  1 
ATOM   39   C  C   . ILE A 1 7   ? -6.527  -9.236  -7.612  1.00 24.50 ? 7   ILE A C   1 
ATOM   40   O  O   . ILE A 1 7   ? -5.493  -8.806  -7.100  1.00 23.98 ? 7   ILE A O   1 
ATOM   41   C  CB  . ILE A 1 7   ? -8.214  -9.292  -5.777  1.00 22.04 ? 7   ILE A CB  1 
ATOM   42   C  CG1 . ILE A 1 7   ? -9.078  -10.178 -4.875  1.00 22.31 ? 7   ILE A CG1 1 
ATOM   43   C  CG2 . ILE A 1 7   ? -9.077  -8.246  -6.472  1.00 20.80 ? 7   ILE A CG2 1 
ATOM   44   C  CD1 . ILE A 1 7   ? -9.727  -9.430  -3.728  1.00 21.85 ? 7   ILE A CD1 1 
ATOM   45   N  N   . ARG A 1 8   ? -6.888  -8.953  -8.861  1.00 26.45 ? 8   ARG A N   1 
ATOM   46   C  CA  . ARG A 1 8   ? -6.041  -8.163  -9.748  1.00 28.22 ? 8   ARG A CA  1 
ATOM   47   C  C   . ARG A 1 8   ? -6.721  -6.817  -10.030 1.00 27.85 ? 8   ARG A C   1 
ATOM   48   O  O   . ARG A 1 8   ? -7.800  -6.784  -10.626 1.00 28.32 ? 8   ARG A O   1 
ATOM   49   C  CB  . ARG A 1 8   ? -5.791  -8.931  -11.050 1.00 30.26 ? 8   ARG A CB  1 
ATOM   50   C  CG  . ARG A 1 8   ? -4.361  -8.839  -11.588 1.00 31.83 ? 8   ARG A CG  1 
ATOM   51   C  CD  . ARG A 1 8   ? -3.388  -9.793  -10.873 1.00 33.02 ? 8   ARG A CD  1 
ATOM   52   N  NE  . ARG A 1 8   ? -2.447  -9.092  -9.995  1.00 34.06 ? 8   ARG A NE  1 
ATOM   53   C  CZ  . ARG A 1 8   ? -1.270  -9.578  -9.587  1.00 34.85 ? 8   ARG A CZ  1 
ATOM   54   N  NH1 . ARG A 1 8   ? -0.857  -10.789 -9.960  1.00 35.04 ? 8   ARG A NH1 1 
ATOM   55   N  NH2 . ARG A 1 8   ? -0.492  -8.846  -8.796  1.00 34.55 ? 8   ARG A NH2 1 
ATOM   56   N  N   . PRO A 1 9   ? -6.101  -5.704  -9.595  1.00 26.77 ? 9   PRO A N   1 
ATOM   57   C  CA  . PRO A 1 9   ? -6.707  -4.389  -9.792  1.00 26.63 ? 9   PRO A CA  1 
ATOM   58   C  C   . PRO A 1 9   ? -6.473  -3.845  -11.201 1.00 25.88 ? 9   PRO A C   1 
ATOM   59   O  O   . PRO A 1 9   ? -5.797  -4.486  -12.007 1.00 26.71 ? 9   PRO A O   1 
ATOM   60   C  CB  . PRO A 1 9   ? -5.984  -3.525  -8.760  1.00 26.77 ? 9   PRO A CB  1 
ATOM   61   C  CG  . PRO A 1 9   ? -4.629  -4.133  -8.660  1.00 26.76 ? 9   PRO A CG  1 
ATOM   62   C  CD  . PRO A 1 9   ? -4.780  -5.604  -8.947  1.00 26.35 ? 9   PRO A CD  1 
ATOM   63   N  N   . SER A 1 10  ? -7.028  -2.669  -11.482 1.00 25.45 ? 10  SER A N   1 
ATOM   64   C  CA  . SER A 1 10  ? -6.856  -2.026  -12.787 1.00 25.56 ? 10  SER A CA  1 
ATOM   65   C  C   . SER A 1 10  ? -6.515  -0.542  -12.661 1.00 23.56 ? 10  SER A C   1 
ATOM   66   O  O   . SER A 1 10  ? -6.904  0.119   -11.694 1.00 21.55 ? 10  SER A O   1 
ATOM   67   C  CB  . SER A 1 10  ? -8.122  -2.188  -13.636 1.00 25.98 ? 10  SER A CB  1 
ATOM   68   O  OG  . SER A 1 10  ? -9.233  -1.550  -13.024 1.00 27.46 ? 10  SER A OG  1 
ATOM   69   N  N   . VAL A 1 11  ? -5.784  -0.039  -13.653 1.00 23.23 ? 11  VAL A N   1 
ATOM   70   C  CA  . VAL A 1 11  ? -5.520  1.391   -13.797 1.00 22.74 ? 11  VAL A CA  1 
ATOM   71   C  C   . VAL A 1 11  ? -6.700  2.023   -14.532 1.00 22.66 ? 11  VAL A C   1 
ATOM   72   O  O   . VAL A 1 11  ? -7.069  1.567   -15.617 1.00 23.06 ? 11  VAL A O   1 
ATOM   73   C  CB  . VAL A 1 11  ? -4.236  1.643   -14.610 1.00 22.47 ? 11  VAL A CB  1 
ATOM   74   C  CG1 . VAL A 1 11  ? -3.966  3.136   -14.742 1.00 21.70 ? 11  VAL A CG1 1 
ATOM   75   C  CG2 . VAL A 1 11  ? -3.052  0.929   -13.966 1.00 22.56 ? 11  VAL A CG2 1 
ATOM   76   N  N   . THR A 1 12  ? -7.286  3.065   -13.946 1.00 21.65 ? 12  THR A N   1 
ATOM   77   C  CA  . THR A 1 12  ? -8.500  3.674   -14.496 1.00 21.11 ? 12  THR A CA  1 
ATOM   78   C  C   . THR A 1 12  ? -8.227  4.902   -15.378 1.00 19.39 ? 12  THR A C   1 
ATOM   79   O  O   . THR A 1 12  ? -8.930  5.114   -16.369 1.00 18.50 ? 12  THR A O   1 
ATOM   80   C  CB  . THR A 1 12  ? -9.505  4.032   -13.374 1.00 21.65 ? 12  THR A CB  1 
ATOM   81   O  OG1 . THR A 1 12  ? -8.967  5.067   -12.545 1.00 22.76 ? 12  THR A OG1 1 
ATOM   82   C  CG2 . THR A 1 12  ? -9.814  2.802   -12.518 1.00 21.71 ? 12  THR A CG2 1 
ATOM   83   N  N   . ALA A 1 13  ? -7.219  5.701   -15.026 1.00 17.44 ? 13  ALA A N   1 
ATOM   84   C  CA  . ALA A 1 13  ? -6.851  6.884   -15.816 1.00 16.44 ? 13  ALA A CA  1 
ATOM   85   C  C   . ALA A 1 13  ? -5.429  7.365   -15.522 1.00 15.66 ? 13  ALA A C   1 
ATOM   86   O  O   . ALA A 1 13  ? -4.894  7.131   -14.436 1.00 15.07 ? 13  ALA A O   1 
ATOM   87   C  CB  . ALA A 1 13  ? -7.843  8.009   -15.576 1.00 15.28 ? 13  ALA A CB  1 
ATOM   88   N  N   . MET A 1 14  ? -4.831  8.054   -16.495 1.00 16.09 ? 14  MET A N   1 
ATOM   89   C  CA  . MET A 1 14  ? -3.452  8.539   -16.373 1.00 16.48 ? 14  MET A CA  1 
ATOM   90   C  C   . MET A 1 14  ? -3.187  9.764   -17.255 1.00 13.62 ? 14  MET A C   1 
ATOM   91   O  O   . MET A 1 14  ? -3.584  9.796   -18.421 1.00 11.88 ? 14  MET A O   1 
ATOM   92   C  CB  . MET A 1 14  ? -2.472  7.421   -16.742 1.00 19.08 ? 14  MET A CB  1 
ATOM   93   C  CG  . MET A 1 14  ? -1.031  7.678   -16.330 1.00 21.59 ? 14  MET A CG  1 
ATOM   94   S  SD  . MET A 1 14  ? 0.053   6.283   -16.729 1.00 25.62 ? 14  MET A SD  1 
ATOM   95   C  CE  . MET A 1 14  ? 0.414   6.612   -18.460 1.00 25.36 ? 14  MET A CE  1 
ATOM   96   N  N   . ARG A 1 15  ? -2.510  10.759  -16.686 1.00 11.83 ? 15  ARG A N   1 
ATOM   97   C  CA  . ARG A 1 15  ? -2.097  11.959  -17.418 1.00 11.04 ? 15  ARG A CA  1 
ATOM   98   C  C   . ARG A 1 15  ? -0.801  12.519  -16.851 1.00 11.15 ? 15  ARG A C   1 
ATOM   99   O  O   . ARG A 1 15  ? -0.483  12.308  -15.680 1.00 10.86 ? 15  ARG A O   1 
ATOM   100  C  CB  . ARG A 1 15  ? -3.182  13.050  -17.351 1.00 9.99  ? 15  ARG A CB  1 
ATOM   101  C  CG  . ARG A 1 15  ? -4.359  12.863  -18.296 1.00 9.23  ? 15  ARG A CG  1 
ATOM   102  C  CD  . ARG A 1 15  ? -3.911  12.852  -19.750 1.00 8.81  ? 15  ARG A CD  1 
ATOM   103  N  NE  . ARG A 1 15  ? -5.024  12.920  -20.695 1.00 8.59  ? 15  ARG A NE  1 
ATOM   104  C  CZ  . ARG A 1 15  ? -5.837  11.910  -21.003 1.00 7.75  ? 15  ARG A CZ  1 
ATOM   105  N  NH1 . ARG A 1 15  ? -5.704  10.721  -20.427 1.00 7.74  ? 15  ARG A NH1 1 
ATOM   106  N  NH2 . ARG A 1 15  ? -6.806  12.094  -21.892 1.00 7.90  ? 15  ARG A NH2 1 
ATOM   107  N  N   . VAL A 1 16  ? -0.067  13.243  -17.695 1.00 12.23 ? 16  VAL A N   1 
ATOM   108  C  CA  . VAL A 1 16  ? 1.151   13.942  -17.283 1.00 11.94 ? 16  VAL A CA  1 
ATOM   109  C  C   . VAL A 1 16  ? 0.991   15.435  -17.535 1.00 12.00 ? 16  VAL A C   1 
ATOM   110  O  O   . VAL A 1 16  ? 0.539   15.847  -18.603 1.00 12.74 ? 16  VAL A O   1 
ATOM   111  C  CB  . VAL A 1 16  ? 2.398   13.443  -18.055 1.00 12.00 ? 16  VAL A CB  1 
ATOM   112  C  CG1 . VAL A 1 16  ? 3.624   14.317  -17.739 1.00 10.99 ? 16  VAL A CG1 1 
ATOM   113  C  CG2 . VAL A 1 16  ? 2.677   11.986  -17.729 1.00 10.86 ? 16  VAL A CG2 1 
ATOM   114  N  N   . ILE A 1 17  ? 1.357   16.230  -16.533 1.00 12.94 ? 17  ILE A N   1 
ATOM   115  C  CA  . ILE A 1 17  ? 1.443   17.676  -16.660 1.00 12.29 ? 17  ILE A CA  1 
ATOM   116  C  C   . ILE A 1 17  ? 2.917   18.029  -16.793 1.00 11.74 ? 17  ILE A C   1 
ATOM   117  O  O   . ILE A 1 17  ? 3.666   17.947  -15.824 1.00 11.56 ? 17  ILE A O   1 
ATOM   118  C  CB  . ILE A 1 17  ? 0.837   18.382  -15.426 1.00 13.37 ? 17  ILE A CB  1 
ATOM   119  C  CG1 . ILE A 1 17  ? -0.654  18.036  -15.309 1.00 13.52 ? 17  ILE A CG1 1 
ATOM   120  C  CG2 . ILE A 1 17  ? 1.048   19.896  -15.516 1.00 11.51 ? 17  ILE A CG2 1 
ATOM   121  C  CD1 . ILE A 1 17  ? -1.370  18.732  -14.166 1.00 13.63 ? 17  ILE A CD1 1 
ATOM   122  N  N   . ALA A 1 18  ? 3.332   18.414  -17.998 1.00 11.83 ? 18  ALA A N   1 
ATOM   123  C  CA  . ALA A 1 18  ? 4.746   18.679  -18.279 1.00 10.84 ? 18  ALA A CA  1 
ATOM   124  C  C   . ALA A 1 18  ? 5.277   19.886  -17.500 1.00 11.07 ? 18  ALA A C   1 
ATOM   125  O  O   . ALA A 1 18  ? 6.452   19.925  -17.124 1.00 9.41  ? 18  ALA A O   1 
ATOM   126  C  CB  . ALA A 1 18  ? 4.957   18.883  -19.772 1.00 10.82 ? 18  ALA A CB  1 
ATOM   127  N  N   . SER A 1 19  ? 4.406   20.865  -17.265 1.00 11.18 ? 19  SER A N   1 
ATOM   128  C  CA  . SER A 1 19  ? 4.788   22.097  -16.582 1.00 11.36 ? 19  SER A CA  1 
ATOM   129  C  C   . SER A 1 19  ? 3.590   22.626  -15.803 1.00 10.59 ? 19  SER A C   1 
ATOM   130  O  O   . SER A 1 19  ? 2.621   23.103  -16.396 1.00 11.49 ? 19  SER A O   1 
ATOM   131  C  CB  . SER A 1 19  ? 5.269   23.134  -17.606 1.00 12.67 ? 19  SER A CB  1 
ATOM   132  O  OG  . SER A 1 19  ? 5.901   24.239  -16.982 1.00 12.98 ? 19  SER A OG  1 
ATOM   133  N  N   . VAL A 1 20  ? 3.659   22.526  -14.477 1.00 10.66 ? 20  VAL A N   1 
ATOM   134  C  CA  . VAL A 1 20  ? 2.551   22.918  -13.609 1.00 10.52 ? 20  VAL A CA  1 
ATOM   135  C  C   . VAL A 1 20  ? 2.406   24.439  -13.568 1.00 11.44 ? 20  VAL A C   1 
ATOM   136  O  O   . VAL A 1 20  ? 3.393   25.164  -13.443 1.00 12.59 ? 20  VAL A O   1 
ATOM   137  C  CB  . VAL A 1 20  ? 2.736   22.404  -12.160 1.00 10.19 ? 20  VAL A CB  1 
ATOM   138  C  CG1 . VAL A 1 20  ? 1.502   22.713  -11.323 1.00 9.13  ? 20  VAL A CG1 1 
ATOM   139  C  CG2 . VAL A 1 20  ? 3.023   20.906  -12.139 1.00 10.07 ? 20  VAL A CG2 1 
ATOM   140  N  N   . ASN A 1 21  ? 1.167   24.911  -13.685 1.00 12.15 ? 21  ASN A N   1 
ATOM   141  C  CA  . ASN A 1 21  ? 0.848   26.325  -13.516 1.00 11.85 ? 21  ASN A CA  1 
ATOM   142  C  C   . ASN A 1 21  ? 1.381   26.840  -12.174 1.00 11.74 ? 21  ASN A C   1 
ATOM   143  O  O   . ASN A 1 21  ? 1.281   26.144  -11.154 1.00 9.88  ? 21  ASN A O   1 
ATOM   144  C  CB  . ASN A 1 21  ? -0.667  26.525  -13.597 1.00 11.50 ? 21  ASN A CB  1 
ATOM   145  C  CG  . ASN A 1 21  ? -1.096  27.923  -13.203 1.00 11.49 ? 21  ASN A CG  1 
ATOM   146  O  OD1 . ASN A 1 21  ? -1.487  28.160  -12.058 1.00 11.81 ? 21  ASN A OD1 1 
ATOM   147  N  ND2 . ASN A 1 21  ? -1.018  28.860  -14.143 1.00 9.57  ? 21  ASN A ND2 1 
ATOM   148  N  N   . ALA A 1 22  ? 1.937   28.053  -12.192 1.00 11.25 ? 22  ALA A N   1 
ATOM   149  C  CA  . ALA A 1 22  ? 2.620   28.638  -11.029 1.00 11.72 ? 22  ALA A CA  1 
ATOM   150  C  C   . ALA A 1 22  ? 1.704   28.785  -9.814  1.00 12.80 ? 22  ALA A C   1 
ATOM   151  O  O   . ALA A 1 22  ? 2.090   28.431  -8.703  1.00 12.97 ? 22  ALA A O   1 
ATOM   152  C  CB  . ALA A 1 22  ? 3.238   29.993  -11.397 1.00 10.67 ? 22  ALA A CB  1 
ATOM   153  N  N   . ASP A 1 23  ? 0.495   29.300  -10.024 1.00 14.54 ? 23  ASP A N   1 
ATOM   154  C  CA  . ASP A 1 23  ? -0.489  29.432  -8.939  1.00 16.52 ? 23  ASP A CA  1 
ATOM   155  C  C   . ASP A 1 23  ? -0.877  28.070  -8.348  1.00 16.15 ? 23  ASP A C   1 
ATOM   156  O  O   . ASP A 1 23  ? -1.028  27.932  -7.132  1.00 15.38 ? 23  ASP A O   1 
ATOM   157  C  CB  . ASP A 1 23  ? -1.745  30.169  -9.429  1.00 17.66 ? 23  ASP A CB  1 
ATOM   158  C  CG  . ASP A 1 23  ? -2.738  30.457  -8.307  1.00 19.34 ? 23  ASP A CG  1 
ATOM   159  O  OD1 . ASP A 1 23  ? -2.306  30.860  -7.203  1.00 20.27 ? 23  ASP A OD1 1 
ATOM   160  O  OD2 . ASP A 1 23  ? -3.955  30.283  -8.530  1.00 19.72 ? 23  ASP A OD2 1 
ATOM   161  N  N   . PHE A 1 24  ? -1.033  27.072  -9.213  1.00 16.40 ? 24  PHE A N   1 
ATOM   162  C  CA  . PHE A 1 24  ? -1.369  25.717  -8.776  1.00 16.51 ? 24  PHE A CA  1 
ATOM   163  C  C   . PHE A 1 24  ? -0.197  25.099  -8.000  1.00 16.56 ? 24  PHE A C   1 
ATOM   164  O  O   . PHE A 1 24  ? -0.403  24.424  -6.989  1.00 17.05 ? 24  PHE A O   1 
ATOM   165  C  CB  . PHE A 1 24  ? -1.749  24.851  -9.989  1.00 16.63 ? 24  PHE A CB  1 
ATOM   166  C  CG  . PHE A 1 24  ? -2.568  23.619  -9.657  1.00 17.57 ? 24  PHE A CG  1 
ATOM   167  C  CD1 . PHE A 1 24  ? -3.343  23.534  -8.495  1.00 17.56 ? 24  PHE A CD1 1 
ATOM   168  C  CD2 . PHE A 1 24  ? -2.595  22.554  -10.545 1.00 17.34 ? 24  PHE A CD2 1 
ATOM   169  C  CE1 . PHE A 1 24  ? -4.097  22.397  -8.221  1.00 18.27 ? 24  PHE A CE1 1 
ATOM   170  C  CE2 . PHE A 1 24  ? -3.350  21.418  -10.277 1.00 18.12 ? 24  PHE A CE2 1 
ATOM   171  C  CZ  . PHE A 1 24  ? -4.104  21.339  -9.115  1.00 18.11 ? 24  PHE A CZ  1 
ATOM   172  N  N   . ALA A 1 25  ? 1.026   25.354  -8.469  1.00 15.46 ? 25  ALA A N   1 
ATOM   173  C  CA  . ALA A 1 25  ? 2.242   24.880  -7.800  1.00 15.09 ? 25  ALA A CA  1 
ATOM   174  C  C   . ALA A 1 25  ? 2.343   25.390  -6.362  1.00 15.14 ? 25  ALA A C   1 
ATOM   175  O  O   . ALA A 1 25  ? 2.717   24.639  -5.462  1.00 14.06 ? 25  ALA A O   1 
ATOM   176  C  CB  . ALA A 1 25  ? 3.481   25.293  -8.594  1.00 13.57 ? 25  ALA A CB  1 
ATOM   177  N  N   . ARG A 1 26  ? 2.004   26.662  -6.154  1.00 15.97 ? 26  ARG A N   1 
ATOM   178  C  CA  . ARG A 1 26  ? 1.999   27.258  -4.812  1.00 17.02 ? 26  ARG A CA  1 
ATOM   179  C  C   . ARG A 1 26  ? 0.942   26.634  -3.910  1.00 17.03 ? 26  ARG A C   1 
ATOM   180  O  O   . ARG A 1 26  ? 1.203   26.368  -2.738  1.00 16.75 ? 26  ARG A O   1 
ATOM   181  C  CB  . ARG A 1 26  ? 1.753   28.764  -4.887  1.00 17.95 ? 26  ARG A CB  1 
ATOM   182  C  CG  . ARG A 1 26  ? 2.853   29.530  -5.580  1.00 19.28 ? 26  ARG A CG  1 
ATOM   183  C  CD  . ARG A 1 26  ? 2.577   31.018  -5.580  1.00 20.56 ? 26  ARG A CD  1 
ATOM   184  N  NE  . ARG A 1 26  ? 2.927   31.608  -6.871  1.00 22.50 ? 26  ARG A NE  1 
ATOM   185  C  CZ  . ARG A 1 26  ? 2.080   32.196  -7.715  1.00 23.18 ? 26  ARG A CZ  1 
ATOM   186  N  NH1 . ARG A 1 26  ? 0.787   32.332  -7.426  1.00 23.80 ? 26  ARG A NH1 1 
ATOM   187  N  NH2 . ARG A 1 26  ? 2.543   32.679  -8.861  1.00 23.82 ? 26  ARG A NH2 1 
ATOM   188  N  N   . GLU A 1 27  ? -0.249  26.409  -4.458  1.00 17.74 ? 27  GLU A N   1 
ATOM   189  C  CA  . GLU A 1 27  ? -1.349  25.801  -3.708  1.00 18.62 ? 27  GLU A CA  1 
ATOM   190  C  C   . GLU A 1 27  ? -1.057  24.342  -3.349  1.00 18.50 ? 27  GLU A C   1 
ATOM   191  O  O   . GLU A 1 27  ? -1.474  23.863  -2.295  1.00 16.96 ? 27  GLU A O   1 
ATOM   192  C  CB  . GLU A 1 27  ? -2.656  25.909  -4.499  1.00 20.32 ? 27  GLU A CB  1 
ATOM   193  C  CG  . GLU A 1 27  ? -3.178  27.343  -4.634  1.00 22.18 ? 27  GLU A CG  1 
ATOM   194  C  CD  . GLU A 1 27  ? -3.776  27.898  -3.344  1.00 24.20 ? 27  GLU A CD  1 
ATOM   195  O  OE1 . GLU A 1 27  ? -4.000  27.118  -2.388  1.00 25.37 ? 27  GLU A OE1 1 
ATOM   196  O  OE2 . GLU A 1 27  ? -4.032  29.122  -3.290  1.00 25.41 ? 27  GLU A OE2 1 
ATOM   197  N  N   . LEU A 1 28  ? -0.338  23.644  -4.229  1.00 19.16 ? 28  LEU A N   1 
ATOM   198  C  CA  . LEU A 1 28  ? 0.110   22.273  -3.960  1.00 19.14 ? 28  LEU A CA  1 
ATOM   199  C  C   . LEU A 1 28  ? 1.383   22.235  -3.097  1.00 19.67 ? 28  LEU A C   1 
ATOM   200  O  O   . LEU A 1 28  ? 1.818   21.158  -2.682  1.00 20.36 ? 28  LEU A O   1 
ATOM   201  C  CB  . LEU A 1 28  ? 0.343   21.518  -5.276  1.00 18.92 ? 28  LEU A CB  1 
ATOM   202  C  CG  . LEU A 1 28  ? -0.912  21.144  -6.077  1.00 19.18 ? 28  LEU A CG  1 
ATOM   203  C  CD1 . LEU A 1 28  ? -0.563  20.821  -7.524  1.00 19.34 ? 28  LEU A CD1 1 
ATOM   204  C  CD2 . LEU A 1 28  ? -1.646  19.973  -5.432  1.00 18.46 ? 28  LEU A CD2 1 
ATOM   205  N  N   . LYS A 1 29  ? 1.973   23.406  -2.842  1.00 19.16 ? 29  LYS A N   1 
ATOM   206  C  CA  . LYS A 1 29  ? 3.181   23.540  -2.021  1.00 19.88 ? 29  LYS A CA  1 
ATOM   207  C  C   . LYS A 1 29  ? 4.334   22.685  -2.559  1.00 20.14 ? 29  LYS A C   1 
ATOM   208  O  O   . LYS A 1 29  ? 5.019   21.985  -1.805  1.00 20.48 ? 29  LYS A O   1 
ATOM   209  C  CB  . LYS A 1 29  ? 2.869   23.222  -0.552  1.00 20.74 ? 29  LYS A CB  1 
ATOM   210  C  CG  . LYS A 1 29  ? 1.794   24.128  0.043   1.00 21.32 ? 29  LYS A CG  1 
ATOM   211  C  CD  . LYS A 1 29  ? 1.386   23.706  1.443   1.00 22.42 ? 29  LYS A CD  1 
ATOM   212  C  CE  . LYS A 1 29  ? 0.524   24.778  2.099   1.00 23.42 ? 29  LYS A CE  1 
ATOM   213  N  NZ  . LYS A 1 29  ? -0.079  24.331  3.387   1.00 24.60 ? 29  LYS A NZ  1 
ATOM   214  N  N   . LEU A 1 30  ? 4.539   22.754  -3.871  1.00 18.90 ? 30  LEU A N   1 
ATOM   215  C  CA  . LEU A 1 30  ? 5.573   21.971  -4.529  1.00 18.93 ? 30  LEU A CA  1 
ATOM   216  C  C   . LEU A 1 30  ? 6.941   22.603  -4.295  1.00 19.49 ? 30  LEU A C   1 
ATOM   217  O  O   . LEU A 1 30  ? 7.079   23.821  -4.392  1.00 18.34 ? 30  LEU A O   1 
ATOM   218  C  CB  . LEU A 1 30  ? 5.304   21.871  -6.037  1.00 18.00 ? 30  LEU A CB  1 
ATOM   219  C  CG  . LEU A 1 30  ? 4.008   21.177  -6.478  1.00 17.52 ? 30  LEU A CG  1 
ATOM   220  C  CD1 . LEU A 1 30  ? 3.996   20.984  -7.991  1.00 16.09 ? 30  LEU A CD1 1 
ATOM   221  C  CD2 . LEU A 1 30  ? 3.812   19.836  -5.772  1.00 16.77 ? 30  LEU A CD2 1 
ATOM   222  N  N   . PRO A 1 31  ? 7.960   21.777  -3.984  1.00 21.49 ? 31  PRO A N   1 
ATOM   223  C  CA  . PRO A 1 31  ? 9.330   22.291  -3.895  1.00 22.54 ? 31  PRO A CA  1 
ATOM   224  C  C   . PRO A 1 31  ? 9.810   22.833  -5.243  1.00 23.86 ? 31  PRO A C   1 
ATOM   225  O  O   . PRO A 1 31  ? 9.305   22.411  -6.284  1.00 23.16 ? 31  PRO A O   1 
ATOM   226  C  CB  . PRO A 1 31  ? 10.161  21.063  -3.498  1.00 22.63 ? 31  PRO A CB  1 
ATOM   227  C  CG  . PRO A 1 31  ? 9.197   20.022  -3.082  1.00 22.53 ? 31  PRO A CG  1 
ATOM   228  C  CD  . PRO A 1 31  ? 7.882   20.332  -3.701  1.00 21.74 ? 31  PRO A CD  1 
ATOM   229  N  N   . PRO A 1 32  ? 10.792  23.751  -5.229  1.00 25.82 ? 32  PRO A N   1 
ATOM   230  C  CA  . PRO A 1 32  ? 11.236  24.398  -6.467  1.00 27.12 ? 32  PRO A CA  1 
ATOM   231  C  C   . PRO A 1 32  ? 11.754  23.425  -7.533  1.00 28.41 ? 32  PRO A C   1 
ATOM   232  O  O   . PRO A 1 32  ? 11.612  23.701  -8.725  1.00 29.18 ? 32  PRO A O   1 
ATOM   233  C  CB  . PRO A 1 32  ? 12.351  25.344  -5.998  1.00 27.15 ? 32  PRO A CB  1 
ATOM   234  C  CG  . PRO A 1 32  ? 12.786  24.820  -4.680  1.00 27.09 ? 32  PRO A CG  1 
ATOM   235  C  CD  . PRO A 1 32  ? 11.590  24.174  -4.063  1.00 26.64 ? 32  PRO A CD  1 
ATOM   236  N  N   . HIS A 1 33  ? 12.333  22.300  -7.110  1.00 29.32 ? 33  HIS A N   1 
ATOM   237  C  CA  . HIS A 1 33  ? 12.835  21.294  -8.054  1.00 30.23 ? 33  HIS A CA  1 
ATOM   238  C  C   . HIS A 1 33  ? 11.723  20.446  -8.691  1.00 28.73 ? 33  HIS A C   1 
ATOM   239  O  O   . HIS A 1 33  ? 11.964  19.786  -9.701  1.00 28.67 ? 33  HIS A O   1 
ATOM   240  C  CB  . HIS A 1 33  ? 13.903  20.396  -7.399  1.00 31.90 ? 33  HIS A CB  1 
ATOM   241  C  CG  . HIS A 1 33  ? 13.355  19.372  -6.448  1.00 34.32 ? 33  HIS A CG  1 
ATOM   242  N  ND1 . HIS A 1 33  ? 13.010  19.669  -5.146  1.00 35.63 ? 33  HIS A ND1 1 
ATOM   243  C  CD2 . HIS A 1 33  ? 13.117  18.047  -6.605  1.00 35.37 ? 33  HIS A CD2 1 
ATOM   244  C  CE1 . HIS A 1 33  ? 12.571  18.576  -4.546  1.00 35.75 ? 33  HIS A CE1 1 
ATOM   245  N  NE2 . HIS A 1 33  ? 12.625  17.577  -5.409  1.00 36.12 ? 33  HIS A NE2 1 
ATOM   246  N  N   . ILE A 1 34  ? 10.521  20.466  -8.113  1.00 26.76 ? 34  ILE A N   1 
ATOM   247  C  CA  . ILE A 1 34  ? 9.380   19.732  -8.675  1.00 25.64 ? 34  ILE A CA  1 
ATOM   248  C  C   . ILE A 1 34  ? 8.656   20.576  -9.725  1.00 24.41 ? 34  ILE A C   1 
ATOM   249  O  O   . ILE A 1 34  ? 7.867   21.460  -9.389  1.00 24.78 ? 34  ILE A O   1 
ATOM   250  C  CB  . ILE A 1 34  ? 8.377   19.294  -7.579  1.00 25.84 ? 34  ILE A CB  1 
ATOM   251  C  CG1 . ILE A 1 34  ? 9.040   18.330  -6.594  1.00 25.86 ? 34  ILE A CG1 1 
ATOM   252  C  CG2 . ILE A 1 34  ? 7.159   18.626  -8.203  1.00 25.44 ? 34  ILE A CG2 1 
ATOM   253  C  CD1 . ILE A 1 34  ? 9.509   17.030  -7.221  1.00 26.62 ? 34  ILE A CD1 1 
ATOM   254  N  N   . ARG A 1 35  ? 8.927   20.274  -10.994 1.00 22.99 ? 35  ARG A N   1 
ATOM   255  C  CA  . ARG A 1 35  ? 8.408   21.029  -12.135 0.50 21.58 ? 35  ARG A CA  1 
ATOM   256  C  C   . ARG A 1 35  ? 7.238   20.321  -12.824 1.00 20.55 ? 35  ARG A C   1 
ATOM   257  O  O   . ARG A 1 35  ? 6.316   20.975  -13.329 1.00 19.98 ? 35  ARG A O   1 
ATOM   258  C  CB  . ARG A 1 35  ? 9.524   21.227  -13.165 0.50 21.45 ? 35  ARG A CB  1 
ATOM   259  C  CG  . ARG A 1 35  ? 10.826  21.780  -12.600 0.50 21.50 ? 35  ARG A CG  1 
ATOM   260  C  CD  . ARG A 1 35  ? 10.736  23.272  -12.358 0.50 21.70 ? 35  ARG A CD  1 
ATOM   261  N  NE  . ARG A 1 35  ? 12.038  23.851  -12.043 0.50 22.02 ? 35  ARG A NE  1 
ATOM   262  C  CZ  . ARG A 1 35  ? 12.442  25.044  -12.466 0.50 21.92 ? 35  ARG A CZ  1 
ATOM   263  N  NH1 . ARG A 1 35  ? 11.646  25.777  -13.232 0.50 21.30 ? 35  ARG A NH1 1 
ATOM   264  N  NH2 . ARG A 1 35  ? 13.643  25.499  -12.134 0.50 22.10 ? 35  ARG A NH2 1 
ATOM   265  N  N   . SER A 1 36  ? 7.299   18.990  -12.870 1.00 18.74 ? 36  SER A N   1 
ATOM   266  C  CA  . SER A 1 36  ? 6.311   18.174  -13.576 1.00 17.82 ? 36  SER A CA  1 
ATOM   267  C  C   . SER A 1 36  ? 5.524   17.301  -12.614 1.00 17.32 ? 36  SER A C   1 
ATOM   268  O  O   . SER A 1 36  ? 5.954   17.047  -11.484 1.00 16.87 ? 36  SER A O   1 
ATOM   269  C  CB  . SER A 1 36  ? 6.995   17.288  -14.613 1.00 17.43 ? 36  SER A CB  1 
ATOM   270  O  OG  . SER A 1 36  ? 7.801   18.060  -15.476 1.00 19.62 ? 36  SER A OG  1 
ATOM   271  N  N   . LEU A 1 37  ? 4.376   16.825  -13.090 1.00 17.16 ? 37  LEU A N   1 
ATOM   272  C  CA  . LEU A 1 37  ? 3.415   16.123  -12.254 1.00 16.93 ? 37  LEU A CA  1 
ATOM   273  C  C   . LEU A 1 37  ? 2.796   14.956  -13.029 1.00 17.23 ? 37  LEU A C   1 
ATOM   274  O  O   . LEU A 1 37  ? 2.285   15.135  -14.138 1.00 16.00 ? 37  LEU A O   1 
ATOM   275  C  CB  . LEU A 1 37  ? 2.335   17.110  -11.811 1.00 17.02 ? 37  LEU A CB  1 
ATOM   276  C  CG  . LEU A 1 37  ? 1.670   16.953  -10.446 1.00 18.56 ? 37  LEU A CG  1 
ATOM   277  C  CD1 . LEU A 1 37  ? 2.687   17.052  -9.317  1.00 19.02 ? 37  LEU A CD1 1 
ATOM   278  C  CD2 . LEU A 1 37  ? 0.585   18.023  -10.293 1.00 17.66 ? 37  LEU A CD2 1 
ATOM   279  N  N   . GLY A 1 38  ? 2.876   13.760  -12.451 1.00 16.97 ? 38  GLY A N   1 
ATOM   280  C  CA  . GLY A 1 38  ? 2.236   12.572  -13.014 1.00 16.32 ? 38  GLY A CA  1 
ATOM   281  C  C   . GLY A 1 38  ? 0.986   12.240  -12.219 1.00 15.69 ? 38  GLY A C   1 
ATOM   282  O  O   . GLY A 1 38  ? 1.025   12.185  -10.990 1.00 16.24 ? 38  GLY A O   1 
ATOM   283  N  N   . LEU A 1 39  ? -0.124  12.031  -12.921 1.00 14.93 ? 39  LEU A N   1 
ATOM   284  C  CA  . LEU A 1 39  ? -1.400  11.712  -12.287 1.00 13.96 ? 39  LEU A CA  1 
ATOM   285  C  C   . LEU A 1 39  ? -1.827  10.315  -12.701 1.00 13.41 ? 39  LEU A C   1 
ATOM   286  O  O   . LEU A 1 39  ? -1.886  10.009  -13.891 1.00 12.09 ? 39  LEU A O   1 
ATOM   287  C  CB  . LEU A 1 39  ? -2.474  12.717  -12.708 1.00 13.69 ? 39  LEU A CB  1 
ATOM   288  C  CG  . LEU A 1 39  ? -2.142  14.203  -12.553 1.00 14.11 ? 39  LEU A CG  1 
ATOM   289  C  CD1 . LEU A 1 39  ? -3.326  15.058  -13.010 1.00 13.10 ? 39  LEU A CD1 1 
ATOM   290  C  CD2 . LEU A 1 39  ? -1.765  14.520  -11.115 1.00 14.59 ? 39  LEU A CD2 1 
ATOM   291  N  N   . ILE A 1 40  ? -2.113  9.465   -11.719 1.00 14.17 ? 40  ILE A N   1 
ATOM   292  C  CA  . ILE A 1 40  ? -2.609  8.120   -11.996 1.00 15.31 ? 40  ILE A CA  1 
ATOM   293  C  C   . ILE A 1 40  ? -3.709  7.754   -11.003 1.00 15.37 ? 40  ILE A C   1 
ATOM   294  O  O   . ILE A 1 40  ? -3.594  8.034   -9.813  1.00 13.17 ? 40  ILE A O   1 
ATOM   295  C  CB  . ILE A 1 40  ? -1.465  7.071   -11.975 1.00 15.76 ? 40  ILE A CB  1 
ATOM   296  C  CG1 . ILE A 1 40  ? -1.990  5.692   -12.397 1.00 16.15 ? 40  ILE A CG1 1 
ATOM   297  C  CG2 . ILE A 1 40  ? -0.795  7.017   -10.599 1.00 15.17 ? 40  ILE A CG2 1 
ATOM   298  C  CD1 . ILE A 1 40  ? -0.891  4.702   -12.766 1.00 16.55 ? 40  ILE A CD1 1 
ATOM   299  N  N   . SER A 1 41  ? -4.791  7.162   -11.512 1.00 17.30 ? 41  SER A N   1 
ATOM   300  C  CA  . SER A 1 41  ? -5.885  6.690   -10.671 1.00 18.34 ? 41  SER A CA  1 
ATOM   301  C  C   . SER A 1 41  ? -6.117  5.198   -10.892 1.00 18.54 ? 41  SER A C   1 
ATOM   302  O  O   . SER A 1 41  ? -5.987  4.701   -12.013 1.00 17.72 ? 41  SER A O   1 
ATOM   303  C  CB  . SER A 1 41  ? -7.171  7.487   -10.935 1.00 19.18 ? 41  SER A CB  1 
ATOM   304  O  OG  . SER A 1 41  ? -7.591  7.369   -12.281 1.00 20.32 ? 41  SER A OG  1 
ATOM   305  N  N   . ALA A 1 42  ? -6.441  4.496   -9.805  1.00 19.92 ? 42  ALA A N   1 
ATOM   306  C  CA  . ALA A 1 42  ? -6.700  3.053   -9.828  1.00 20.20 ? 42  ALA A CA  1 
ATOM   307  C  C   . ALA A 1 42  ? -7.880  2.705   -8.916  1.00 20.66 ? 42  ALA A C   1 
ATOM   308  O  O   . ALA A 1 42  ? -8.375  3.556   -8.175  1.00 21.14 ? 42  ALA A O   1 
ATOM   309  C  CB  . ALA A 1 42  ? -5.459  2.294   -9.402  1.00 19.38 ? 42  ALA A CB  1 
ATOM   310  N  N   . ASP A 1 43  ? -8.321  1.449   -8.973  1.00 22.30 ? 43  ASP A N   1 
ATOM   311  C  CA  . ASP A 1 43  ? -9.502  1.003   -8.222  1.00 23.78 ? 43  ASP A CA  1 
ATOM   312  C  C   . ASP A 1 43  ? -9.169  0.184   -6.966  1.00 23.68 ? 43  ASP A C   1 
ATOM   313  O  O   . ASP A 1 43  ? -10.039 -0.483  -6.415  1.00 24.51 ? 43  ASP A O   1 
ATOM   314  C  CB  . ASP A 1 43  ? -10.458 0.221   -9.139  1.00 24.79 ? 43  ASP A CB  1 
ATOM   315  C  CG  . ASP A 1 43  ? -9.880  -1.108  -9.620  1.00 25.33 ? 43  ASP A CG  1 
ATOM   316  O  OD1 . ASP A 1 43  ? -8.703  -1.415  -9.328  1.00 24.23 ? 43  ASP A OD1 1 
ATOM   317  O  OD2 . ASP A 1 43  ? -10.619 -1.849  -10.303 1.00 27.03 ? 43  ASP A OD2 1 
ATOM   318  N  N   . SER A 1 44  ? -7.914  0.243   -6.526  1.00 23.62 ? 44  SER A N   1 
ATOM   319  C  CA  . SER A 1 44  ? -7.466  -0.427  -5.302  1.00 22.74 ? 44  SER A CA  1 
ATOM   320  C  C   . SER A 1 44  ? -6.669  0.564   -4.464  1.00 21.85 ? 44  SER A C   1 
ATOM   321  O  O   . SER A 1 44  ? -5.944  1.402   -5.008  1.00 22.99 ? 44  SER A O   1 
ATOM   322  C  CB  . SER A 1 44  ? -6.601  -1.644  -5.640  1.00 22.47 ? 44  SER A CB  1 
ATOM   323  O  OG  . SER A 1 44  ? -6.105  -2.278  -4.469  1.00 22.77 ? 44  SER A OG  1 
ATOM   324  N  N   . ASP A 1 45  ? -6.798  0.465   -3.146  1.00 20.81 ? 45  ASP A N   1 
ATOM   325  C  CA  . ASP A 1 45  ? -6.151  1.411   -2.242  1.00 20.40 ? 45  ASP A CA  1 
ATOM   326  C  C   . ASP A 1 45  ? -4.683  1.058   -2.006  1.00 19.13 ? 45  ASP A C   1 
ATOM   327  O  O   . ASP A 1 45  ? -3.787  1.736   -2.506  1.00 19.78 ? 45  ASP A O   1 
ATOM   328  C  CB  . ASP A 1 45  ? -6.904  1.483   -0.906  1.00 21.00 ? 45  ASP A CB  1 
ATOM   329  C  CG  . ASP A 1 45  ? -8.293  2.100   -1.043  1.00 21.42 ? 45  ASP A CG  1 
ATOM   330  O  OD1 . ASP A 1 45  ? -8.457  3.038   -1.844  1.00 22.37 ? 45  ASP A OD1 1 
ATOM   331  O  OD2 . ASP A 1 45  ? -9.223  1.653   -0.339  1.00 21.83 ? 45  ASP A OD2 1 
ATOM   332  N  N   . ASP A 1 46  ? -4.446  -0.019  -1.265  1.00 17.20 ? 46  ASP A N   1 
ATOM   333  C  CA  . ASP A 1 46  ? -3.116  -0.321  -0.732  1.00 15.55 ? 46  ASP A CA  1 
ATOM   334  C  C   . ASP A 1 46  ? -2.115  -0.819  -1.773  1.00 14.93 ? 46  ASP A C   1 
ATOM   335  O  O   . ASP A 1 46  ? -0.917  -0.577  -1.638  1.00 15.71 ? 46  ASP A O   1 
ATOM   336  C  CB  . ASP A 1 46  ? -3.237  -1.321  0.418   1.00 14.60 ? 46  ASP A CB  1 
ATOM   337  C  CG  . ASP A 1 46  ? -4.080  -0.782  1.556   1.00 14.12 ? 46  ASP A CG  1 
ATOM   338  O  OD1 . ASP A 1 46  ? -3.550  -0.001  2.374   1.00 13.73 ? 46  ASP A OD1 1 
ATOM   339  O  OD2 . ASP A 1 46  ? -5.279  -1.121  1.616   1.00 12.42 ? 46  ASP A OD2 1 
ATOM   340  N  N   . VAL A 1 47  ? -2.600  -1.516  -2.797  1.00 14.13 ? 47  VAL A N   1 
ATOM   341  C  CA  . VAL A 1 47  ? -1.746  -1.946  -3.905  1.00 14.43 ? 47  VAL A CA  1 
ATOM   342  C  C   . VAL A 1 47  ? -1.188  -0.732  -4.653  1.00 15.37 ? 47  VAL A C   1 
ATOM   343  O  O   . VAL A 1 47  ? -0.017  -0.721  -5.044  1.00 14.57 ? 47  VAL A O   1 
ATOM   344  C  CB  . VAL A 1 47  ? -2.509  -2.858  -4.895  1.00 14.49 ? 47  VAL A CB  1 
ATOM   345  C  CG1 . VAL A 1 47  ? -1.732  -3.020  -6.203  1.00 13.61 ? 47  VAL A CG1 1 
ATOM   346  C  CG2 . VAL A 1 47  ? -2.786  -4.215  -4.253  1.00 13.96 ? 47  VAL A CG2 1 
ATOM   347  N  N   . THR A 1 48  ? -2.030  0.283   -4.846  1.00 14.69 ? 48  THR A N   1 
ATOM   348  C  CA  . THR A 1 48  ? -1.591  1.543   -5.443  1.00 14.54 ? 48  THR A CA  1 
ATOM   349  C  C   . THR A 1 48  ? -0.551  2.246   -4.558  1.00 14.53 ? 48  THR A C   1 
ATOM   350  O  O   . THR A 1 48  ? 0.436   2.769   -5.073  1.00 14.95 ? 48  THR A O   1 
ATOM   351  C  CB  . THR A 1 48  ? -2.786  2.493   -5.704  1.00 14.96 ? 48  THR A CB  1 
ATOM   352  O  OG1 . THR A 1 48  ? -3.729  1.855   -6.575  1.00 15.35 ? 48  THR A OG1 1 
ATOM   353  C  CG2 . THR A 1 48  ? -2.322  3.795   -6.339  1.00 15.05 ? 48  THR A CG2 1 
ATOM   354  N  N   . TYR A 1 49  ? -0.764  2.253   -3.240  1.00 13.40 ? 49  TYR A N   1 
ATOM   355  C  CA  . TYR A 1 49  ? 0.168   2.921   -2.316  1.00 13.70 ? 49  TYR A CA  1 
ATOM   356  C  C   . TYR A 1 49  ? 1.551   2.264   -2.331  1.00 13.89 ? 49  TYR A C   1 
ATOM   357  O  O   . TYR A 1 49  ? 2.577   2.951   -2.269  1.00 14.05 ? 49  TYR A O   1 
ATOM   358  C  CB  . TYR A 1 49  ? -0.344  2.915   -0.864  1.00 13.98 ? 49  TYR A CB  1 
ATOM   359  C  CG  . TYR A 1 49  ? -1.702  3.551   -0.601  1.00 14.79 ? 49  TYR A CG  1 
ATOM   360  C  CD1 . TYR A 1 49  ? -2.196  4.586   -1.394  1.00 15.97 ? 49  TYR A CD1 1 
ATOM   361  C  CD2 . TYR A 1 49  ? -2.472  3.137   0.482   1.00 15.21 ? 49  TYR A CD2 1 
ATOM   362  C  CE1 . TYR A 1 49  ? -3.431  5.166   -1.131  1.00 16.03 ? 49  TYR A CE1 1 
ATOM   363  C  CE2 . TYR A 1 49  ? -3.704  3.709   0.755   1.00 15.23 ? 49  TYR A CE2 1 
ATOM   364  C  CZ  . TYR A 1 49  ? -4.180  4.723   -0.052  1.00 16.49 ? 49  TYR A CZ  1 
ATOM   365  O  OH  . TYR A 1 49  ? -5.406  5.297   0.221   1.00 17.21 ? 49  TYR A OH  1 
ATOM   366  N  N   . ILE A 1 50  ? 1.571   0.935   -2.388  1.00 12.15 ? 50  ILE A N   1 
ATOM   367  C  CA  . ILE A 1 50  ? 2.824   0.189   -2.456  1.00 11.71 ? 50  ILE A CA  1 
ATOM   368  C  C   . ILE A 1 50  ? 3.536   0.457   -3.786  1.00 12.01 ? 50  ILE A C   1 
ATOM   369  O  O   . ILE A 1 50  ? 4.759   0.635   -3.826  1.00 11.26 ? 50  ILE A O   1 
ATOM   370  C  CB  . ILE A 1 50  ? 2.580   -1.323  -2.281  1.00 11.10 ? 50  ILE A CB  1 
ATOM   371  C  CG1 . ILE A 1 50  ? 2.115   -1.621  -0.850  1.00 11.06 ? 50  ILE A CG1 1 
ATOM   372  C  CG2 . ILE A 1 50  ? 3.837   -2.121  -2.592  1.00 9.77  ? 50  ILE A CG2 1 
ATOM   373  C  CD1 . ILE A 1 50  ? 1.556   -3.019  -0.673  1.00 10.93 ? 50  ILE A CD1 1 
ATOM   374  N  N   . ALA A 1 51  ? 2.762   0.490   -4.867  1.00 11.57 ? 51  ALA A N   1 
ATOM   375  C  CA  . ALA A 1 51  ? 3.289   0.808   -6.192  1.00 12.20 ? 51  ALA A CA  1 
ATOM   376  C  C   . ALA A 1 51  ? 3.915   2.209   -6.235  1.00 12.75 ? 51  ALA A C   1 
ATOM   377  O  O   . ALA A 1 51  ? 4.947   2.407   -6.879  1.00 11.59 ? 51  ALA A O   1 
ATOM   378  C  CB  . ALA A 1 51  ? 2.190   0.692   -7.237  1.00 11.48 ? 51  ALA A CB  1 
ATOM   379  N  N   . ALA A 1 52  ? 3.289   3.165   -5.545  1.00 12.87 ? 52  ALA A N   1 
ATOM   380  C  CA  . ALA A 1 52  ? 3.795   4.541   -5.461  1.00 13.22 ? 52  ALA A CA  1 
ATOM   381  C  C   . ALA A 1 52  ? 5.156   4.608   -4.768  1.00 13.79 ? 52  ALA A C   1 
ATOM   382  O  O   . ALA A 1 52  ? 6.067   5.301   -5.234  1.00 13.30 ? 52  ALA A O   1 
ATOM   383  C  CB  . ALA A 1 52  ? 2.791   5.435   -4.731  1.00 11.90 ? 52  ALA A CB  1 
ATOM   384  N  N   . ASP A 1 53  ? 5.281   3.893   -3.651  1.00 14.32 ? 53  ASP A N   1 
ATOM   385  C  CA  . ASP A 1 53  ? 6.536   3.833   -2.894  1.00 15.33 ? 53  ASP A CA  1 
ATOM   386  C  C   . ASP A 1 53  ? 7.658   3.220   -3.725  1.00 15.82 ? 53  ASP A C   1 
ATOM   387  O  O   . ASP A 1 53  ? 8.804   3.681   -3.688  1.00 16.48 ? 53  ASP A O   1 
ATOM   388  C  CB  . ASP A 1 53  ? 6.352   3.005   -1.621  1.00 15.56 ? 53  ASP A CB  1 
ATOM   389  C  CG  . ASP A 1 53  ? 7.594   3.001   -0.752  1.00 16.44 ? 53  ASP A CG  1 
ATOM   390  O  OD1 . ASP A 1 53  ? 7.989   4.089   -0.278  1.00 15.63 ? 53  ASP A OD1 1 
ATOM   391  O  OD2 . ASP A 1 53  ? 8.183   1.914   -0.547  1.00 16.82 ? 53  ASP A OD2 1 
ATOM   392  N  N   . GLU A 1 54  ? 7.311   2.174   -4.465  1.00 15.85 ? 54  GLU A N   1 
ATOM   393  C  CA  . GLU A 1 54  ? 8.242   1.503   -5.360  1.00 16.32 ? 54  GLU A CA  1 
ATOM   394  C  C   . GLU A 1 54  ? 8.725   2.445   -6.467  1.00 14.96 ? 54  GLU A C   1 
ATOM   395  O  O   . GLU A 1 54  ? 9.893   2.406   -6.852  1.00 13.80 ? 54  GLU A O   1 
ATOM   396  C  CB  . GLU A 1 54  ? 7.579   0.266   -5.971  1.00 18.73 ? 54  GLU A CB  1 
ATOM   397  C  CG  . GLU A 1 54  ? 8.556   -0.825  -6.368  1.00 22.58 ? 54  GLU A CG  1 
ATOM   398  C  CD  . GLU A 1 54  ? 9.112   -1.604  -5.182  1.00 24.69 ? 54  GLU A CD  1 
ATOM   399  O  OE1 . GLU A 1 54  ? 10.272  -2.063  -5.273  1.00 27.75 ? 54  GLU A OE1 1 
ATOM   400  O  OE2 . GLU A 1 54  ? 8.403   -1.763  -4.163  1.00 26.29 ? 54  GLU A OE2 1 
ATOM   401  N  N   . ALA A 1 55  ? 7.831   3.301   -6.962  1.00 13.50 ? 55  ALA A N   1 
ATOM   402  C  CA  . ALA A 1 55  ? 8.193   4.301   -7.974  1.00 13.36 ? 55  ALA A CA  1 
ATOM   403  C  C   . ALA A 1 55  ? 9.268   5.283   -7.491  1.00 13.30 ? 55  ALA A C   1 
ATOM   404  O  O   . ALA A 1 55  ? 10.083  5.740   -8.293  1.00 13.87 ? 55  ALA A O   1 
ATOM   405  C  CB  . ALA A 1 55  ? 6.958   5.061   -8.430  1.00 13.65 ? 55  ALA A CB  1 
ATOM   406  N  N   . THR A 1 56  ? 9.278   5.596   -6.193  1.00 13.26 ? 56  THR A N   1 
ATOM   407  C  CA  . THR A 1 56  ? 10.250  6.556   -5.630  1.00 12.84 ? 56  THR A CA  1 
ATOM   408  C  C   . THR A 1 56  ? 11.689  6.033   -5.660  1.00 12.34 ? 56  THR A C   1 
ATOM   409  O  O   . THR A 1 56  ? 12.635  6.820   -5.660  1.00 12.25 ? 56  THR A O   1 
ATOM   410  C  CB  . THR A 1 56  ? 9.905   6.977   -4.167  1.00 12.85 ? 56  THR A CB  1 
ATOM   411  O  OG1 . THR A 1 56  ? 10.146  5.887   -3.264  1.00 12.10 ? 56  THR A OG1 1 
ATOM   412  C  CG2 . THR A 1 56  ? 8.449   7.432   -4.058  1.00 11.77 ? 56  THR A CG2 1 
ATOM   413  N  N   . LYS A 1 57  ? 11.848  4.713   -5.673  1.00 12.76 ? 57  LYS A N   1 
ATOM   414  C  CA  . LYS A 1 57  ? 13.162  4.086   -5.827  1.00 13.99 ? 57  LYS A CA  1 
ATOM   415  C  C   . LYS A 1 57  ? 13.577  3.986   -7.296  1.00 15.43 ? 57  LYS A C   1 
ATOM   416  O  O   . LYS A 1 57  ? 14.761  4.081   -7.618  1.00 17.45 ? 57  LYS A O   1 
ATOM   417  C  CB  . LYS A 1 57  ? 13.164  2.683   -5.212  1.00 13.78 ? 57  LYS A CB  1 
ATOM   418  C  CG  . LYS A 1 57  ? 12.810  2.649   -3.732  1.00 13.89 ? 57  LYS A CG  1 
ATOM   419  C  CD  . LYS A 1 57  ? 12.922  1.243   -3.151  1.00 13.67 ? 57  LYS A CD  1 
ATOM   420  C  CE  . LYS A 1 57  ? 11.756  0.361   -3.574  1.00 13.38 ? 57  LYS A CE  1 
ATOM   421  N  NZ  . LYS A 1 57  ? 11.992  -1.077  -3.266  1.00 12.59 ? 57  LYS A NZ  1 
ATOM   422  N  N   . GLN A 1 58  ? 12.603  3.801   -8.183  1.00 17.26 ? 58  GLN A N   1 
ATOM   423  C  CA  . GLN A 1 58  ? 12.881  3.538   -9.599  1.00 18.90 ? 58  GLN A CA  1 
ATOM   424  C  C   . GLN A 1 58  ? 13.026  4.797   -10.453 1.00 18.11 ? 58  GLN A C   1 
ATOM   425  O  O   . GLN A 1 58  ? 13.590  4.741   -11.549 1.00 18.71 ? 58  GLN A O   1 
ATOM   426  C  CB  . GLN A 1 58  ? 11.786  2.647   -10.180 1.00 21.12 ? 58  GLN A CB  1 
ATOM   427  C  CG  . GLN A 1 58  ? 11.572  1.375   -9.380  1.00 23.65 ? 58  GLN A CG  1 
ATOM   428  C  CD  . GLN A 1 58  ? 10.751  0.345   -10.121 1.00 26.11 ? 58  GLN A CD  1 
ATOM   429  O  OE1 . GLN A 1 58  ? 11.088  -0.039  -11.239 1.00 29.22 ? 58  GLN A OE1 1 
ATOM   430  N  NE2 . GLN A 1 58  ? 9.675   -0.122  -9.495  1.00 27.59 ? 58  GLN A NE2 1 
ATOM   431  N  N   . ALA A 1 59  ? 12.517  5.923   -9.958  1.00 17.25 ? 59  ALA A N   1 
ATOM   432  C  CA  . ALA A 1 59  ? 12.601  7.196   -10.677 1.00 16.83 ? 59  ALA A CA  1 
ATOM   433  C  C   . ALA A 1 59  ? 12.888  8.351   -9.723  1.00 16.23 ? 59  ALA A C   1 
ATOM   434  O  O   . ALA A 1 59  ? 12.788  8.204   -8.504  1.00 14.73 ? 59  ALA A O   1 
ATOM   435  C  CB  . ALA A 1 59  ? 11.304  7.452   -11.433 1.00 15.94 ? 59  ALA A CB  1 
ATOM   436  N  N   . MET A 1 60  ? 13.242  9.500   -10.291 1.00 16.42 ? 60  MET A N   1 
ATOM   437  C  CA  . MET A 1 60  ? 13.397  10.731  -9.523  1.00 16.97 ? 60  MET A CA  1 
ATOM   438  C  C   . MET A 1 60  ? 12.017  11.361  -9.326  1.00 16.49 ? 60  MET A C   1 
ATOM   439  O  O   . MET A 1 60  ? 11.686  12.377  -9.941  1.00 16.83 ? 60  MET A O   1 
ATOM   440  C  CB  . MET A 1 60  ? 14.336  11.703  -10.246 1.00 18.37 ? 60  MET A CB  1 
ATOM   441  C  CG  . MET A 1 60  ? 15.751  11.167  -10.457 1.00 19.88 ? 60  MET A CG  1 
ATOM   442  S  SD  . MET A 1 60  ? 16.841  12.290  -11.376 1.00 22.25 ? 60  MET A SD  1 
ATOM   443  C  CE  . MET A 1 60  ? 16.938  13.676  -10.241 1.00 22.05 ? 60  MET A CE  1 
ATOM   444  N  N   . VAL A 1 61  ? 11.205  10.729  -8.483  1.00 14.57 ? 61  VAL A N   1 
ATOM   445  C  CA  . VAL A 1 61  ? 9.887   11.250  -8.146  1.00 14.63 ? 61  VAL A CA  1 
ATOM   446  C  C   . VAL A 1 61  ? 9.610   11.107  -6.658  1.00 15.94 ? 61  VAL A C   1 
ATOM   447  O  O   . VAL A 1 61  ? 10.244  10.305  -5.964  1.00 15.30 ? 61  VAL A O   1 
ATOM   448  C  CB  . VAL A 1 61  ? 8.754   10.536  -8.932  1.00 14.16 ? 61  VAL A CB  1 
ATOM   449  C  CG1 . VAL A 1 61  ? 8.875   10.814  -10.434 1.00 11.89 ? 61  VAL A CG1 1 
ATOM   450  C  CG2 . VAL A 1 61  ? 8.748   9.039   -8.644  1.00 12.53 ? 61  VAL A CG2 1 
ATOM   451  N  N   . GLU A 1 62  ? 8.664   11.907  -6.178  1.00 17.81 ? 62  GLU A N   1 
ATOM   452  C  CA  . GLU A 1 62  ? 8.143   11.775  -4.826  1.00 20.11 ? 62  GLU A CA  1 
ATOM   453  C  C   . GLU A 1 62  ? 6.638   11.970  -4.867  1.00 19.54 ? 62  GLU A C   1 
ATOM   454  O  O   . GLU A 1 62  ? 6.112   12.602  -5.787  1.00 18.61 ? 62  GLU A O   1 
ATOM   455  C  CB  . GLU A 1 62  ? 8.804   12.782  -3.882  1.00 23.26 ? 62  GLU A CB  1 
ATOM   456  C  CG  . GLU A 1 62  ? 8.468   14.237  -4.158  1.00 26.41 ? 62  GLU A CG  1 
ATOM   457  C  CD  . GLU A 1 62  ? 9.526   15.189  -3.619  1.00 29.82 ? 62  GLU A CD  1 
ATOM   458  O  OE1 . GLU A 1 62  ? 10.673  15.154  -4.125  1.00 32.34 ? 62  GLU A OE1 1 
ATOM   459  O  OE2 . GLU A 1 62  ? 9.211   15.979  -2.700  1.00 31.92 ? 62  GLU A OE2 1 
ATOM   460  N  N   . VAL A 1 63  ? 5.948   11.410  -3.877  1.00 19.49 ? 63  VAL A N   1 
ATOM   461  C  CA  . VAL A 1 63  ? 4.496   11.505  -3.807  1.00 19.40 ? 63  VAL A CA  1 
ATOM   462  C  C   . VAL A 1 63  ? 4.114   12.864  -3.226  1.00 19.71 ? 63  VAL A C   1 
ATOM   463  O  O   . VAL A 1 63  ? 4.474   13.181  -2.093  1.00 20.06 ? 63  VAL A O   1 
ATOM   464  C  CB  . VAL A 1 63  ? 3.893   10.374  -2.949  1.00 19.63 ? 63  VAL A CB  1 
ATOM   465  C  CG1 . VAL A 1 63  ? 2.370   10.485  -2.909  1.00 19.29 ? 63  VAL A CG1 1 
ATOM   466  C  CG2 . VAL A 1 63  ? 4.324   9.009   -3.487  1.00 19.01 ? 63  VAL A CG2 1 
ATOM   467  N  N   . VAL A 1 64  ? 3.401   13.665  -4.014  1.00 20.24 ? 64  VAL A N   1 
ATOM   468  C  CA  . VAL A 1 64  ? 2.948   14.988  -3.581  1.00 20.75 ? 64  VAL A CA  1 
ATOM   469  C  C   . VAL A 1 64  ? 1.764   14.870  -2.624  1.00 21.39 ? 64  VAL A C   1 
ATOM   470  O  O   . VAL A 1 64  ? 0.786   14.182  -2.919  1.00 21.96 ? 64  VAL A O   1 
ATOM   471  C  CB  . VAL A 1 64  ? 2.533   15.860  -4.783  1.00 20.67 ? 64  VAL A CB  1 
ATOM   472  C  CG1 . VAL A 1 64  ? 1.880   17.153  -4.306  1.00 20.58 ? 64  VAL A CG1 1 
ATOM   473  C  CG2 . VAL A 1 64  ? 3.740   16.148  -5.681  1.00 19.20 ? 64  VAL A CG2 1 
ATOM   474  N  N   . ALA A 1 71  ? -1.117  6.325   5.574   1.00 49.57 ? 71  ALA A N   1 
ATOM   475  C  CA  . ALA A 1 71  ? -1.296  5.936   6.969   1.00 49.32 ? 71  ALA A CA  1 
ATOM   476  C  C   . ALA A 1 71  ? -2.771  6.005   7.371   1.00 49.33 ? 71  ALA A C   1 
ATOM   477  O  O   . ALA A 1 71  ? -3.427  4.968   7.505   1.00 49.58 ? 71  ALA A O   1 
ATOM   478  C  CB  . ALA A 1 71  ? -0.446  6.820   7.879   1.00 49.50 ? 71  ALA A CB  1 
ATOM   479  N  N   . GLY A 1 72  ? -3.284  7.225   7.545   1.00 48.19 ? 72  GLY A N   1 
ATOM   480  C  CA  . GLY A 1 72  ? -4.691  7.450   7.895   1.00 46.66 ? 72  GLY A CA  1 
ATOM   481  C  C   . GLY A 1 72  ? -5.544  7.758   6.675   1.00 45.01 ? 72  GLY A C   1 
ATOM   482  O  O   . GLY A 1 72  ? -6.347  8.693   6.692   1.00 45.02 ? 72  GLY A O   1 
ATOM   483  N  N   . ALA A 1 73  ? -5.362  6.966   5.618   1.00 42.84 ? 73  ALA A N   1 
ATOM   484  C  CA  . ALA A 1 73  ? -6.101  7.115   4.362   1.00 40.23 ? 73  ALA A CA  1 
ATOM   485  C  C   . ALA A 1 73  ? -7.125  5.984   4.220   1.00 37.49 ? 73  ALA A C   1 
ATOM   486  O  O   . ALA A 1 73  ? -7.360  5.230   5.166   1.00 37.85 ? 73  ALA A O   1 
ATOM   487  C  CB  . ALA A 1 73  ? -5.130  7.103   3.190   1.00 39.84 ? 73  ALA A CB  1 
ATOM   488  N  N   . ALA A 1 74  ? -7.739  5.878   3.044   1.00 34.14 ? 74  ALA A N   1 
ATOM   489  C  CA  . ALA A 1 74  ? -8.638  4.770   2.741   1.00 30.94 ? 74  ALA A CA  1 
ATOM   490  C  C   . ALA A 1 74  ? -7.822  3.503   2.479   1.00 28.73 ? 74  ALA A C   1 
ATOM   491  O  O   . ALA A 1 74  ? -6.747  3.570   1.880   1.00 26.82 ? 74  ALA A O   1 
ATOM   492  C  CB  . ALA A 1 74  ? -9.502  5.101   1.540   1.00 30.17 ? 74  ALA A CB  1 
ATOM   493  N  N   . HIS A 1 75  ? -8.328  2.361   2.942   1.00 26.48 ? 75  HIS A N   1 
ATOM   494  C  CA  . HIS A 1 75  ? -7.687  1.062   2.712   1.00 24.66 ? 75  HIS A CA  1 
ATOM   495  C  C   . HIS A 1 75  ? -8.716  0.049   2.227   1.00 23.32 ? 75  HIS A C   1 
ATOM   496  O  O   . HIS A 1 75  ? -9.893  0.147   2.568   1.00 21.76 ? 75  HIS A O   1 
ATOM   497  C  CB  . HIS A 1 75  ? -7.025  0.555   3.995   1.00 24.04 ? 75  HIS A CB  1 
ATOM   498  C  CG  . HIS A 1 75  ? -6.048  1.519   4.592   1.00 24.05 ? 75  HIS A CG  1 
ATOM   499  N  ND1 . HIS A 1 75  ? -4.738  1.606   4.171   1.00 23.67 ? 75  HIS A ND1 1 
ATOM   500  C  CD2 . HIS A 1 75  ? -6.191  2.443   5.571   1.00 24.17 ? 75  HIS A CD2 1 
ATOM   501  C  CE1 . HIS A 1 75  ? -4.116  2.541   4.867   1.00 23.96 ? 75  HIS A CE1 1 
ATOM   502  N  NE2 . HIS A 1 75  ? -4.976  3.067   5.721   1.00 24.51 ? 75  HIS A NE2 1 
ATOM   503  N  N   . GLY A 1 76  ? -8.269  -0.918  1.428   1.00 22.86 ? 76  GLY A N   1 
ATOM   504  C  CA  . GLY A 1 76  ? -9.144  -1.986  0.938   1.00 22.50 ? 76  GLY A CA  1 
ATOM   505  C  C   . GLY A 1 76  ? -8.847  -2.397  -0.494  1.00 22.35 ? 76  GLY A C   1 
ATOM   506  O  O   . GLY A 1 76  ? -8.078  -1.727  -1.186  1.00 22.36 ? 76  GLY A O   1 
ATOM   507  N  N   . PRO A 1 77  ? -9.463  -3.505  -0.951  1.00 21.69 ? 77  PRO A N   1 
ATOM   508  C  CA  . PRO A 1 77  ? -9.250  -4.038  -2.290  1.00 22.12 ? 77  PRO A CA  1 
ATOM   509  C  C   . PRO A 1 77  ? -10.130 -3.383  -3.349  1.00 23.99 ? 77  PRO A C   1 
ATOM   510  O  O   . PRO A 1 77  ? -10.952 -2.515  -3.040  1.00 22.73 ? 77  PRO A O   1 
ATOM   511  C  CB  . PRO A 1 77  ? -9.646  -5.506  -2.134  1.00 21.40 ? 77  PRO A CB  1 
ATOM   512  C  CG  . PRO A 1 77  ? -10.716 -5.485  -1.120  1.00 21.13 ? 77  PRO A CG  1 
ATOM   513  C  CD  . PRO A 1 77  ? -10.408 -4.341  -0.185  1.00 21.47 ? 77  PRO A CD  1 
ATOM   514  N  N   . SER A 1 78  ? -9.948  -3.819  -4.592  1.00 26.32 ? 78  SER A N   1 
ATOM   515  C  CA  . SER A 1 78  ? -10.794 -3.400  -5.699  1.00 28.34 ? 78  SER A CA  1 
ATOM   516  C  C   . SER A 1 78  ? -12.071 -4.240  -5.730  1.00 29.78 ? 78  SER A C   1 
ATOM   517  O  O   . SER A 1 78  ? -12.063 -5.388  -5.281  1.00 29.73 ? 78  SER A O   1 
ATOM   518  C  CB  . SER A 1 78  ? -10.048 -3.546  -7.027  1.00 28.71 ? 78  SER A CB  1 
ATOM   519  O  OG  . SER A 1 78  ? -9.636  -4.888  -7.230  1.00 29.45 ? 78  SER A OG  1 
ATOM   520  N  N   . PRO A 1 79  ? -13.176 -3.669  -6.249  1.00 31.62 ? 79  PRO A N   1 
ATOM   521  C  CA  . PRO A 1 79  ? -13.288 -2.282  -6.703  1.00 32.69 ? 79  PRO A CA  1 
ATOM   522  C  C   . PRO A 1 79  ? -13.567 -1.330  -5.538  1.00 33.95 ? 79  PRO A C   1 
ATOM   523  O  O   . PRO A 1 79  ? -14.240 -1.709  -4.574  1.00 34.88 ? 79  PRO A O   1 
ATOM   524  C  CB  . PRO A 1 79  ? -14.472 -2.318  -7.685  1.00 32.54 ? 79  PRO A CB  1 
ATOM   525  C  CG  . PRO A 1 79  ? -15.137 -3.671  -7.507  1.00 32.38 ? 79  PRO A CG  1 
ATOM   526  C  CD  . PRO A 1 79  ? -14.457 -4.384  -6.378  1.00 32.20 ? 79  PRO A CD  1 
ATOM   527  N  N   . THR A 1 80  ? -13.030 -0.116  -5.623  1.00 35.09 ? 80  THR A N   1 
ATOM   528  C  CA  . THR A 1 80  ? -13.251 0.914   -4.610  1.00 35.58 ? 80  THR A CA  1 
ATOM   529  C  C   . THR A 1 80  ? -14.442 1.784   -4.999  1.00 36.19 ? 80  THR A C   1 
ATOM   530  O  O   . THR A 1 80  ? -14.875 1.777   -6.154  1.00 36.43 ? 80  THR A O   1 
ATOM   531  C  CB  . THR A 1 80  ? -12.005 1.811   -4.436  1.00 35.62 ? 80  THR A CB  1 
ATOM   532  O  OG1 . THR A 1 80  ? -11.595 2.323   -5.713  1.00 35.04 ? 80  THR A OG1 1 
ATOM   533  C  CG2 . THR A 1 80  ? -10.858 1.024   -3.808  1.00 35.27 ? 80  THR A CG2 1 
ATOM   534  N  N   . ALA A 1 81  ? -14.966 2.533   -4.030  1.00 36.81 ? 81  ALA A N   1 
ATOM   535  C  CA  . ALA A 1 81  ? -16.110 3.419   -4.258  1.00 37.34 ? 81  ALA A CA  1 
ATOM   536  C  C   . ALA A 1 81  ? -15.817 4.483   -5.323  1.00 37.32 ? 81  ALA A C   1 
ATOM   537  O  O   . ALA A 1 81  ? -16.666 4.767   -6.172  1.00 38.08 ? 81  ALA A O   1 
ATOM   538  C  CB  . ALA A 1 81  ? -16.532 4.085   -2.950  1.00 37.70 ? 81  ALA A CB  1 
ATOM   539  N  N   . GLY A 1 82  ? -14.620 5.062   -5.275  1.00 36.77 ? 82  GLY A N   1 
ATOM   540  C  CA  . GLY A 1 82  ? -14.208 6.080   -6.244  1.00 36.05 ? 82  GLY A CA  1 
ATOM   541  C  C   . GLY A 1 82  ? -12.779 5.903   -6.729  1.00 35.04 ? 82  GLY A C   1 
ATOM   542  O  O   . GLY A 1 82  ? -12.215 4.807   -6.653  1.00 34.79 ? 82  GLY A O   1 
ATOM   543  N  N   . GLU A 1 83  ? -12.202 6.989   -7.238  1.00 33.72 ? 83  GLU A N   1 
ATOM   544  C  CA  . GLU A 1 83  ? -10.825 6.991   -7.723  1.00 32.31 ? 83  GLU A CA  1 
ATOM   545  C  C   . GLU A 1 83  ? -9.833  7.083   -6.566  1.00 31.07 ? 83  GLU A C   1 
ATOM   546  O  O   . GLU A 1 83  ? -9.994  7.903   -5.658  1.00 30.51 ? 83  GLU A O   1 
ATOM   547  C  CB  . GLU A 1 83  ? -10.576 8.178   -8.662  1.00 33.05 ? 83  GLU A CB  1 
ATOM   548  C  CG  . GLU A 1 83  ? -11.095 8.028   -10.090 1.00 32.99 ? 83  GLU A CG  1 
ATOM   549  C  CD  . GLU A 1 83  ? -10.637 9.173   -10.999 1.00 33.28 ? 83  GLU A CD  1 
ATOM   550  O  OE1 . GLU A 1 83  ? -9.919  10.074  -10.513 1.00 31.39 ? 83  GLU A OE1 1 
ATOM   551  O  OE2 . GLU A 1 83  ? -10.993 9.173   -12.198 1.00 34.30 ? 83  GLU A OE2 1 
ATOM   552  N  N   . VAL A 1 84  ? -8.810  6.235   -6.610  1.00 29.40 ? 84  VAL A N   1 
ATOM   553  C  CA  . VAL A 1 84  ? -7.637  6.391   -5.765  0.50 26.54 ? 84  VAL A CA  1 
ATOM   554  C  C   . VAL A 1 84  ? -6.582  7.106   -6.602  1.00 24.86 ? 84  VAL A C   1 
ATOM   555  O  O   . VAL A 1 84  ? -6.026  6.519   -7.535  1.00 25.25 ? 84  VAL A O   1 
ATOM   556  C  CB  . VAL A 1 84  ? -7.098  5.029   -5.299  1.00 26.51 ? 84  VAL A CB  1 
ATOM   557  C  CG1 . VAL A 1 84  ? -5.927  5.218   -4.335  1.00 25.46 ? 84  VAL A CG1 1 
ATOM   558  C  CG2 . VAL A 1 84  ? -8.213  4.218   -4.651  1.00 26.75 ? 84  VAL A CG2 1 
ATOM   559  N  N   . LEU A 1 85  ? -6.324  8.374   -6.283  1.00 21.46 ? 85  LEU A N   1 
ATOM   560  C  CA  . LEU A 1 85  ? -5.370  9.192   -7.036  1.00 19.53 ? 85  LEU A CA  1 
ATOM   561  C  C   . LEU A 1 85  ? -4.010  9.268   -6.335  1.00 18.71 ? 85  LEU A C   1 
ATOM   562  O  O   . LEU A 1 85  ? -3.936  9.459   -5.118  1.00 19.40 ? 85  LEU A O   1 
ATOM   563  C  CB  . LEU A 1 85  ? -5.926  10.609  -7.241  1.00 18.45 ? 85  LEU A CB  1 
ATOM   564  C  CG  . LEU A 1 85  ? -5.063  11.593  -8.042  1.00 18.05 ? 85  LEU A CG  1 
ATOM   565  C  CD1 . LEU A 1 85  ? -4.842  11.102  -9.465  1.00 16.61 ? 85  LEU A CD1 1 
ATOM   566  C  CD2 . LEU A 1 85  ? -5.685  12.979  -8.048  1.00 17.29 ? 85  LEU A CD2 1 
ATOM   567  N  N   . ILE A 1 86  ? -2.943  9.101   -7.113  1.00 16.93 ? 86  ILE A N   1 
ATOM   568  C  CA  . ILE A 1 86  ? -1.593  9.436   -6.673  1.00 15.77 ? 86  ILE A CA  1 
ATOM   569  C  C   . ILE A 1 86  ? -1.027  10.496  -7.619  1.00 15.76 ? 86  ILE A C   1 
ATOM   570  O  O   . ILE A 1 86  ? -1.186  10.399  -8.841  1.00 13.11 ? 86  ILE A O   1 
ATOM   571  C  CB  . ILE A 1 86  ? -0.662  8.200   -6.656  1.00 15.45 ? 86  ILE A CB  1 
ATOM   572  C  CG1 . ILE A 1 86  ? -1.080  7.225   -5.552  1.00 14.75 ? 86  ILE A CG1 1 
ATOM   573  C  CG2 . ILE A 1 86  ? 0.798   8.618   -6.462  1.00 14.47 ? 86  ILE A CG2 1 
ATOM   574  C  CD1 . ILE A 1 86  ? -1.004  7.803   -4.147  1.00 15.43 ? 86  ILE A CD1 1 
ATOM   575  N  N   . MET A 1 87  ? -0.399  11.518  -7.034  1.00 16.32 ? 87  MET A N   1 
ATOM   576  C  CA  . MET A 1 87  ? 0.318   12.545  -7.787  1.00 17.37 ? 87  MET A CA  1 
ATOM   577  C  C   . MET A 1 87  ? 1.821   12.364  -7.574  1.00 15.84 ? 87  MET A C   1 
ATOM   578  O  O   . MET A 1 87  ? 2.315   12.518  -6.451  1.00 14.38 ? 87  MET A O   1 
ATOM   579  C  CB  . MET A 1 87  ? -0.088  13.951  -7.335  1.00 18.94 ? 87  MET A CB  1 
ATOM   580  C  CG  . MET A 1 87  ? -1.581  14.221  -7.322  1.00 21.50 ? 87  MET A CG  1 
ATOM   581  S  SD  . MET A 1 87  ? -1.952  15.984  -7.136  1.00 24.65 ? 87  MET A SD  1 
ATOM   582  C  CE  . MET A 1 87  ? -3.418  15.924  -6.113  1.00 23.97 ? 87  MET A CE  1 
ATOM   583  N  N   . LEU A 1 88  ? 2.535   12.030  -8.650  1.00 15.08 ? 88  LEU A N   1 
ATOM   584  C  CA  . LEU A 1 88  ? 3.995   11.920  -8.625  1.00 14.72 ? 88  LEU A CA  1 
ATOM   585  C  C   . LEU A 1 88  ? 4.615   13.224  -9.116  1.00 14.62 ? 88  LEU A C   1 
ATOM   586  O  O   . LEU A 1 88  ? 4.354   13.645  -10.244 1.00 14.19 ? 88  LEU A O   1 
ATOM   587  C  CB  . LEU A 1 88  ? 4.473   10.774  -9.524  1.00 14.48 ? 88  LEU A CB  1 
ATOM   588  C  CG  . LEU A 1 88  ? 4.070   9.340   -9.170  1.00 14.11 ? 88  LEU A CG  1 
ATOM   589  C  CD1 . LEU A 1 88  ? 4.713   8.370   -10.158 1.00 13.94 ? 88  LEU A CD1 1 
ATOM   590  C  CD2 . LEU A 1 88  ? 4.459   8.983   -7.743  1.00 13.67 ? 88  LEU A CD2 1 
ATOM   591  N  N   . GLY A 1 89  ? 5.433   13.851  -8.270  1.00 14.90 ? 89  GLY A N   1 
ATOM   592  C  CA  . GLY A 1 89  ? 6.145   15.083  -8.626  1.00 14.17 ? 89  GLY A CA  1 
ATOM   593  C  C   . GLY A 1 89  ? 7.596   14.806  -8.968  1.00 14.11 ? 89  GLY A C   1 
ATOM   594  O  O   . GLY A 1 89  ? 8.261   14.041  -8.269  1.00 14.25 ? 89  GLY A O   1 
ATOM   595  N  N   . GLY A 1 90  ? 8.095   15.429  -10.037 1.00 13.52 ? 90  GLY A N   1 
ATOM   596  C  CA  . GLY A 1 90  ? 9.474   15.203  -10.489 1.00 13.09 ? 90  GLY A CA  1 
ATOM   597  C  C   . GLY A 1 90  ? 10.083  16.375  -11.249 1.00 12.75 ? 90  GLY A C   1 
ATOM   598  O  O   . GLY A 1 90  ? 9.377   17.324  -11.606 1.00 10.18 ? 90  GLY A O   1 
ATOM   599  N  N   . PRO A 1 91  ? 11.401  16.309  -11.513 1.00 11.62 ? 91  PRO A N   1 
ATOM   600  C  CA  . PRO A 1 91  ? 12.142  17.411  -12.127 1.00 12.15 ? 91  PRO A CA  1 
ATOM   601  C  C   . PRO A 1 91  ? 11.844  17.630  -13.610 1.00 12.03 ? 91  PRO A C   1 
ATOM   602  O  O   . PRO A 1 91  ? 12.018  18.744  -14.108 1.00 13.28 ? 91  PRO A O   1 
ATOM   603  C  CB  . PRO A 1 91  ? 13.606  17.003  -11.927 1.00 11.89 ? 91  PRO A CB  1 
ATOM   604  C  CG  . PRO A 1 91  ? 13.579  15.528  -11.868 1.00 11.72 ? 91  PRO A CG  1 
ATOM   605  C  CD  . PRO A 1 91  ? 12.270  15.152  -11.237 1.00 12.08 ? 91  PRO A CD  1 
ATOM   606  N  N   . ASN A 1 92  ? 11.408  16.584  -14.305 1.00 11.95 ? 92  ASN A N   1 
ATOM   607  C  CA  . ASN A 1 92  ? 11.059  16.698  -15.723 1.00 11.55 ? 92  ASN A CA  1 
ATOM   608  C  C   . ASN A 1 92  ? 10.049  15.621  -16.116 1.00 11.28 ? 92  ASN A C   1 
ATOM   609  O  O   . ASN A 1 92  ? 9.834   14.675  -15.357 1.00 12.03 ? 92  ASN A O   1 
ATOM   610  C  CB  . ASN A 1 92  ? 12.326  16.619  -16.590 1.00 11.35 ? 92  ASN A CB  1 
ATOM   611  C  CG  . ASN A 1 92  ? 13.128  15.350  -16.348 1.00 11.13 ? 92  ASN A CG  1 
ATOM   612  O  OD1 . ASN A 1 92  ? 12.681  14.248  -16.667 1.00 11.65 ? 92  ASN A OD1 1 
ATOM   613  N  ND2 . ASN A 1 92  ? 14.322  15.502  -15.791 1.00 10.24 ? 92  ASN A ND2 1 
ATOM   614  N  N   . PRO A 1 93  ? 9.410   15.764  -17.293 1.00 10.97 ? 93  PRO A N   1 
ATOM   615  C  CA  . PRO A 1 93  ? 8.399   14.776  -17.696 1.00 11.33 ? 93  PRO A CA  1 
ATOM   616  C  C   . PRO A 1 93  ? 8.929   13.357  -17.919 1.00 10.65 ? 93  PRO A C   1 
ATOM   617  O  O   . PRO A 1 93  ? 8.158   12.402  -17.808 1.00 11.03 ? 93  PRO A O   1 
ATOM   618  C  CB  . PRO A 1 93  ? 7.840   15.348  -19.009 1.00 11.09 ? 93  PRO A CB  1 
ATOM   619  C  CG  . PRO A 1 93  ? 8.178   16.799  -18.975 1.00 11.75 ? 93  PRO A CG  1 
ATOM   620  C  CD  . PRO A 1 93  ? 9.482   16.887  -18.245 1.00 10.87 ? 93  PRO A CD  1 
ATOM   621  N  N   . ALA A 1 94  ? 10.218  13.215  -18.234 1.00 9.46  ? 94  ALA A N   1 
ATOM   622  C  CA  . ALA A 1 94  ? 10.812  11.890  -18.460 1.00 8.90  ? 94  ALA A CA  1 
ATOM   623  C  C   . ALA A 1 94  ? 10.892  11.084  -17.164 1.00 8.99  ? 94  ALA A C   1 
ATOM   624  O  O   . ALA A 1 94  ? 10.569  9.895   -17.152 1.00 11.55 ? 94  ALA A O   1 
ATOM   625  C  CB  . ALA A 1 94  ? 12.192  12.019  -19.089 1.00 8.62  ? 94  ALA A CB  1 
ATOM   626  N  N   . GLU A 1 95  ? 11.321  11.725  -16.079 1.00 8.39  ? 95  GLU A N   1 
ATOM   627  C  CA  . GLU A 1 95  ? 11.380  11.066  -14.774 1.00 9.08  ? 95  GLU A CA  1 
ATOM   628  C  C   . GLU A 1 95  ? 9.982   10.721  -14.266 1.00 9.75  ? 95  GLU A C   1 
ATOM   629  O  O   . GLU A 1 95  ? 9.767   9.635   -13.725 1.00 8.99  ? 95  GLU A O   1 
ATOM   630  C  CB  . GLU A 1 95  ? 12.119  11.933  -13.750 1.00 8.72  ? 95  GLU A CB  1 
ATOM   631  C  CG  . GLU A 1 95  ? 13.621  12.063  -14.014 1.00 9.08  ? 95  GLU A CG  1 
ATOM   632  C  CD  . GLU A 1 95  ? 14.404  10.773  -13.780 1.00 8.62  ? 95  GLU A CD  1 
ATOM   633  O  OE1 . GLU A 1 95  ? 15.590  10.723  -14.168 1.00 9.68  ? 95  GLU A OE1 1 
ATOM   634  O  OE2 . GLU A 1 95  ? 13.854  9.809   -13.212 1.00 7.50  ? 95  GLU A OE2 1 
ATOM   635  N  N   . VAL A 1 96  ? 9.039   11.645  -14.450 1.00 10.50 ? 96  VAL A N   1 
ATOM   636  C  CA  . VAL A 1 96  ? 7.636   11.405  -14.113 1.00 11.06 ? 96  VAL A CA  1 
ATOM   637  C  C   . VAL A 1 96  ? 7.064   10.201  -14.867 1.00 12.53 ? 96  VAL A C   1 
ATOM   638  O  O   . VAL A 1 96  ? 6.380   9.365   -14.268 1.00 14.00 ? 96  VAL A O   1 
ATOM   639  C  CB  . VAL A 1 96  ? 6.765   12.652  -14.398 1.00 11.88 ? 96  VAL A CB  1 
ATOM   640  C  CG1 . VAL A 1 96  ? 5.286   12.281  -14.452 1.00 11.57 ? 96  VAL A CG1 1 
ATOM   641  C  CG2 . VAL A 1 96  ? 7.023   13.728  -13.350 1.00 11.00 ? 96  VAL A CG2 1 
ATOM   642  N  N   . ARG A 1 97  ? 7.335   10.111  -16.170 1.00 13.03 ? 97  ARG A N   1 
ATOM   643  C  CA  . ARG A 1 97  ? 6.889   8.952   -16.968 1.00 14.48 ? 97  ARG A CA  1 
ATOM   644  C  C   . ARG A 1 97  ? 7.539   7.649   -16.511 1.00 12.40 ? 97  ARG A C   1 
ATOM   645  O  O   . ARG A 1 97  ? 6.902   6.600   -16.545 1.00 10.97 ? 97  ARG A O   1 
ATOM   646  C  CB  . ARG A 1 97  ? 7.158   9.150   -18.466 1.00 16.99 ? 97  ARG A CB  1 
ATOM   647  C  CG  . ARG A 1 97  ? 6.127   10.022  -19.153 1.00 19.57 ? 97  ARG A CG  1 
ATOM   648  C  CD  . ARG A 1 97  ? 6.274   10.011  -20.660 1.00 21.26 ? 97  ARG A CD  1 
ATOM   649  N  NE  . ARG A 1 97  ? 5.907   11.304  -21.234 1.00 23.72 ? 97  ARG A NE  1 
ATOM   650  C  CZ  . ARG A 1 97  ? 4.662   11.767  -21.348 1.00 25.91 ? 97  ARG A CZ  1 
ATOM   651  N  NH1 . ARG A 1 97  ? 3.619   11.052  -20.934 1.00 26.11 ? 97  ARG A NH1 1 
ATOM   652  N  NH2 . ARG A 1 97  ? 4.457   12.965  -21.883 1.00 27.17 ? 97  ARG A NH2 1 
ATOM   653  N  N   . ALA A 1 98  ? 8.804   7.720   -16.102 1.00 10.23 ? 98  ALA A N   1 
ATOM   654  C  CA  . ALA A 1 98  ? 9.492   6.562   -15.532 1.00 10.45 ? 98  ALA A CA  1 
ATOM   655  C  C   . ALA A 1 98  ? 8.807   6.098   -14.239 1.00 10.37 ? 98  ALA A C   1 
ATOM   656  O  O   . ALA A 1 98  ? 8.634   4.901   -14.022 1.00 10.71 ? 98  ALA A O   1 
ATOM   657  C  CB  . ALA A 1 98  ? 10.968  6.881   -15.280 1.00 9.17  ? 98  ALA A CB  1 
ATOM   658  N  N   . GLY A 1 99  ? 8.412   7.049   -13.397 1.00 11.00 ? 99  GLY A N   1 
ATOM   659  C  CA  . GLY A 1 99  ? 7.660   6.747   -12.178 1.00 11.48 ? 99  GLY A CA  1 
ATOM   660  C  C   . GLY A 1 99  ? 6.306   6.099   -12.445 1.00 12.12 ? 99  GLY A C   1 
ATOM   661  O  O   . GLY A 1 99  ? 5.955   5.101   -11.811 1.00 12.18 ? 99  GLY A O   1 
ATOM   662  N  N   . LEU A 1 100 ? 5.546   6.660   -13.381 1.00 11.95 ? 100 LEU A N   1 
ATOM   663  C  CA  . LEU A 1 100 ? 4.242   6.091   -13.761 1.00 12.81 ? 100 LEU A CA  1 
ATOM   664  C  C   . LEU A 1 100 ? 4.363   4.685   -14.358 1.00 14.02 ? 100 LEU A C   1 
ATOM   665  O  O   . LEU A 1 100 ? 3.534   3.823   -14.074 1.00 14.78 ? 100 LEU A O   1 
ATOM   666  C  CB  . LEU A 1 100 ? 3.511   7.008   -14.749 1.00 12.35 ? 100 LEU A CB  1 
ATOM   667  C  CG  . LEU A 1 100 ? 3.063   8.374   -14.220 1.00 12.44 ? 100 LEU A CG  1 
ATOM   668  C  CD1 . LEU A 1 100 ? 2.566   9.250   -15.370 1.00 12.08 ? 100 LEU A CD1 1 
ATOM   669  C  CD2 . LEU A 1 100 ? 1.989   8.236   -13.142 1.00 11.07 ? 100 LEU A CD2 1 
ATOM   670  N  N   . ASP A 1 101 ? 5.387   4.457   -15.181 1.00 15.73 ? 101 ASP A N   1 
ATOM   671  C  CA  . ASP A 1 101 ? 5.645   3.128   -15.752 1.00 17.50 ? 101 ASP A CA  1 
ATOM   672  C  C   . ASP A 1 101 ? 5.946   2.093   -14.668 1.00 16.72 ? 101 ASP A C   1 
ATOM   673  O  O   . ASP A 1 101 ? 5.509   0.946   -14.764 1.00 16.08 ? 101 ASP A O   1 
ATOM   674  C  CB  . ASP A 1 101 ? 6.810   3.170   -16.751 1.00 19.65 ? 101 ASP A CB  1 
ATOM   675  C  CG  . ASP A 1 101 ? 6.477   3.944   -18.017 1.00 22.31 ? 101 ASP A CG  1 
ATOM   676  O  OD1 . ASP A 1 101 ? 5.286   4.239   -18.261 1.00 24.23 ? 101 ASP A OD1 1 
ATOM   677  O  OD2 . ASP A 1 101 ? 7.419   4.264   -18.776 1.00 25.09 ? 101 ASP A OD2 1 
ATOM   678  N  N   . ALA A 1 102 ? 6.692   2.505   -13.644 1.00 16.17 ? 102 ALA A N   1 
ATOM   679  C  CA  . ALA A 1 102 ? 6.970   1.643   -12.491 1.00 16.00 ? 102 ALA A CA  1 
ATOM   680  C  C   . ALA A 1 102 ? 5.686   1.322   -11.711 1.00 16.46 ? 102 ALA A C   1 
ATOM   681  O  O   . ALA A 1 102 ? 5.468   0.175   -11.307 1.00 15.90 ? 102 ALA A O   1 
ATOM   682  C  CB  . ALA A 1 102 ? 8.005   2.292   -11.573 1.00 14.65 ? 102 ALA A CB  1 
ATOM   683  N  N   . MET A 1 103 ? 4.841   2.331   -11.508 1.00 15.99 ? 103 MET A N   1 
ATOM   684  C  CA  . MET A 1 103 ? 3.566   2.131   -10.815 1.00 16.40 ? 103 MET A CA  1 
ATOM   685  C  C   . MET A 1 103 ? 2.664   1.160   -11.577 1.00 16.68 ? 103 MET A C   1 
ATOM   686  O  O   . MET A 1 103 ? 2.147   0.209   -10.997 1.00 17.25 ? 103 MET A O   1 
ATOM   687  C  CB  . MET A 1 103 ? 2.840   3.462   -10.603 1.00 16.12 ? 103 MET A CB  1 
ATOM   688  C  CG  . MET A 1 103 ? 3.436   4.315   -9.493  1.00 15.72 ? 103 MET A CG  1 
ATOM   689  S  SD  . MET A 1 103 ? 2.331   5.637   -8.952  1.00 15.79 ? 103 MET A SD  1 
ATOM   690  C  CE  . MET A 1 103 ? 1.016   4.710   -8.158  1.00 14.45 ? 103 MET A CE  1 
ATOM   691  N  N   . ILE A 1 104 ? 2.490   1.398   -12.873 1.00 16.75 ? 104 ILE A N   1 
ATOM   692  C  CA  . ILE A 1 104 ? 1.685   0.513   -13.717 1.00 17.89 ? 104 ILE A CA  1 
ATOM   693  C  C   . ILE A 1 104 ? 2.151   -0.939  -13.578 1.00 18.74 ? 104 ILE A C   1 
ATOM   694  O  O   . ILE A 1 104 ? 1.340   -1.834  -13.329 1.00 19.28 ? 104 ILE A O   1 
ATOM   695  C  CB  . ILE A 1 104 ? 1.756   0.921   -15.204 1.00 18.17 ? 104 ILE A CB  1 
ATOM   696  C  CG1 . ILE A 1 104 ? 1.042   2.255   -15.434 1.00 18.35 ? 104 ILE A CG1 1 
ATOM   697  C  CG2 . ILE A 1 104 ? 1.122   -0.150  -16.090 1.00 19.52 ? 104 ILE A CG2 1 
ATOM   698  C  CD1 . ILE A 1 104 ? 1.529   2.981   -16.668 1.00 18.08 ? 104 ILE A CD1 1 
ATOM   699  N  N   . ALA A 1 105 ? 3.459   -1.157  -13.725 1.00 18.36 ? 105 ALA A N   1 
ATOM   700  C  CA  . ALA A 1 105 ? 4.042   -2.500  -13.652 1.00 19.09 ? 105 ALA A CA  1 
ATOM   701  C  C   . ALA A 1 105 ? 3.775   -3.190  -12.312 1.00 19.50 ? 105 ALA A C   1 
ATOM   702  O  O   . ALA A 1 105 ? 3.539   -4.397  -12.270 1.00 19.59 ? 105 ALA A O   1 
ATOM   703  C  CB  . ALA A 1 105 ? 5.544   -2.439  -13.921 1.00 17.84 ? 105 ALA A CB  1 
ATOM   704  N  N   . HIS A 1 106 ? 3.809   -2.420  -11.225 1.00 20.38 ? 106 HIS A N   1 
ATOM   705  C  CA  . HIS A 1 106 ? 3.604   -2.963  -9.879  1.00 20.64 ? 106 HIS A CA  1 
ATOM   706  C  C   . HIS A 1 106 ? 2.133   -3.084  -9.468  1.00 20.86 ? 106 HIS A C   1 
ATOM   707  O  O   . HIS A 1 106 ? 1.800   -3.902  -8.614  1.00 21.77 ? 106 HIS A O   1 
ATOM   708  C  CB  . HIS A 1 106 ? 4.400   -2.152  -8.849  1.00 20.89 ? 106 HIS A CB  1 
ATOM   709  C  CG  . HIS A 1 106 ? 5.841   -2.544  -8.779  1.00 21.93 ? 106 HIS A CG  1 
ATOM   710  N  ND1 . HIS A 1 106 ? 6.298   -3.537  -7.939  1.00 22.04 ? 106 HIS A ND1 1 
ATOM   711  C  CD2 . HIS A 1 106 ? 6.921   -2.110  -9.471  1.00 22.82 ? 106 HIS A CD2 1 
ATOM   712  C  CE1 . HIS A 1 106 ? 7.600   -3.688  -8.107  1.00 22.99 ? 106 HIS A CE1 1 
ATOM   713  N  NE2 . HIS A 1 106 ? 8.004   -2.832  -9.029  1.00 22.81 ? 106 HIS A NE2 1 
ATOM   714  N  N   . ILE A 1 107 ? 1.261   -2.280  -10.071 1.00 21.38 ? 107 ILE A N   1 
ATOM   715  C  CA  . ILE A 1 107 ? -0.184  -2.439  -9.894  1.00 21.85 ? 107 ILE A CA  1 
ATOM   716  C  C   . ILE A 1 107 ? -0.681  -3.722  -10.587 1.00 24.52 ? 107 ILE A C   1 
ATOM   717  O  O   . ILE A 1 107 ? -1.547  -4.422  -10.061 1.00 24.60 ? 107 ILE A O   1 
ATOM   718  C  CB  . ILE A 1 107 ? -0.957  -1.197  -10.424 1.00 20.71 ? 107 ILE A CB  1 
ATOM   719  C  CG1 . ILE A 1 107 ? -0.735  0.001   -9.493  1.00 19.83 ? 107 ILE A CG1 1 
ATOM   720  C  CG2 . ILE A 1 107 ? -2.450  -1.481  -10.545 1.00 20.18 ? 107 ILE A CG2 1 
ATOM   721  C  CD1 . ILE A 1 107 ? -1.223  1.321   -10.052 1.00 19.09 ? 107 ILE A CD1 1 
ATOM   722  N  N   . GLU A 1 108 ? -0.111  -4.042  -11.747 1.00 27.19 ? 108 GLU A N   1 
ATOM   723  C  CA  . GLU A 1 108 ? -0.578  -5.177  -12.551 1.00 29.29 ? 108 GLU A CA  1 
ATOM   724  C  C   . GLU A 1 108 ? 0.151   -6.499  -12.291 1.00 29.53 ? 108 GLU A C   1 
ATOM   725  O  O   . GLU A 1 108 ? -0.376  -7.558  -12.640 1.00 30.29 ? 108 GLU A O   1 
ATOM   726  C  CB  . GLU A 1 108 ? -0.511  -4.824  -14.041 1.00 31.02 ? 108 GLU A CB  1 
ATOM   727  C  CG  . GLU A 1 108 ? -1.518  -3.750  -14.437 1.00 32.71 ? 108 GLU A CG  1 
ATOM   728  C  CD  . GLU A 1 108 ? -1.398  -3.309  -15.884 1.00 34.53 ? 108 GLU A CD  1 
ATOM   729  O  OE1 . GLU A 1 108 ? -0.581  -3.891  -16.635 1.00 35.51 ? 108 GLU A OE1 1 
ATOM   730  O  OE2 . GLU A 1 108 ? -2.129  -2.370  -16.269 1.00 35.91 ? 108 GLU A OE2 1 
ATOM   731  N  N   . ASN A 1 109 ? 1.341   -6.450  -11.689 1.00 29.27 ? 109 ASN A N   1 
ATOM   732  C  CA  . ASN A 1 109 ? 2.100   -7.674  -11.370 1.00 29.49 ? 109 ASN A CA  1 
ATOM   733  C  C   . ASN A 1 109 ? 2.944   -7.588  -10.090 1.00 28.06 ? 109 ASN A C   1 
ATOM   734  O  O   . ASN A 1 109 ? 3.971   -8.257  -9.972  1.00 29.31 ? 109 ASN A O   1 
ATOM   735  C  CB  . ASN A 1 109 ? 2.993   -8.073  -12.561 1.00 30.97 ? 109 ASN A CB  1 
ATOM   736  C  CG  . ASN A 1 109 ? 2.215   -8.749  -13.684 1.00 32.08 ? 109 ASN A CG  1 
ATOM   737  O  OD1 . ASN A 1 109 ? 2.428   -8.459  -14.861 1.00 33.21 ? 109 ASN A OD1 1 
ATOM   738  N  ND2 . ASN A 1 109 ? 1.307   -9.653  -13.321 1.00 32.78 ? 109 ASN A ND2 1 
ATOM   739  N  N   . GLY A 1 110 ? 2.501   -6.787  -9.125  1.00 25.76 ? 110 GLY A N   1 
ATOM   740  C  CA  . GLY A 1 110 ? 3.213   -6.653  -7.857  1.00 24.08 ? 110 GLY A CA  1 
ATOM   741  C  C   . GLY A 1 110 ? 2.406   -7.229  -6.710  1.00 21.93 ? 110 GLY A C   1 
ATOM   742  O  O   . GLY A 1 110 ? 1.879   -8.339  -6.807  1.00 21.00 ? 110 GLY A O   1 
ATOM   743  N  N   . ALA A 1 111 ? 2.304   -6.468  -5.626  1.00 20.49 ? 111 ALA A N   1 
ATOM   744  C  CA  . ALA A 1 111 ? 1.506   -6.868  -4.472  1.00 19.94 ? 111 ALA A CA  1 
ATOM   745  C  C   . ALA A 1 111 ? 0.033   -7.026  -4.862  1.00 18.12 ? 111 ALA A C   1 
ATOM   746  O  O   . ALA A 1 111 ? -0.442  -6.399  -5.814  1.00 17.43 ? 111 ALA A O   1 
ATOM   747  C  CB  . ALA A 1 111 ? 1.651   -5.849  -3.344  1.00 19.66 ? 111 ALA A CB  1 
ATOM   748  N  N   . ALA A 1 112 ? -0.677  -7.871  -4.123  1.00 16.01 ? 112 ALA A N   1 
ATOM   749  C  CA  . ALA A 1 112 ? -2.072  -8.153  -4.424  1.00 15.44 ? 112 ALA A CA  1 
ATOM   750  C  C   . ALA A 1 112 ? -2.847  -8.595  -3.189  1.00 13.90 ? 112 ALA A C   1 
ATOM   751  O  O   . ALA A 1 112 ? -2.317  -9.295  -2.321  1.00 13.32 ? 112 ALA A O   1 
ATOM   752  C  CB  . ALA A 1 112 ? -2.166  -9.221  -5.515  1.00 14.79 ? 112 ALA A CB  1 
ATOM   753  N  N   . PHE A 1 113 ? -4.107  -8.172  -3.122  1.00 12.31 ? 113 PHE A N   1 
ATOM   754  C  CA  . PHE A 1 113 ? -5.049  -8.723  -2.162  1.00 11.92 ? 113 PHE A CA  1 
ATOM   755  C  C   . PHE A 1 113 ? -5.388  -10.150 -2.570  1.00 11.91 ? 113 PHE A C   1 
ATOM   756  O  O   . PHE A 1 113 ? -5.249  -10.521 -3.741  1.00 11.47 ? 113 PHE A O   1 
ATOM   757  C  CB  . PHE A 1 113 ? -6.338  -7.897  -2.108  1.00 12.12 ? 113 PHE A CB  1 
ATOM   758  C  CG  . PHE A 1 113 ? -6.231  -6.642  -1.278  1.00 12.04 ? 113 PHE A CG  1 
ATOM   759  C  CD1 . PHE A 1 113 ? -5.682  -5.482  -1.813  1.00 12.08 ? 113 PHE A CD1 1 
ATOM   760  C  CD2 . PHE A 1 113 ? -6.703  -6.616  0.029   1.00 11.31 ? 113 PHE A CD2 1 
ATOM   761  C  CE1 . PHE A 1 113 ? -5.594  -4.322  -1.050  1.00 11.68 ? 113 PHE A CE1 1 
ATOM   762  C  CE2 . PHE A 1 113 ? -6.619  -5.461  0.792   1.00 11.51 ? 113 PHE A CE2 1 
ATOM   763  C  CZ  . PHE A 1 113 ? -6.063  -4.312  0.250   1.00 11.74 ? 113 PHE A CZ  1 
ATOM   764  N  N   . GLN A 1 114 ? -5.829  -10.938 -1.593  1.00 12.69 ? 114 GLN A N   1 
ATOM   765  C  CA  . GLN A 1 114 ? -6.265  -12.314 -1.813  1.00 11.82 ? 114 GLN A CA  1 
ATOM   766  C  C   . GLN A 1 114 ? -7.608  -12.534 -1.130  1.00 12.50 ? 114 GLN A C   1 
ATOM   767  O  O   . GLN A 1 114 ? -7.953  -11.821 -0.186  1.00 12.05 ? 114 GLN A O   1 
ATOM   768  C  CB  . GLN A 1 114 ? -5.241  -13.298 -1.241  1.00 12.49 ? 114 GLN A CB  1 
ATOM   769  C  CG  . GLN A 1 114 ? -3.932  -13.386 -2.014  1.00 12.77 ? 114 GLN A CG  1 
ATOM   770  C  CD  . GLN A 1 114 ? -2.847  -14.107 -1.229  1.00 14.06 ? 114 GLN A CD  1 
ATOM   771  O  OE1 . GLN A 1 114 ? -2.220  -13.527 -0.339  1.00 13.41 ? 114 GLN A OE1 1 
ATOM   772  N  NE2 . GLN A 1 114 ? -2.618  -15.378 -1.558  1.00 13.50 ? 114 GLN A NE2 1 
ATOM   773  N  N   . TRP A 1 115 ? -8.361  -13.525 -1.604  1.00 13.06 ? 115 TRP A N   1 
ATOM   774  C  CA  . TRP A 1 115 ? -9.622  -13.892 -0.972  1.00 14.12 ? 115 TRP A CA  1 
ATOM   775  C  C   . TRP A 1 115 ? -9.347  -14.668 0.318   1.00 14.23 ? 115 TRP A C   1 
ATOM   776  O  O   . TRP A 1 115 ? -8.466  -15.531 0.355   1.00 14.14 ? 115 TRP A O   1 
ATOM   777  C  CB  . TRP A 1 115 ? -10.498 -14.713 -1.927  1.00 14.61 ? 115 TRP A CB  1 
ATOM   778  C  CG  . TRP A 1 115 ? -10.966 -13.929 -3.125  1.00 15.16 ? 115 TRP A CG  1 
ATOM   779  C  CD1 . TRP A 1 115 ? -10.636 -14.151 -4.434  1.00 14.97 ? 115 TRP A CD1 1 
ATOM   780  C  CD2 . TRP A 1 115 ? -11.842 -12.791 -3.122  1.00 15.48 ? 115 TRP A CD2 1 
ATOM   781  N  NE1 . TRP A 1 115 ? -11.255 -13.226 -5.243  1.00 14.42 ? 115 TRP A NE1 1 
ATOM   782  C  CE2 . TRP A 1 115 ? -12.002 -12.380 -4.464  1.00 14.95 ? 115 TRP A CE2 1 
ATOM   783  C  CE3 . TRP A 1 115 ? -12.513 -12.082 -2.116  1.00 15.42 ? 115 TRP A CE3 1 
ATOM   784  C  CZ2 . TRP A 1 115 ? -12.801 -11.289 -4.825  1.00 14.85 ? 115 TRP A CZ2 1 
ATOM   785  C  CZ3 . TRP A 1 115 ? -13.305 -10.996 -2.478  1.00 15.27 ? 115 TRP A CZ3 1 
ATOM   786  C  CH2 . TRP A 1 115 ? -13.443 -10.614 -3.822  1.00 14.48 ? 115 TRP A CH2 1 
ATOM   787  N  N   . ALA A 1 116 ? -10.093 -14.340 1.372   1.00 13.87 ? 116 ALA A N   1 
ATOM   788  C  CA  . ALA A 1 116 ? -9.960  -15.003 2.670   1.00 13.78 ? 116 ALA A CA  1 
ATOM   789  C  C   . ALA A 1 116 ? -10.769 -16.299 2.738   1.00 13.17 ? 116 ALA A C   1 
ATOM   790  O  O   . ALA A 1 116 ? -10.476 -17.166 3.558   1.00 13.35 ? 116 ALA A O   1 
ATOM   791  C  CB  . ALA A 1 116 ? -10.382 -14.060 3.794   1.00 13.01 ? 116 ALA A CB  1 
ATOM   792  N  N   . ASN A 1 117 ? -11.788 -16.421 1.890   1.00 13.69 ? 117 ASN A N   1 
ATOM   793  C  CA  . ASN A 1 117 ? -12.620 -17.630 1.844   1.00 14.61 ? 117 ASN A CA  1 
ATOM   794  C  C   . ASN A 1 117 ? -13.095 -17.969 0.430   1.00 14.02 ? 117 ASN A C   1 
ATOM   795  O  O   . ASN A 1 117 ? -12.928 -17.173 -0.497  1.00 13.49 ? 117 ASN A O   1 
ATOM   796  C  CB  . ASN A 1 117 ? -13.815 -17.511 2.809   1.00 15.03 ? 117 ASN A CB  1 
ATOM   797  C  CG  . ASN A 1 117 ? -14.645 -16.249 2.588   1.00 16.28 ? 117 ASN A CG  1 
ATOM   798  O  OD1 . ASN A 1 117 ? -14.572 -15.598 1.541   1.00 17.38 ? 117 ASN A OD1 1 
ATOM   799  N  ND2 . ASN A 1 117 ? -15.446 -15.901 3.586   1.00 16.52 ? 117 ASN A ND2 1 
ATOM   800  N  N   . ASP A 1 118 ? -13.675 -19.159 0.276   1.00 14.18 ? 118 ASP A N   1 
ATOM   801  C  CA  . ASP A 1 118 ? -14.143 -19.639 -1.029  1.00 14.87 ? 118 ASP A CA  1 
ATOM   802  C  C   . ASP A 1 118 ? -15.364 -18.875 -1.538  1.00 15.58 ? 118 ASP A C   1 
ATOM   803  O  O   . ASP A 1 118 ? -15.558 -18.763 -2.748  1.00 15.28 ? 118 ASP A O   1 
ATOM   804  C  CB  . ASP A 1 118 ? -14.463 -21.139 -0.978  1.00 15.39 ? 118 ASP A CB  1 
ATOM   805  C  CG  . ASP A 1 118 ? -13.221 -22.010 -0.828  1.00 15.44 ? 118 ASP A CG  1 
ATOM   806  O  OD1 . ASP A 1 118 ? -12.086 -21.505 -0.974  1.00 14.76 ? 118 ASP A OD1 1 
ATOM   807  O  OD2 . ASP A 1 118 ? -13.389 -23.220 -0.565  1.00 16.74 ? 118 ASP A OD2 1 
ATOM   808  N  N   . ALA A 1 119 ? -16.185 -18.358 -0.623  1.00 16.13 ? 119 ALA A N   1 
ATOM   809  C  CA  . ALA A 1 119 ? -17.341 -17.536 -0.998  1.00 17.00 ? 119 ALA A CA  1 
ATOM   810  C  C   . ALA A 1 119 ? -16.913 -16.191 -1.586  1.00 17.19 ? 119 ALA A C   1 
ATOM   811  O  O   . ALA A 1 119 ? -17.666 -15.573 -2.339  1.00 17.21 ? 119 ALA A O   1 
ATOM   812  C  CB  . ALA A 1 119 ? -18.251 -17.321 0.204   1.00 17.31 ? 119 ALA A CB  1 
ATOM   813  N  N   . GLN A 1 120 ? -15.704 -15.749 -1.239  1.00 18.51 ? 120 GLN A N   1 
ATOM   814  C  CA  . GLN A 1 120 ? -15.132 -14.494 -1.733  1.00 18.99 ? 120 GLN A CA  1 
ATOM   815  C  C   . GLN A 1 120 ? -15.964 -13.277 -1.321  1.00 20.08 ? 120 GLN A C   1 
ATOM   816  O  O   . GLN A 1 120 ? -16.309 -12.433 -2.150  1.00 20.51 ? 120 GLN A O   1 
ATOM   817  C  CB  . GLN A 1 120 ? -14.915 -14.543 -3.256  1.00 18.20 ? 120 GLN A CB  1 
ATOM   818  C  CG  . GLN A 1 120 ? -14.038 -15.715 -3.697  1.00 17.91 ? 120 GLN A CG  1 
ATOM   819  C  CD  . GLN A 1 120 ? -13.681 -15.703 -5.176  1.00 17.49 ? 120 GLN A CD  1 
ATOM   820  O  OE1 . GLN A 1 120 ? -12.989 -16.601 -5.653  1.00 17.09 ? 120 GLN A OE1 1 
ATOM   821  N  NE2 . GLN A 1 120 ? -14.153 -14.698 -5.908  1.00 17.46 ? 120 GLN A NE2 1 
ATOM   822  N  N   . ASP A 1 121 ? -16.278 -13.200 -0.030  1.00 21.86 ? 121 ASP A N   1 
ATOM   823  C  CA  . ASP A 1 121 ? -16.931 -12.018 0.548   1.00 24.02 ? 121 ASP A CA  1 
ATOM   824  C  C   . ASP A 1 121 ? -15.951 -11.158 1.353   1.00 24.08 ? 121 ASP A C   1 
ATOM   825  O  O   . ASP A 1 121 ? -16.278 -10.032 1.732   1.00 25.79 ? 121 ASP A O   1 
ATOM   826  C  CB  . ASP A 1 121 ? -18.139 -12.412 1.416   1.00 25.49 ? 121 ASP A CB  1 
ATOM   827  C  CG  . ASP A 1 121 ? -17.852 -13.578 2.350   1.00 27.26 ? 121 ASP A CG  1 
ATOM   828  O  OD1 . ASP A 1 121 ? -16.685 -13.755 2.763   1.00 28.75 ? 121 ASP A OD1 1 
ATOM   829  O  OD2 . ASP A 1 121 ? -18.805 -14.324 2.669   1.00 28.22 ? 121 ASP A OD2 1 
ATOM   830  N  N   . THR A 1 122 ? -14.751 -11.688 1.586   1.00 22.93 ? 122 THR A N   1 
ATOM   831  C  CA  . THR A 1 122 ? -13.748 -11.050 2.431   1.00 22.18 ? 122 THR A CA  1 
ATOM   832  C  C   . THR A 1 122 ? -12.363 -11.213 1.807   1.00 20.76 ? 122 THR A C   1 
ATOM   833  O  O   . THR A 1 122 ? -12.017 -12.299 1.336   1.00 20.34 ? 122 THR A O   1 
ATOM   834  C  CB  . THR A 1 122 ? -13.743 -11.697 3.831   1.00 22.77 ? 122 THR A CB  1 
ATOM   835  O  OG1 . THR A 1 122 ? -15.026 -11.513 4.443   1.00 24.86 ? 122 THR A OG1 1 
ATOM   836  C  CG2 . THR A 1 122 ? -12.664 -11.091 4.720   1.00 22.70 ? 122 THR A CG2 1 
ATOM   837  N  N   . ALA A 1 123 ? -11.583 -10.132 1.811   1.00 18.42 ? 123 ALA A N   1 
ATOM   838  C  CA  . ALA A 1 123 ? -10.229 -10.136 1.257   1.00 17.06 ? 123 ALA A CA  1 
ATOM   839  C  C   . ALA A 1 123 ? -9.211  -9.673  2.293   1.00 15.93 ? 123 ALA A C   1 
ATOM   840  O  O   . ALA A 1 123 ? -9.575  -9.121  3.328   1.00 15.86 ? 123 ALA A O   1 
ATOM   841  C  CB  . ALA A 1 123 ? -10.161 -9.250  0.023   1.00 16.75 ? 123 ALA A CB  1 
ATOM   842  N  N   . PHE A 1 124 ? -7.936  -9.911  2.004   1.00 14.52 ? 124 PHE A N   1 
ATOM   843  C  CA  . PHE A 1 124 ? -6.846  -9.467  2.864   1.00 13.75 ? 124 PHE A CA  1 
ATOM   844  C  C   . PHE A 1 124 ? -5.569  -9.269  2.050   1.00 13.62 ? 124 PHE A C   1 
ATOM   845  O  O   . PHE A 1 124 ? -5.412  -9.854  0.974   1.00 13.07 ? 124 PHE A O   1 
ATOM   846  C  CB  . PHE A 1 124 ? -6.592  -10.489 3.981   1.00 13.71 ? 124 PHE A CB  1 
ATOM   847  C  CG  . PHE A 1 124 ? -5.925  -11.751 3.504   1.00 13.09 ? 124 PHE A CG  1 
ATOM   848  C  CD1 . PHE A 1 124 ? -6.676  -12.772 2.930   1.00 13.43 ? 124 PHE A CD1 1 
ATOM   849  C  CD2 . PHE A 1 124 ? -4.547  -11.904 3.602   1.00 12.67 ? 124 PHE A CD2 1 
ATOM   850  C  CE1 . PHE A 1 124 ? -6.064  -13.931 2.474   1.00 13.69 ? 124 PHE A CE1 1 
ATOM   851  C  CE2 . PHE A 1 124 ? -3.927  -13.055 3.147   1.00 13.22 ? 124 PHE A CE2 1 
ATOM   852  C  CZ  . PHE A 1 124 ? -4.686  -14.072 2.581   1.00 14.12 ? 124 PHE A CZ  1 
ATOM   853  N  N   . LEU A 1 125 ? -4.671  -8.443  2.581   1.00 13.27 ? 125 LEU A N   1 
ATOM   854  C  CA  . LEU A 1 125 ? -3.334  -8.239  2.021   1.00 12.65 ? 125 LEU A CA  1 
ATOM   855  C  C   . LEU A 1 125 ? -2.311  -8.562  3.099   1.00 12.07 ? 125 LEU A C   1 
ATOM   856  O  O   . LEU A 1 125 ? -2.407  -8.068  4.219   1.00 12.42 ? 125 LEU A O   1 
ATOM   857  C  CB  . LEU A 1 125 ? -3.154  -6.789  1.560   1.00 12.67 ? 125 LEU A CB  1 
ATOM   858  C  CG  . LEU A 1 125 ? -1.794  -6.373  0.980   1.00 13.23 ? 125 LEU A CG  1 
ATOM   859  C  CD1 . LEU A 1 125 ? -1.630  -6.873  -0.443  1.00 14.15 ? 125 LEU A CD1 1 
ATOM   860  C  CD2 . LEU A 1 125 ? -1.631  -4.867  1.024   1.00 13.41 ? 125 LEU A CD2 1 
ATOM   861  N  N   . ALA A 1 126 ? -1.344  -9.404  2.758   1.00 12.55 ? 126 ALA A N   1 
ATOM   862  C  CA  . ALA A 1 126 ? -0.213  -9.703  3.629   1.00 13.05 ? 126 ALA A CA  1 
ATOM   863  C  C   . ALA A 1 126 ? 1.035   -9.713  2.752   1.00 13.98 ? 126 ALA A C   1 
ATOM   864  O  O   . ALA A 1 126 ? 1.303   -10.698 2.064   1.00 14.81 ? 126 ALA A O   1 
ATOM   865  C  CB  . ALA A 1 126 ? -0.409  -11.048 4.320   1.00 11.90 ? 126 ALA A CB  1 
ATOM   866  N  N   . HIS A 1 127 ? 1.773   -8.605  2.760   1.00 14.37 ? 127 HIS A N   1 
ATOM   867  C  CA  . HIS A 1 127 ? 2.878   -8.396  1.825   1.00 14.30 ? 127 HIS A CA  1 
ATOM   868  C  C   . HIS A 1 127 ? 4.095   -7.802  2.524   1.00 13.53 ? 127 HIS A C   1 
ATOM   869  O  O   . HIS A 1 127 ? 3.964   -6.900  3.350   1.00 13.19 ? 127 HIS A O   1 
ATOM   870  C  CB  . HIS A 1 127 ? 2.426   -7.461  0.693   1.00 15.40 ? 127 HIS A CB  1 
ATOM   871  C  CG  . HIS A 1 127 ? 3.469   -7.223  -0.353  1.00 16.57 ? 127 HIS A CG  1 
ATOM   872  N  ND1 . HIS A 1 127 ? 3.731   -8.126  -1.362  1.00 17.64 ? 127 HIS A ND1 1 
ATOM   873  C  CD2 . HIS A 1 127 ? 4.316   -6.184  -0.548  1.00 16.88 ? 127 HIS A CD2 1 
ATOM   874  C  CE1 . HIS A 1 127 ? 4.696   -7.653  -2.133  1.00 17.35 ? 127 HIS A CE1 1 
ATOM   875  N  NE2 . HIS A 1 127 ? 5.068   -6.476  -1.661  1.00 17.61 ? 127 HIS A NE2 1 
ATOM   876  N  N   . VAL A 1 128 ? 5.276   -8.315  2.181   1.00 12.99 ? 128 VAL A N   1 
ATOM   877  C  CA  . VAL A 1 128 ? 6.533   -7.778  2.681   1.00 12.01 ? 128 VAL A CA  1 
ATOM   878  C  C   . VAL A 1 128 ? 7.112   -6.805  1.661   1.00 12.72 ? 128 VAL A C   1 
ATOM   879  O  O   . VAL A 1 128 ? 7.283   -7.157  0.492   1.00 12.63 ? 128 VAL A O   1 
ATOM   880  C  CB  . VAL A 1 128 ? 7.572   -8.895  2.936   1.00 13.20 ? 128 VAL A CB  1 
ATOM   881  C  CG1 . VAL A 1 128 ? 8.895   -8.299  3.410   1.00 12.00 ? 128 VAL A CG1 1 
ATOM   882  C  CG2 . VAL A 1 128 ? 7.036   -9.910  3.948   1.00 11.74 ? 128 VAL A CG2 1 
ATOM   883  N  N   . VAL A 1 129 ? 7.376   -5.575  2.102   1.00 12.62 ? 129 VAL A N   1 
ATOM   884  C  CA  . VAL A 1 129 ? 8.176   -4.634  1.336   1.00 11.31 ? 129 VAL A CA  1 
ATOM   885  C  C   . VAL A 1 129 ? 9.620   -4.805  1.806   1.00 11.92 ? 129 VAL A C   1 
ATOM   886  O  O   . VAL A 1 129 ? 9.962   -4.440  2.930   1.00 11.93 ? 129 VAL A O   1 
ATOM   887  C  CB  . VAL A 1 129 ? 7.704   -3.178  1.542   1.00 11.36 ? 129 VAL A CB  1 
ATOM   888  C  CG1 . VAL A 1 129 ? 8.576   -2.208  0.746   1.00 10.56 ? 129 VAL A CG1 1 
ATOM   889  C  CG2 . VAL A 1 129 ? 6.243   -3.033  1.141   1.00 9.92  ? 129 VAL A CG2 1 
ATOM   890  N  N   . SER A 1 130 ? 10.456  -5.381  0.945   1.00 12.33 ? 130 SER A N   1 
ATOM   891  C  CA  . SER A 1 130 ? 11.824  -5.756  1.313   1.00 12.41 ? 130 SER A CA  1 
ATOM   892  C  C   . SER A 1 130 ? 12.738  -4.548  1.535   1.00 12.31 ? 130 SER A C   1 
ATOM   893  O  O   . SER A 1 130 ? 13.630  -4.592  2.389   1.00 11.47 ? 130 SER A O   1 
ATOM   894  C  CB  . SER A 1 130 ? 12.415  -6.676  0.247   1.00 13.19 ? 130 SER A CB  1 
ATOM   895  O  OG  . SER A 1 130 ? 11.682  -7.885  0.161   1.00 14.52 ? 130 SER A OG  1 
ATOM   896  N  N   . ARG A 1 131 ? 12.526  -3.495  0.742   1.00 11.88 ? 131 ARG A N   1 
ATOM   897  C  CA  A ARG A 1 131 ? 13.220  -2.226  0.919   0.60 12.72 ? 131 ARG A CA  1 
ATOM   898  C  CA  B ARG A 1 131 ? 13.224  -2.220  0.914   0.40 11.81 ? 131 ARG A CA  1 
ATOM   899  C  C   . ARG A 1 131 ? 12.241  -1.070  0.687   1.00 12.07 ? 131 ARG A C   1 
ATOM   900  O  O   . ARG A 1 131 ? 11.755  -0.870  -0.431  1.00 10.40 ? 131 ARG A O   1 
ATOM   901  C  CB  A ARG A 1 131 ? 14.412  -2.117  -0.042  0.60 13.89 ? 131 ARG A CB  1 
ATOM   902  C  CB  B ARG A 1 131 ? 14.406  -2.100  -0.059  0.40 11.76 ? 131 ARG A CB  1 
ATOM   903  C  CG  A ARG A 1 131 ? 15.468  -1.119  0.423   0.60 14.87 ? 131 ARG A CG  1 
ATOM   904  C  CG  B ARG A 1 131 ? 15.248  -0.829  0.123   0.40 11.49 ? 131 ARG A CG  1 
ATOM   905  C  CD  A ARG A 1 131 ? 16.254  -0.481  -0.713  0.60 15.96 ? 131 ARG A CD  1 
ATOM   906  C  CD  B ARG A 1 131 ? 16.298  -0.661  -0.971  0.40 11.33 ? 131 ARG A CD  1 
ATOM   907  N  NE  A ARG A 1 131 ? 17.495  -1.189  -1.025  0.60 16.77 ? 131 ARG A NE  1 
ATOM   908  N  NE  B ARG A 1 131 ? 16.815  0.707   -1.028  0.40 10.93 ? 131 ARG A NE  1 
ATOM   909  C  CZ  A ARG A 1 131 ? 18.623  -1.117  -0.313  0.60 17.84 ? 131 ARG A CZ  1 
ATOM   910  C  CZ  B ARG A 1 131 ? 18.100  1.032   -0.929  0.40 10.19 ? 131 ARG A CZ  1 
ATOM   911  N  NH1 A ARG A 1 131 ? 18.695  -0.383  0.796   0.60 18.22 ? 131 ARG A NH1 1 
ATOM   912  N  NH1 B ARG A 1 131 ? 19.018  0.087   -0.786  0.40 10.42 ? 131 ARG A NH1 1 
ATOM   913  N  NH2 A ARG A 1 131 ? 19.691  -1.800  -0.710  0.60 18.11 ? 131 ARG A NH2 1 
ATOM   914  N  NH2 B ARG A 1 131 ? 18.471  2.302   -0.987  0.40 9.92  ? 131 ARG A NH2 1 
ATOM   915  N  N   . THR A 1 132 ? 11.944  -0.322  1.749   1.00 11.63 ? 132 THR A N   1 
ATOM   916  C  CA  . THR A 1 132 ? 11.027  0.815   1.660   1.00 12.65 ? 132 THR A CA  1 
ATOM   917  C  C   . THR A 1 132 ? 11.657  2.005   0.932   1.00 12.47 ? 132 THR A C   1 
ATOM   918  O  O   . THR A 1 132 ? 12.845  2.288   1.091   1.00 12.33 ? 132 THR A O   1 
ATOM   919  C  CB  . THR A 1 132 ? 10.563  1.297   3.060   1.00 13.25 ? 132 THR A CB  1 
ATOM   920  O  OG1 . THR A 1 132 ? 11.706  1.552   3.894   1.00 14.15 ? 132 THR A OG1 1 
ATOM   921  C  CG2 . THR A 1 132 ? 9.679   0.254   3.717   1.00 12.87 ? 132 THR A CG2 1 
ATOM   922  N  N   . GLY A 1 133 ? 10.848  2.685   0.126   1.00 12.94 ? 133 GLY A N   1 
ATOM   923  C  CA  . GLY A 1 133 ? 11.226  3.965   -0.476  1.00 13.01 ? 133 GLY A CA  1 
ATOM   924  C  C   . GLY A 1 133 ? 10.833  5.130   0.419   1.00 13.34 ? 133 GLY A C   1 
ATOM   925  O  O   . GLY A 1 133 ? 10.607  4.960   1.623   1.00 12.41 ? 133 GLY A O   1 
ATOM   926  N  N   . SER A 1 134 ? 10.722  6.311   -0.181  1.00 13.57 ? 134 SER A N   1 
ATOM   927  C  CA  . SER A 1 134 ? 10.522  7.550   0.569   1.00 15.49 ? 134 SER A CA  1 
ATOM   928  C  C   . SER A 1 134 ? 9.071   7.788   0.995   1.00 16.65 ? 134 SER A C   1 
ATOM   929  O  O   . SER A 1 134 ? 8.814   8.625   1.859   1.00 18.00 ? 134 SER A O   1 
ATOM   930  C  CB  . SER A 1 134 ? 11.019  8.741   -0.249  1.00 15.44 ? 134 SER A CB  1 
ATOM   931  O  OG  . SER A 1 134 ? 10.342  8.811   -1.488  1.00 16.97 ? 134 SER A OG  1 
ATOM   932  N  N   . TYR A 1 135 ? 8.132   7.058   0.401   1.00 16.41 ? 135 TYR A N   1 
ATOM   933  C  CA  . TYR A 1 135 ? 6.714   7.248   0.692   1.00 16.98 ? 135 TYR A CA  1 
ATOM   934  C  C   . TYR A 1 135 ? 6.279   6.491   1.955   1.00 17.21 ? 135 TYR A C   1 
ATOM   935  O  O   . TYR A 1 135 ? 5.736   7.092   2.880   1.00 16.69 ? 135 TYR A O   1 
ATOM   936  C  CB  . TYR A 1 135 ? 5.876   6.826   -0.522  1.00 18.05 ? 135 TYR A CB  1 
ATOM   937  C  CG  . TYR A 1 135 ? 4.373   6.990   -0.368  1.00 18.89 ? 135 TYR A CG  1 
ATOM   938  C  CD1 . TYR A 1 135 ? 3.823   8.124   0.231   1.00 19.11 ? 135 TYR A CD1 1 
ATOM   939  C  CD2 . TYR A 1 135 ? 3.501   6.020   -0.861  1.00 19.55 ? 135 TYR A CD2 1 
ATOM   940  C  CE1 . TYR A 1 135 ? 2.445   8.274   0.352   1.00 19.65 ? 135 TYR A CE1 1 
ATOM   941  C  CE2 . TYR A 1 135 ? 2.125   6.160   -0.741  1.00 19.60 ? 135 TYR A CE2 1 
ATOM   942  C  CZ  . TYR A 1 135 ? 1.605   7.287   -0.139  1.00 19.85 ? 135 TYR A CZ  1 
ATOM   943  O  OH  . TYR A 1 135 ? 0.246   7.421   -0.024  1.00 21.28 ? 135 TYR A OH  1 
ATOM   944  N  N   . LEU A 1 136 ? 6.518   5.183   1.992   1.00 17.58 ? 136 LEU A N   1 
ATOM   945  C  CA  . LEU A 1 136 ? 6.153   4.367   3.154   1.00 18.47 ? 136 LEU A CA  1 
ATOM   946  C  C   . LEU A 1 136 ? 7.008   4.688   4.379   1.00 19.69 ? 136 LEU A C   1 
ATOM   947  O  O   . LEU A 1 136 ? 6.532   4.584   5.514   1.00 19.86 ? 136 LEU A O   1 
ATOM   948  C  CB  . LEU A 1 136 ? 6.255   2.870   2.836   1.00 19.01 ? 136 LEU A CB  1 
ATOM   949  C  CG  . LEU A 1 136 ? 5.217   2.297   1.865   1.00 20.18 ? 136 LEU A CG  1 
ATOM   950  C  CD1 . LEU A 1 136 ? 5.486   0.817   1.602   1.00 19.63 ? 136 LEU A CD1 1 
ATOM   951  C  CD2 . LEU A 1 136 ? 3.801   2.509   2.385   1.00 19.98 ? 136 LEU A CD2 1 
ATOM   952  N  N   . SER A 1 137 ? 8.263   5.076   4.152   1.00 20.70 ? 137 SER A N   1 
ATOM   953  C  CA  . SER A 1 137 ? 9.154   5.463   5.248   1.00 22.22 ? 137 SER A CA  1 
ATOM   954  C  C   . SER A 1 137 ? 8.801   6.822   5.876   1.00 24.02 ? 137 SER A C   1 
ATOM   955  O  O   . SER A 1 137 ? 9.384   7.196   6.890   1.00 25.30 ? 137 SER A O   1 
ATOM   956  C  CB  . SER A 1 137 ? 10.615  5.452   4.793   1.00 21.17 ? 137 SER A CB  1 
ATOM   957  O  OG  . SER A 1 137 ? 10.859  6.445   3.819   1.00 20.92 ? 137 SER A OG  1 
ATOM   958  N  N   . SER A 1 138 ? 7.860   7.559   5.279   1.00 26.15 ? 138 SER A N   1 
ATOM   959  C  CA  . SER A 1 138 ? 7.351   8.799   5.883   1.00 27.65 ? 138 SER A CA  1 
ATOM   960  C  C   . SER A 1 138 ? 6.552   8.536   7.160   1.00 28.37 ? 138 SER A C   1 
ATOM   961  O  O   . SER A 1 138 ? 6.402   9.429   7.995   1.00 29.65 ? 138 SER A O   1 
ATOM   962  C  CB  . SER A 1 138 ? 6.486   9.580   4.892   1.00 27.79 ? 138 SER A CB  1 
ATOM   963  O  OG  . SER A 1 138 ? 7.259   10.049  3.804   1.00 28.48 ? 138 SER A OG  1 
ATOM   964  N  N   . THR A 1 139 ? 6.034   7.318   7.303   1.00 28.73 ? 139 THR A N   1 
ATOM   965  C  CA  . THR A 1 139 ? 5.346   6.902   8.524   1.00 28.76 ? 139 THR A CA  1 
ATOM   966  C  C   . THR A 1 139 ? 6.320   6.829   9.699   1.00 28.40 ? 139 THR A C   1 
ATOM   967  O  O   . THR A 1 139 ? 7.471   6.416   9.539   1.00 27.87 ? 139 THR A O   1 
ATOM   968  C  CB  . THR A 1 139 ? 4.671   5.522   8.344   1.00 29.25 ? 139 THR A CB  1 
ATOM   969  O  OG1 . THR A 1 139 ? 3.700   5.597   7.290   1.00 30.30 ? 139 THR A OG1 1 
ATOM   970  C  CG2 . THR A 1 139 ? 3.987   5.075   9.630   1.00 29.18 ? 139 THR A CG2 1 
ATOM   971  N  N   . ALA A 1 140 ? 5.845   7.229   10.877  1.00 28.22 ? 140 ALA A N   1 
ATOM   972  C  CA  . ALA A 1 140 ? 6.641   7.167   12.101  1.00 28.15 ? 140 ALA A CA  1 
ATOM   973  C  C   . ALA A 1 140 ? 7.043   5.726   12.412  1.00 28.39 ? 140 ALA A C   1 
ATOM   974  O  O   . ALA A 1 140 ? 6.198   4.827   12.418  1.00 28.54 ? 140 ALA A O   1 
ATOM   975  C  CB  . ALA A 1 140 ? 5.859   7.756   13.270  1.00 27.95 ? 140 ALA A CB  1 
ATOM   976  N  N   . GLY A 1 141 ? 8.336   5.514   12.653  1.00 27.76 ? 141 GLY A N   1 
ATOM   977  C  CA  . GLY A 1 141 ? 8.856   4.192   12.988  1.00 27.22 ? 141 GLY A CA  1 
ATOM   978  C  C   . GLY A 1 141 ? 9.361   3.368   11.813  1.00 27.13 ? 141 GLY A C   1 
ATOM   979  O  O   . GLY A 1 141 ? 9.918   2.291   12.021  1.00 27.68 ? 141 GLY A O   1 
ATOM   980  N  N   . ILE A 1 142 ? 9.167   3.853   10.584  1.00 26.13 ? 142 ILE A N   1 
ATOM   981  C  CA  . ILE A 1 142 ? 9.673   3.167   9.390   1.00 24.97 ? 142 ILE A CA  1 
ATOM   982  C  C   . ILE A 1 142 ? 10.861  3.939   8.822   1.00 24.59 ? 142 ILE A C   1 
ATOM   983  O  O   . ILE A 1 142 ? 10.715  5.094   8.418   1.00 23.27 ? 142 ILE A O   1 
ATOM   984  C  CB  . ILE A 1 142 ? 8.601   3.047   8.282   1.00 24.59 ? 142 ILE A CB  1 
ATOM   985  C  CG1 . ILE A 1 142 ? 7.327   2.367   8.799   1.00 24.58 ? 142 ILE A CG1 1 
ATOM   986  C  CG2 . ILE A 1 142 ? 9.170   2.269   7.095   1.00 24.62 ? 142 ILE A CG2 1 
ATOM   987  C  CD1 . ILE A 1 142 ? 7.377   0.850   8.797   1.00 24.67 ? 142 ILE A CD1 1 
ATOM   988  N  N   . THR A 1 143 ? 12.029  3.297   8.780   1.00 24.42 ? 143 THR A N   1 
ATOM   989  C  CA  . THR A 1 143 ? 13.253  3.942   8.294   1.00 24.20 ? 143 THR A CA  1 
ATOM   990  C  C   . THR A 1 143 ? 13.485  3.673   6.807   1.00 22.48 ? 143 THR A C   1 
ATOM   991  O  O   . THR A 1 143 ? 13.250  2.563   6.328   1.00 20.99 ? 143 THR A O   1 
ATOM   992  C  CB  . THR A 1 143 ? 14.478  3.453   9.070   1.00 25.68 ? 143 THR A CB  1 
ATOM   993  O  OG1 . THR A 1 143 ? 14.205  3.504   10.477  1.00 27.56 ? 143 THR A OG1 1 
ATOM   994  C  CG2 . THR A 1 143 ? 15.698  4.313   8.747   1.00 25.58 ? 143 THR A CG2 1 
ATOM   995  N  N   . LEU A 1 144 ? 13.958  4.694   6.093   1.00 21.77 ? 144 LEU A N   1 
ATOM   996  C  CA  . LEU A 1 144 ? 14.223  4.600   4.652   1.00 21.45 ? 144 LEU A CA  1 
ATOM   997  C  C   . LEU A 1 144 ? 15.167  3.435   4.369   1.00 21.64 ? 144 LEU A C   1 
ATOM   998  O  O   . LEU A 1 144 ? 16.263  3.376   4.922   1.00 22.49 ? 144 LEU A O   1 
ATOM   999  C  CB  . LEU A 1 144 ? 14.829  5.920   4.140   1.00 21.36 ? 144 LEU A CB  1 
ATOM   1000 C  CG  . LEU A 1 144 ? 15.079  6.176   2.641   1.00 21.30 ? 144 LEU A CG  1 
ATOM   1001 C  CD1 . LEU A 1 144 ? 16.415  5.606   2.180   1.00 21.92 ? 144 LEU A CD1 1 
ATOM   1002 C  CD2 . LEU A 1 144 ? 13.940  5.661   1.765   1.00 20.86 ? 144 LEU A CD2 1 
ATOM   1003 N  N   . GLY A 1 145 ? 14.720  2.497   3.535   1.00 21.20 ? 145 GLY A N   1 
ATOM   1004 C  CA  . GLY A 1 145 ? 15.539  1.348   3.144   1.00 21.27 ? 145 GLY A CA  1 
ATOM   1005 C  C   . GLY A 1 145 ? 15.299  0.063   3.927   1.00 21.21 ? 145 GLY A C   1 
ATOM   1006 O  O   . GLY A 1 145 ? 15.718  -1.008  3.494   1.00 21.55 ? 145 GLY A O   1 
ATOM   1007 N  N   . ASP A 1 146 ? 14.639  0.160   5.080   1.00 21.40 ? 146 ASP A N   1 
ATOM   1008 C  CA  . ASP A 1 146 ? 14.383  -1.011  5.924   1.00 21.13 ? 146 ASP A CA  1 
ATOM   1009 C  C   . ASP A 1 146 ? 13.175  -1.820  5.434   1.00 19.02 ? 146 ASP A C   1 
ATOM   1010 O  O   . ASP A 1 146 ? 12.267  -1.263  4.812   1.00 18.82 ? 146 ASP A O   1 
ATOM   1011 C  CB  . ASP A 1 146 ? 14.160  -0.589  7.382   1.00 22.59 ? 146 ASP A CB  1 
ATOM   1012 C  CG  . ASP A 1 146 ? 15.442  -0.145  8.072   1.00 24.53 ? 146 ASP A CG  1 
ATOM   1013 O  OD1 . ASP A 1 146 ? 16.496  -0.033  7.407   1.00 25.31 ? 146 ASP A OD1 1 
ATOM   1014 O  OD2 . ASP A 1 146 ? 15.393  0.094   9.297   1.00 26.79 ? 146 ASP A OD2 1 
ATOM   1015 N  N   . PRO A 1 147 ? 13.155  -3.136  5.731   1.00 17.52 ? 147 PRO A N   1 
ATOM   1016 C  CA  . PRO A 1 147 ? 12.015  -3.967  5.334   1.00 16.89 ? 147 PRO A CA  1 
ATOM   1017 C  C   . PRO A 1 147 ? 10.778  -3.726  6.197   1.00 16.95 ? 147 PRO A C   1 
ATOM   1018 O  O   . PRO A 1 147 ? 10.852  -3.048  7.228   1.00 15.48 ? 147 PRO A O   1 
ATOM   1019 C  CB  . PRO A 1 147 ? 12.522  -5.410  5.511   1.00 16.56 ? 147 PRO A CB  1 
ATOM   1020 C  CG  . PRO A 1 147 ? 13.831  -5.323  6.220   1.00 16.43 ? 147 PRO A CG  1 
ATOM   1021 C  CD  . PRO A 1 147 ? 14.131  -3.890  6.539   1.00 16.87 ? 147 PRO A CD  1 
ATOM   1022 N  N   . MET A 1 148 ? 9.652   -4.296  5.782   1.00 17.26 ? 148 MET A N   1 
ATOM   1023 C  CA  . MET A 1 148 ? 8.379   -3.984  6.403   1.00 18.41 ? 148 MET A CA  1 
ATOM   1024 C  C   . MET A 1 148 ? 7.293   -4.976  5.997   1.00 15.85 ? 148 MET A C   1 
ATOM   1025 O  O   . MET A 1 148 ? 7.241   -5.411  4.847   1.00 15.10 ? 148 MET A O   1 
ATOM   1026 C  CB  . MET A 1 148 ? 7.986   -2.574  5.972   1.00 22.06 ? 148 MET A CB  1 
ATOM   1027 C  CG  . MET A 1 148 ? 6.622   -2.120  6.391   1.00 25.55 ? 148 MET A CG  1 
ATOM   1028 S  SD  . MET A 1 148 ? 5.750   -1.493  4.961   1.00 29.48 ? 148 MET A SD  1 
ATOM   1029 C  CE  . MET A 1 148 ? 4.672   -0.308  5.741   1.00 27.92 ? 148 MET A CE  1 
ATOM   1030 N  N   . ALA A 1 149 ? 6.430   -5.321  6.953   1.00 13.89 ? 149 ALA A N   1 
ATOM   1031 C  CA  . ALA A 1 149 ? 5.226   -6.110  6.694   1.00 12.08 ? 149 ALA A CA  1 
ATOM   1032 C  C   . ALA A 1 149 ? 4.024   -5.172  6.559   1.00 12.23 ? 149 ALA A C   1 
ATOM   1033 O  O   . ALA A 1 149 ? 3.741   -4.390  7.470   1.00 12.11 ? 149 ALA A O   1 
ATOM   1034 C  CB  . ALA A 1 149 ? 4.995   -7.113  7.820   1.00 10.18 ? 149 ALA A CB  1 
ATOM   1035 N  N   . TYR A 1 150 ? 3.328   -5.266  5.426   1.00 11.34 ? 150 TYR A N   1 
ATOM   1036 C  CA  . TYR A 1 150 ? 2.153   -4.449  5.119   1.00 11.56 ? 150 TYR A CA  1 
ATOM   1037 C  C   . TYR A 1 150 ? 0.919   -5.356  5.199   1.00 11.60 ? 150 TYR A C   1 
ATOM   1038 O  O   . TYR A 1 150 ? 0.738   -6.245  4.359   1.00 10.99 ? 150 TYR A O   1 
ATOM   1039 C  CB  . TYR A 1 150 ? 2.306   -3.857  3.715   1.00 12.70 ? 150 TYR A CB  1 
ATOM   1040 C  CG  . TYR A 1 150 ? 1.428   -2.664  3.375   1.00 13.56 ? 150 TYR A CG  1 
ATOM   1041 C  CD1 . TYR A 1 150 ? 1.988   -1.488  2.878   1.00 13.88 ? 150 TYR A CD1 1 
ATOM   1042 C  CD2 . TYR A 1 150 ? 0.040   -2.720  3.508   1.00 14.36 ? 150 TYR A CD2 1 
ATOM   1043 C  CE1 . TYR A 1 150 ? 1.192   -0.392  2.537   1.00 13.77 ? 150 TYR A CE1 1 
ATOM   1044 C  CE2 . TYR A 1 150 ? -0.760  -1.634  3.169   1.00 14.81 ? 150 TYR A CE2 1 
ATOM   1045 C  CZ  . TYR A 1 150 ? -0.176  -0.473  2.684   1.00 14.52 ? 150 TYR A CZ  1 
ATOM   1046 O  OH  . TYR A 1 150 ? -0.966  0.608   2.357   1.00 16.10 ? 150 TYR A OH  1 
ATOM   1047 N  N   . LEU A 1 151 ? 0.079   -5.124  6.209   1.00 10.67 ? 151 LEU A N   1 
ATOM   1048 C  CA  . LEU A 1 151 ? -1.028  -6.021  6.541   1.00 10.57 ? 151 LEU A CA  1 
ATOM   1049 C  C   . LEU A 1 151 ? -2.350  -5.278  6.445   1.00 10.41 ? 151 LEU A C   1 
ATOM   1050 O  O   . LEU A 1 151 ? -2.479  -4.191  7.000   1.00 12.55 ? 151 LEU A O   1 
ATOM   1051 C  CB  . LEU A 1 151 ? -0.854  -6.572  7.962   1.00 10.73 ? 151 LEU A CB  1 
ATOM   1052 C  CG  . LEU A 1 151 ? 0.517   -7.166  8.314   1.00 10.93 ? 151 LEU A CG  1 
ATOM   1053 C  CD1 . LEU A 1 151 ? 0.607   -7.515  9.809   1.00 9.66  ? 151 LEU A CD1 1 
ATOM   1054 C  CD2 . LEU A 1 151 ? 0.818   -8.386  7.449   1.00 9.52  ? 151 LEU A CD2 1 
ATOM   1055 N  N   . VAL A 1 152 ? -3.321  -5.856  5.736   1.00 10.28 ? 152 VAL A N   1 
ATOM   1056 C  CA  . VAL A 1 152 ? -4.661  -5.266  5.614   1.00 9.69  ? 152 VAL A CA  1 
ATOM   1057 C  C   . VAL A 1 152 ? -5.747  -6.343  5.685   1.00 10.04 ? 152 VAL A C   1 
ATOM   1058 O  O   . VAL A 1 152 ? -5.631  -7.404  5.059   1.00 8.75  ? 152 VAL A O   1 
ATOM   1059 C  CB  . VAL A 1 152 ? -4.842  -4.481  4.288   1.00 10.23 ? 152 VAL A CB  1 
ATOM   1060 C  CG1 . VAL A 1 152 ? -6.177  -3.727  4.291   1.00 8.86  ? 152 VAL A CG1 1 
ATOM   1061 C  CG2 . VAL A 1 152 ? -3.678  -3.518  4.051   1.00 9.97  ? 152 VAL A CG2 1 
ATOM   1062 N  N   . ALA A 1 153 ? -6.801  -6.057  6.445   1.00 10.42 ? 153 ALA A N   1 
ATOM   1063 C  CA  . ALA A 1 153 ? -7.945  -6.961  6.572   1.00 10.92 ? 153 ALA A CA  1 
ATOM   1064 C  C   . ALA A 1 153 ? -9.140  -6.202  7.136   1.00 10.55 ? 153 ALA A C   1 
ATOM   1065 O  O   . ALA A 1 153 ? -8.993  -5.057  7.555   1.00 11.19 ? 153 ALA A O   1 
ATOM   1066 C  CB  . ALA A 1 153 ? -7.592  -8.131  7.478   1.00 10.10 ? 153 ALA A CB  1 
ATOM   1067 N  N   . PRO A 1 154 ? -10.327 -6.833  7.152   1.00 11.71 ? 154 PRO A N   1 
ATOM   1068 C  CA  . PRO A 1 154 ? -11.436 -6.243  7.902   1.00 12.10 ? 154 PRO A CA  1 
ATOM   1069 C  C   . PRO A 1 154 ? -11.116 -6.148  9.400   1.00 12.75 ? 154 PRO A C   1 
ATOM   1070 O  O   . PRO A 1 154 ? -10.451 -7.033  9.934   1.00 12.44 ? 154 PRO A O   1 
ATOM   1071 C  CB  . PRO A 1 154 ? -12.597 -7.205  7.636   1.00 11.62 ? 154 PRO A CB  1 
ATOM   1072 C  CG  . PRO A 1 154 ? -12.259 -7.846  6.338   1.00 11.29 ? 154 PRO A CG  1 
ATOM   1073 C  CD  . PRO A 1 154 ? -10.766 -7.992  6.354   1.00 11.47 ? 154 PRO A CD  1 
ATOM   1074 N  N   . PRO A 1 155 ? -11.598 -5.083  10.068  1.00 13.51 ? 155 PRO A N   1 
ATOM   1075 C  CA  . PRO A 1 155 ? -11.126 -4.634  11.388  1.00 13.90 ? 155 PRO A CA  1 
ATOM   1076 C  C   . PRO A 1 155 ? -11.019 -5.697  12.484  1.00 13.32 ? 155 PRO A C   1 
ATOM   1077 O  O   . PRO A 1 155 ? -10.067 -5.652  13.269  1.00 14.12 ? 155 PRO A O   1 
ATOM   1078 C  CB  . PRO A 1 155 ? -12.139 -3.541  11.785  1.00 14.61 ? 155 PRO A CB  1 
ATOM   1079 C  CG  . PRO A 1 155 ? -13.263 -3.652  10.823  1.00 15.00 ? 155 PRO A CG  1 
ATOM   1080 C  CD  . PRO A 1 155 ? -12.702 -4.244  9.574   1.00 14.48 ? 155 PRO A CD  1 
ATOM   1081 N  N   . LEU A 1 156 ? -11.965 -6.632  12.557  1.00 12.01 ? 156 LEU A N   1 
ATOM   1082 C  CA  . LEU A 1 156 ? -11.881 -7.701  13.561  1.00 11.52 ? 156 LEU A CA  1 
ATOM   1083 C  C   . LEU A 1 156 ? -10.747 -8.656  13.212  1.00 11.94 ? 156 LEU A C   1 
ATOM   1084 O  O   . LEU A 1 156 ? -9.917  -8.973  14.068  1.00 11.99 ? 156 LEU A O   1 
ATOM   1085 C  CB  . LEU A 1 156 ? -13.200 -8.467  13.706  1.00 9.82  ? 156 LEU A CB  1 
ATOM   1086 C  CG  . LEU A 1 156 ? -13.249 -9.431  14.904  1.00 9.77  ? 156 LEU A CG  1 
ATOM   1087 C  CD1 . LEU A 1 156 ? -14.664 -9.572  15.482  1.00 8.85  ? 156 LEU A CD1 1 
ATOM   1088 C  CD2 . LEU A 1 156 ? -12.687 -10.795 14.539  1.00 9.52  ? 156 LEU A CD2 1 
ATOM   1089 N  N   . GLU A 1 157 ? -10.721 -9.104  11.955  1.00 12.66 ? 157 GLU A N   1 
ATOM   1090 C  CA  . GLU A 1 157 ? -9.649  -9.968  11.454  1.00 14.51 ? 157 GLU A CA  1 
ATOM   1091 C  C   . GLU A 1 157 ? -8.277  -9.304  11.552  1.00 13.01 ? 157 GLU A C   1 
ATOM   1092 O  O   . GLU A 1 157 ? -7.294  -9.962  11.890  1.00 12.71 ? 157 GLU A O   1 
ATOM   1093 C  CB  . GLU A 1 157 ? -9.903  -10.380 9.996   1.00 17.56 ? 157 GLU A CB  1 
ATOM   1094 C  CG  . GLU A 1 157 ? -10.953 -11.471 9.812   1.00 20.69 ? 157 GLU A CG  1 
ATOM   1095 C  CD  . GLU A 1 157 ? -12.337 -10.940 9.469   1.00 24.24 ? 157 GLU A CD  1 
ATOM   1096 O  OE1 . GLU A 1 157 ? -12.745 -9.877  10.005  1.00 26.13 ? 157 GLU A OE1 1 
ATOM   1097 O  OE2 . GLU A 1 157 ? -13.025 -11.607 8.664   1.00 26.69 ? 157 GLU A OE2 1 
ATOM   1098 N  N   . ALA A 1 158 ? -8.212  -8.008  11.250  1.00 11.59 ? 158 ALA A N   1 
ATOM   1099 C  CA  . ALA A 1 158 ? -6.960  -7.261  11.346  1.00 11.26 ? 158 ALA A CA  1 
ATOM   1100 C  C   . ALA A 1 158 ? -6.428  -7.264  12.780  1.00 11.53 ? 158 ALA A C   1 
ATOM   1101 O  O   . ALA A 1 158 ? -5.265  -7.588  13.007  1.00 11.91 ? 158 ALA A O   1 
ATOM   1102 C  CB  . ALA A 1 158 ? -7.141  -5.829  10.848  1.00 10.82 ? 158 ALA A CB  1 
ATOM   1103 N  N   . THR A 1 159 ? -7.289  -6.927  13.738  1.00 12.26 ? 159 THR A N   1 
ATOM   1104 C  CA  . THR A 1 159 ? -6.908  -6.856  15.155  1.00 12.85 ? 159 THR A CA  1 
ATOM   1105 C  C   . THR A 1 159 ? -6.365  -8.185  15.662  1.00 13.62 ? 159 THR A C   1 
ATOM   1106 O  O   . THR A 1 159 ? -5.297  -8.237  16.275  1.00 15.01 ? 159 THR A O   1 
ATOM   1107 C  CB  . THR A 1 159 ? -8.108  -6.453  16.041  1.00 12.54 ? 159 THR A CB  1 
ATOM   1108 O  OG1 . THR A 1 159 ? -8.585  -5.163  15.643  1.00 12.57 ? 159 THR A OG1 1 
ATOM   1109 C  CG2 . THR A 1 159 ? -7.714  -6.410  17.510  1.00 13.04 ? 159 THR A CG2 1 
ATOM   1110 N  N   . TYR A 1 160 ? -7.112  -9.251  15.398  1.00 14.20 ? 160 TYR A N   1 
ATOM   1111 C  CA  . TYR A 1 160 ? -6.733  -10.594 15.823  1.00 14.72 ? 160 TYR A CA  1 
ATOM   1112 C  C   . TYR A 1 160 ? -5.440  -11.038 15.136  1.00 13.73 ? 160 TYR A C   1 
ATOM   1113 O  O   . TYR A 1 160 ? -4.549  -11.595 15.779  1.00 13.78 ? 160 TYR A O   1 
ATOM   1114 C  CB  . TYR A 1 160 ? -7.866  -11.577 15.510  1.00 14.97 ? 160 TYR A CB  1 
ATOM   1115 C  CG  . TYR A 1 160 ? -7.801  -12.886 16.267  1.00 15.92 ? 160 TYR A CG  1 
ATOM   1116 C  CD1 . TYR A 1 160 ? -8.165  -12.954 17.609  1.00 16.83 ? 160 TYR A CD1 1 
ATOM   1117 C  CD2 . TYR A 1 160 ? -7.404  -14.062 15.635  1.00 16.19 ? 160 TYR A CD2 1 
ATOM   1118 C  CE1 . TYR A 1 160 ? -8.125  -14.159 18.310  1.00 16.65 ? 160 TYR A CE1 1 
ATOM   1119 C  CE2 . TYR A 1 160 ? -7.357  -15.270 16.327  1.00 16.43 ? 160 TYR A CE2 1 
ATOM   1120 C  CZ  . TYR A 1 160 ? -7.719  -15.312 17.661  1.00 17.08 ? 160 TYR A CZ  1 
ATOM   1121 O  OH  . TYR A 1 160 ? -7.673  -16.502 18.348  1.00 17.44 ? 160 TYR A OH  1 
ATOM   1122 N  N   . GLY A 1 161 ? -5.349  -10.781 13.833  1.00 12.44 ? 161 GLY A N   1 
ATOM   1123 C  CA  . GLY A 1 161 ? -4.158  -11.110 13.050  1.00 12.67 ? 161 GLY A CA  1 
ATOM   1124 C  C   . GLY A 1 161 ? -2.891  -10.380 13.473  1.00 12.70 ? 161 GLY A C   1 
ATOM   1125 O  O   . GLY A 1 161 ? -1.813  -10.975 13.486  1.00 13.42 ? 161 GLY A O   1 
ATOM   1126 N  N   . ILE A 1 162 ? -3.015  -9.093  13.805  1.00 12.38 ? 162 ILE A N   1 
ATOM   1127 C  CA  . ILE A 1 162 ? -1.880  -8.285  14.278  1.00 11.70 ? 162 ILE A CA  1 
ATOM   1128 C  C   . ILE A 1 162 ? -1.308  -8.845  15.582  1.00 11.85 ? 162 ILE A C   1 
ATOM   1129 O  O   . ILE A 1 162 ? -0.094  -8.967  15.732  1.00 10.49 ? 162 ILE A O   1 
ATOM   1130 C  CB  . ILE A 1 162 ? -2.289  -6.804  14.499  1.00 11.69 ? 162 ILE A CB  1 
ATOM   1131 C  CG1 . ILE A 1 162 ? -2.511  -6.094  13.161  1.00 12.69 ? 162 ILE A CG1 1 
ATOM   1132 C  CG2 . ILE A 1 162 ? -1.224  -6.054  15.276  1.00 10.30 ? 162 ILE A CG2 1 
ATOM   1133 C  CD1 . ILE A 1 162 ? -3.298  -4.791  13.296  1.00 12.93 ? 162 ILE A CD1 1 
ATOM   1134 N  N   . ASP A 1 163 ? -2.194  -9.182  16.518  1.00 12.51 ? 163 ASP A N   1 
ATOM   1135 C  CA  . ASP A 1 163 ? -1.803  -9.811  17.781  1.00 12.52 ? 163 ASP A CA  1 
ATOM   1136 C  C   . ASP A 1 163 ? -1.088  -11.144 17.531  1.00 11.39 ? 163 ASP A C   1 
ATOM   1137 O  O   . ASP A 1 163 ? -0.087  -11.450 18.182  1.00 10.87 ? 163 ASP A O   1 
ATOM   1138 C  CB  . ASP A 1 163 ? -3.040  -10.028 18.666  1.00 13.34 ? 163 ASP A CB  1 
ATOM   1139 C  CG  . ASP A 1 163 ? -2.714  -10.718 19.981  1.00 15.04 ? 163 ASP A CG  1 
ATOM   1140 O  OD1 . ASP A 1 163 ? -2.149  -10.059 20.884  1.00 15.75 ? 163 ASP A OD1 1 
ATOM   1141 O  OD2 . ASP A 1 163 ? -3.036  -11.920 20.117  1.00 15.75 ? 163 ASP A OD2 1 
ATOM   1142 N  N   . ALA A 1 164 ? -1.606  -11.922 16.582  1.00 9.80  ? 164 ALA A N   1 
ATOM   1143 C  CA  . ALA A 1 164 ? -1.021  -13.214 16.223  1.00 8.55  ? 164 ALA A CA  1 
ATOM   1144 C  C   . ALA A 1 164 ? 0.350   -13.057 15.560  1.00 9.45  ? 164 ALA A C   1 
ATOM   1145 O  O   . ALA A 1 164 ? 1.271   -13.827 15.844  1.00 9.80  ? 164 ALA A O   1 
ATOM   1146 C  CB  . ALA A 1 164 ? -1.967  -13.985 15.311  1.00 7.57  ? 164 ALA A CB  1 
ATOM   1147 N  N   . ALA A 1 165 ? 0.474   -12.062 14.679  1.00 9.37  ? 165 ALA A N   1 
ATOM   1148 C  CA  . ALA A 1 165 ? 1.734   -11.763 13.996  1.00 9.62  ? 165 ALA A CA  1 
ATOM   1149 C  C   . ALA A 1 165 ? 2.836   -11.368 14.979  1.00 10.24 ? 165 ALA A C   1 
ATOM   1150 O  O   . ALA A 1 165 ? 3.961   -11.865 14.890  1.00 9.56  ? 165 ALA A O   1 
ATOM   1151 C  CB  . ALA A 1 165 ? 1.529   -10.649 12.969  1.00 9.75  ? 165 ALA A CB  1 
ATOM   1152 N  N   . LEU A 1 166 ? 2.509   -10.477 15.913  1.00 10.72 ? 166 LEU A N   1 
ATOM   1153 C  CA  . LEU A 1 166 ? 3.468   -10.026 16.922  1.00 10.94 ? 166 LEU A CA  1 
ATOM   1154 C  C   . LEU A 1 166 ? 3.940   -11.177 17.815  1.00 11.52 ? 166 LEU A C   1 
ATOM   1155 O  O   . LEU A 1 166 ? 5.084   -11.186 18.257  1.00 12.60 ? 166 LEU A O   1 
ATOM   1156 C  CB  . LEU A 1 166 ? 2.874   -8.895  17.776  1.00 10.21 ? 166 LEU A CB  1 
ATOM   1157 C  CG  . LEU A 1 166 ? 2.714   -7.532  17.087  1.00 10.41 ? 166 LEU A CG  1 
ATOM   1158 C  CD1 . LEU A 1 166 ? 1.732   -6.633  17.840  1.00 8.65  ? 166 LEU A CD1 1 
ATOM   1159 C  CD2 . LEU A 1 166 ? 4.067   -6.835  16.935  1.00 9.30  ? 166 LEU A CD2 1 
ATOM   1160 N  N   . LYS A 1 167 ? 3.063   -12.146 18.069  1.00 12.56 ? 167 LYS A N   1 
ATOM   1161 C  CA  . LYS A 1 167 ? 3.408   -13.309 18.895  1.00 13.66 ? 167 LYS A CA  1 
ATOM   1162 C  C   . LYS A 1 167 ? 4.239   -14.364 18.154  1.00 14.60 ? 167 LYS A C   1 
ATOM   1163 O  O   . LYS A 1 167 ? 4.995   -15.109 18.781  1.00 14.27 ? 167 LYS A O   1 
ATOM   1164 C  CB  . LYS A 1 167 ? 2.142   -13.977 19.434  1.00 14.07 ? 167 LYS A CB  1 
ATOM   1165 C  CG  . LYS A 1 167 ? 1.419   -13.195 20.511  1.00 14.75 ? 167 LYS A CG  1 
ATOM   1166 C  CD  . LYS A 1 167 ? 0.094   -13.870 20.856  1.00 15.54 ? 167 LYS A CD  1 
ATOM   1167 C  CE  . LYS A 1 167 ? -0.667  -13.111 21.929  1.00 15.68 ? 167 LYS A CE  1 
ATOM   1168 N  NZ  . LYS A 1 167 ? -2.019  -13.687 22.142  1.00 15.86 ? 167 LYS A NZ  1 
ATOM   1169 N  N   . SER A 1 168 ? 4.094   -14.440 16.831  1.00 15.47 ? 168 SER A N   1 
ATOM   1170 C  CA  . SER A 1 168 ? 4.737   -15.500 16.051  1.00 16.91 ? 168 SER A CA  1 
ATOM   1171 C  C   . SER A 1 168 ? 6.138   -15.139 15.570  1.00 17.15 ? 168 SER A C   1 
ATOM   1172 O  O   . SER A 1 168 ? 6.952   -16.023 15.345  1.00 18.26 ? 168 SER A O   1 
ATOM   1173 C  CB  . SER A 1 168 ? 3.883   -15.871 14.837  1.00 18.19 ? 168 SER A CB  1 
ATOM   1174 O  OG  . SER A 1 168 ? 4.225   -15.072 13.712  1.00 20.29 ? 168 SER A OG  1 
ATOM   1175 N  N   . ALA A 1 169 ? 6.416   -13.851 15.399  1.00 17.73 ? 169 ALA A N   1 
ATOM   1176 C  CA  . ALA A 1 169 ? 7.659   -13.421 14.768  1.00 18.81 ? 169 ALA A CA  1 
ATOM   1177 C  C   . ALA A 1 169 ? 8.341   -12.291 15.524  1.00 19.24 ? 169 ALA A C   1 
ATOM   1178 O  O   . ALA A 1 169 ? 7.723   -11.590 16.324  1.00 18.00 ? 169 ALA A O   1 
ATOM   1179 C  CB  . ALA A 1 169 ? 7.391   -12.999 13.331  1.00 19.14 ? 169 ALA A CB  1 
ATOM   1180 N  N   . ASP A 1 170 ? 9.620   -12.107 15.225  1.00 20.34 ? 170 ASP A N   1 
ATOM   1181 C  CA  . ASP A 1 170 ? 10.441  -11.095 15.878  1.00 21.90 ? 170 ASP A CA  1 
ATOM   1182 C  C   . ASP A 1 170 ? 10.230  -9.725  15.212  1.00 21.37 ? 170 ASP A C   1 
ATOM   1183 O  O   . ASP A 1 170 ? 11.142  -9.170  14.588  1.00 20.97 ? 170 ASP A O   1 
ATOM   1184 C  CB  . ASP A 1 170 ? 11.910  -11.533 15.828  1.00 23.55 ? 170 ASP A CB  1 
ATOM   1185 C  CG  . ASP A 1 170 ? 12.740  -10.928 16.932  1.00 25.34 ? 170 ASP A CG  1 
ATOM   1186 O  OD1 . ASP A 1 170 ? 12.604  -9.710  17.185  1.00 26.96 ? 170 ASP A OD1 1 
ATOM   1187 O  OD2 . ASP A 1 170 ? 13.537  -11.675 17.542  1.00 26.84 ? 170 ASP A OD2 1 
ATOM   1188 N  N   . VAL A 1 171 ? 9.020   -9.184  15.371  1.00 20.00 ? 171 VAL A N   1 
ATOM   1189 C  CA  . VAL A 1 171 ? 8.616   -7.937  14.716  1.00 18.81 ? 171 VAL A CA  1 
ATOM   1190 C  C   . VAL A 1 171 ? 8.021   -6.931  15.702  1.00 19.79 ? 171 VAL A C   1 
ATOM   1191 O  O   . VAL A 1 171 ? 7.599   -7.300  16.798  1.00 19.23 ? 171 VAL A O   1 
ATOM   1192 C  CB  . VAL A 1 171 ? 7.587   -8.206  13.593  1.00 18.34 ? 171 VAL A CB  1 
ATOM   1193 C  CG1 . VAL A 1 171 ? 8.222   -9.041  12.482  1.00 17.93 ? 171 VAL A CG1 1 
ATOM   1194 C  CG2 . VAL A 1 171 ? 6.339   -8.896  14.147  1.00 16.47 ? 171 VAL A CG2 1 
ATOM   1195 N  N   . GLN A 1 172 ? 8.005   -5.662  15.294  1.00 21.09 ? 172 GLN A N   1 
ATOM   1196 C  CA  . GLN A 1 172 ? 7.433   -4.570  16.081  1.00 22.97 ? 172 GLN A CA  1 
ATOM   1197 C  C   . GLN A 1 172 ? 6.369   -3.815  15.285  1.00 22.77 ? 172 GLN A C   1 
ATOM   1198 O  O   . GLN A 1 172 ? 6.490   -3.645  14.074  1.00 20.93 ? 172 GLN A O   1 
ATOM   1199 C  CB  . GLN A 1 172 ? 8.524   -3.574  16.501  1.00 24.93 ? 172 GLN A CB  1 
ATOM   1200 C  CG  . GLN A 1 172 ? 9.240   -3.925  17.804  1.00 27.34 ? 172 GLN A CG  1 
ATOM   1201 C  CD  . GLN A 1 172 ? 10.222  -2.846  18.269  1.00 28.59 ? 172 GLN A CD  1 
ATOM   1202 O  OE1 . GLN A 1 172 ? 11.024  -3.075  19.177  1.00 30.21 ? 172 GLN A OE1 1 
ATOM   1203 N  NE2 . GLN A 1 172 ? 10.162  -1.671  17.649  1.00 29.47 ? 172 GLN A NE2 1 
ATOM   1204 N  N   . LEU A 1 173 ? 5.345   -3.340  15.986  1.00 23.61 ? 173 LEU A N   1 
ATOM   1205 C  CA  . LEU A 1 173 ? 4.311   -2.497  15.393  1.00 24.81 ? 173 LEU A CA  1 
ATOM   1206 C  C   . LEU A 1 173 ? 4.905   -1.098  15.193  1.00 27.07 ? 173 LEU A C   1 
ATOM   1207 O  O   . LEU A 1 173 ? 5.230   -0.415  16.164  1.00 26.66 ? 173 LEU A O   1 
ATOM   1208 C  CB  . LEU A 1 173 ? 3.084   -2.465  16.316  1.00 24.34 ? 173 LEU A CB  1 
ATOM   1209 C  CG  . LEU A 1 173 ? 1.674   -2.149  15.804  1.00 24.08 ? 173 LEU A CG  1 
ATOM   1210 C  CD1 . LEU A 1 173 ? 1.335   -2.842  14.492  1.00 23.30 ? 173 LEU A CD1 1 
ATOM   1211 C  CD2 . LEU A 1 173 ? 0.661   -2.543  16.880  1.00 22.83 ? 173 LEU A CD2 1 
ATOM   1212 N  N   . ALA A 1 174 ? 5.079   -0.693  13.934  1.00 29.89 ? 174 ALA A N   1 
ATOM   1213 C  CA  . ALA A 1 174 ? 5.698   0.598   13.607  1.00 33.26 ? 174 ALA A CA  1 
ATOM   1214 C  C   . ALA A 1 174 ? 4.886   1.751   14.183  1.00 36.32 ? 174 ALA A C   1 
ATOM   1215 O  O   . ALA A 1 174 ? 5.416   2.609   14.892  1.00 37.19 ? 174 ALA A O   1 
ATOM   1216 C  CB  . ALA A 1 174 ? 5.842   0.759   12.100  1.00 32.97 ? 174 ALA A CB  1 
ATOM   1217 N  N   . THR A 1 175 ? 3.599   1.763   13.866  1.00 39.86 ? 175 THR A N   1 
ATOM   1218 C  CA  . THR A 1 175 ? 2.661   2.691   14.482  1.00 43.21 ? 175 THR A CA  1 
ATOM   1219 C  C   . THR A 1 175 ? 1.248   2.127   14.338  1.00 45.66 ? 175 THR A C   1 
ATOM   1220 O  O   . THR A 1 175 ? 0.969   1.375   13.396  1.00 45.88 ? 175 THR A O   1 
ATOM   1221 C  CB  . THR A 1 175 ? 2.749   4.098   13.852  1.00 43.76 ? 175 THR A CB  1 
ATOM   1222 O  OG1 . THR A 1 175 ? 1.911   5.005   14.581  1.00 44.27 ? 175 THR A OG1 1 
ATOM   1223 C  CG2 . THR A 1 175 ? 2.325   4.071   12.382  1.00 43.57 ? 175 THR A CG2 1 
ATOM   1224 N  N   . TYR A 1 176 ? 0.371   2.481   15.276  1.00 48.06 ? 176 TYR A N   1 
ATOM   1225 C  CA  . TYR A 1 176 ? -0.992  1.950   15.287  1.00 49.75 ? 176 TYR A CA  1 
ATOM   1226 C  C   . TYR A 1 176 ? -2.047  3.025   15.538  1.00 51.32 ? 176 TYR A C   1 
ATOM   1227 O  O   . TYR A 1 176 ? -1.995  3.742   16.541  1.00 51.88 ? 176 TYR A O   1 
ATOM   1228 C  CB  . TYR A 1 176 ? -1.129  0.850   16.343  1.00 49.36 ? 176 TYR A CB  1 
ATOM   1229 C  CG  . TYR A 1 176 ? -2.483  0.171   16.330  1.00 49.04 ? 176 TYR A CG  1 
ATOM   1230 C  CD1 . TYR A 1 176 ? -3.432  0.447   17.312  1.00 48.71 ? 176 TYR A CD1 1 
ATOM   1231 C  CD2 . TYR A 1 176 ? -2.822  -0.733  15.325  1.00 48.79 ? 176 TYR A CD2 1 
ATOM   1232 C  CE1 . TYR A 1 176 ? -4.679  -0.170  17.301  1.00 48.56 ? 176 TYR A CE1 1 
ATOM   1233 C  CE2 . TYR A 1 176 ? -4.067  -1.353  15.303  1.00 48.63 ? 176 TYR A CE2 1 
ATOM   1234 C  CZ  . TYR A 1 176 ? -4.990  -1.068  16.295  1.00 48.55 ? 176 TYR A CZ  1 
ATOM   1235 O  OH  . TYR A 1 176 ? -6.224  -1.678  16.283  1.00 48.34 ? 176 TYR A OH  1 
ATOM   1236 N  N   . VAL A 1 177 ? -2.996  3.124   14.609  1.00 52.62 ? 177 VAL A N   1 
ATOM   1237 C  CA  . VAL A 1 177 ? -4.217  3.899   14.795  1.00 53.71 ? 177 VAL A CA  1 
ATOM   1238 C  C   . VAL A 1 177 ? -5.389  2.915   14.723  1.00 54.40 ? 177 VAL A C   1 
ATOM   1239 O  O   . VAL A 1 177 ? -5.524  2.202   13.725  1.00 54.48 ? 177 VAL A O   1 
ATOM   1240 C  CB  . VAL A 1 177 ? -4.379  4.975   13.703  1.00 53.75 ? 177 VAL A CB  1 
ATOM   1241 C  CG1 . VAL A 1 177 ? -5.663  5.768   13.918  1.00 53.63 ? 177 VAL A CG1 1 
ATOM   1242 C  CG2 . VAL A 1 177 ? -3.169  5.903   13.685  1.00 53.59 ? 177 VAL A CG2 1 
ATOM   1243 N  N   . PRO A 1 178 ? -6.233  2.858   15.777  1.00 55.17 ? 178 PRO A N   1 
ATOM   1244 C  CA  . PRO A 1 178 ? -7.336  1.885   15.762  1.00 55.39 ? 178 PRO A CA  1 
ATOM   1245 C  C   . PRO A 1 178 ? -8.381  2.156   14.670  1.00 55.39 ? 178 PRO A C   1 
ATOM   1246 O  O   . PRO A 1 178 ? -8.431  3.268   14.140  1.00 55.56 ? 178 PRO A O   1 
ATOM   1247 C  CB  . PRO A 1 178 ? -7.968  2.033   17.155  1.00 55.61 ? 178 PRO A CB  1 
ATOM   1248 C  CG  . PRO A 1 178 ? -6.958  2.743   17.983  1.00 55.55 ? 178 PRO A CG  1 
ATOM   1249 C  CD  . PRO A 1 178 ? -6.185  3.609   17.045  1.00 55.36 ? 178 PRO A CD  1 
ATOM   1250 N  N   . PRO A 1 179 ? -9.205  1.143   14.331  1.00 55.52 ? 179 PRO A N   1 
ATOM   1251 C  CA  . PRO A 1 179 ? -10.287 1.317   13.355  1.00 55.61 ? 179 PRO A CA  1 
ATOM   1252 C  C   . PRO A 1 179 ? -11.264 2.448   13.725  1.00 55.55 ? 179 PRO A C   1 
ATOM   1253 O  O   . PRO A 1 179 ? -11.585 2.609   14.905  1.00 55.04 ? 179 PRO A O   1 
ATOM   1254 C  CB  . PRO A 1 179 ? -11.006 -0.035  13.386  1.00 55.41 ? 179 PRO A CB  1 
ATOM   1255 C  CG  . PRO A 1 179 ? -9.972  -1.001  13.808  1.00 55.47 ? 179 PRO A CG  1 
ATOM   1256 C  CD  . PRO A 1 179 ? -9.083  -0.263  14.761  1.00 55.55 ? 179 PRO A CD  1 
ATOM   1257 N  N   . PRO A 1 180 ? -11.731 3.225   12.725  1.00 55.78 ? 180 PRO A N   1 
ATOM   1258 C  CA  . PRO A 1 180 ? -12.663 4.338   12.960  1.00 55.92 ? 180 PRO A CA  1 
ATOM   1259 C  C   . PRO A 1 180 ? -13.892 3.957   13.791  1.00 55.86 ? 180 PRO A C   1 
ATOM   1260 O  O   . PRO A 1 180 ? -14.507 2.920   13.546  1.00 56.14 ? 180 PRO A O   1 
ATOM   1261 C  CB  . PRO A 1 180 ? -13.089 4.741   11.545  1.00 55.74 ? 180 PRO A CB  1 
ATOM   1262 C  CG  . PRO A 1 180 ? -11.948 4.363   10.687  1.00 55.68 ? 180 PRO A CG  1 
ATOM   1263 C  CD  . PRO A 1 180 ? -11.323 3.148   11.307  1.00 55.64 ? 180 PRO A CD  1 
ATOM   1264 N  N   . GLU A 1 182 ? -17.070 2.480   12.300  1.00 45.76 ? 182 GLU A N   1 
ATOM   1265 C  CA  . GLU A 1 182 ? -17.453 1.651   11.160  1.00 45.28 ? 182 GLU A CA  1 
ATOM   1266 C  C   . GLU A 1 182 ? -16.476 1.823   10.006  1.00 44.34 ? 182 GLU A C   1 
ATOM   1267 O  O   . GLU A 1 182 ? -16.380 2.901   9.417   1.00 45.17 ? 182 GLU A O   1 
ATOM   1268 C  CB  . GLU A 1 182 ? -18.864 2.012   10.681  1.00 45.95 ? 182 GLU A CB  1 
ATOM   1269 C  CG  . GLU A 1 182 ? -19.413 1.102   9.579   1.00 46.45 ? 182 GLU A CG  1 
ATOM   1270 C  CD  . GLU A 1 182 ? -20.533 1.752   8.781   1.00 47.17 ? 182 GLU A CD  1 
ATOM   1271 O  OE1 . GLU A 1 182 ? -21.398 2.420   9.392   1.00 46.99 ? 182 GLU A OE1 1 
ATOM   1272 O  OE2 . GLU A 1 182 ? -20.547 1.593   7.540   1.00 47.60 ? 182 GLU A OE2 1 
ATOM   1273 N  N   . THR A 1 183 ? -15.752 0.753   9.694   1.00 42.50 ? 183 THR A N   1 
ATOM   1274 C  CA  . THR A 1 183 ? -14.907 0.706   8.504   1.00 41.01 ? 183 THR A CA  1 
ATOM   1275 C  C   . THR A 1 183 ? -14.938 -0.705  7.930   1.00 39.15 ? 183 THR A C   1 
ATOM   1276 O  O   . THR A 1 183 ? -15.322 -1.654  8.621   1.00 38.50 ? 183 THR A O   1 
ATOM   1277 C  CB  . THR A 1 183 ? -13.449 1.122   8.813   1.00 41.15 ? 183 THR A CB  1 
ATOM   1278 O  OG1 . THR A 1 183 ? -12.764 1.419   7.591   1.00 41.40 ? 183 THR A OG1 1 
ATOM   1279 C  CG2 . THR A 1 183 ? -12.703 0.019   9.568   1.00 41.14 ? 183 THR A CG2 1 
ATOM   1280 N  N   . ASN A 1 184 ? -14.543 -0.839  6.667   1.00 36.56 ? 184 ASN A N   1 
ATOM   1281 C  CA  . ASN A 1 184 ? -14.511 -2.152  6.018   1.00 34.43 ? 184 ASN A CA  1 
ATOM   1282 C  C   . ASN A 1 184 ? -13.121 -2.793  6.027   1.00 30.98 ? 184 ASN A C   1 
ATOM   1283 O  O   . ASN A 1 184 ? -13.020 -4.017  6.088   1.00 29.61 ? 184 ASN A O   1 
ATOM   1284 C  CB  . ASN A 1 184 ? -15.103 -2.113  4.595   1.00 35.53 ? 184 ASN A CB  1 
ATOM   1285 C  CG  . ASN A 1 184 ? -14.688 -0.883  3.801   1.00 36.67 ? 184 ASN A CG  1 
ATOM   1286 O  OD1 . ASN A 1 184 ? -13.513 -0.513  3.758   1.00 37.24 ? 184 ASN A OD1 1 
ATOM   1287 N  ND2 . ASN A 1 184 ? -15.661 -0.249  3.155   1.00 38.01 ? 184 ASN A ND2 1 
ATOM   1288 N  N   . TYR A 1 185 ? -12.065 -1.976  5.978   1.00 27.77 ? 185 TYR A N   1 
ATOM   1289 C  CA  . TYR A 1 185 ? -10.682 -2.480  5.993   1.00 25.83 ? 185 TYR A CA  1 
ATOM   1290 C  C   . TYR A 1 185 ? -9.737  -1.573  6.793   1.00 24.95 ? 185 TYR A C   1 
ATOM   1291 O  O   . TYR A 1 185 ? -9.710  -0.359  6.587   1.00 25.45 ? 185 TYR A O   1 
ATOM   1292 C  CB  . TYR A 1 185 ? -10.160 -2.648  4.558   1.00 24.40 ? 185 TYR A CB  1 
ATOM   1293 C  CG  . TYR A 1 185 ? -10.784 -3.811  3.824   1.00 23.30 ? 185 TYR A CG  1 
ATOM   1294 C  CD1 . TYR A 1 185 ? -10.235 -5.085  3.915   1.00 23.06 ? 185 TYR A CD1 1 
ATOM   1295 C  CD2 . TYR A 1 185 ? -11.932 -3.645  3.053   1.00 22.65 ? 185 TYR A CD2 1 
ATOM   1296 C  CE1 . TYR A 1 185 ? -10.806 -6.163  3.252   1.00 22.58 ? 185 TYR A CE1 1 
ATOM   1297 C  CE2 . TYR A 1 185 ? -12.513 -4.721  2.387   1.00 22.33 ? 185 TYR A CE2 1 
ATOM   1298 C  CZ  . TYR A 1 185 ? -11.943 -5.979  2.492   1.00 22.81 ? 185 TYR A CZ  1 
ATOM   1299 O  OH  . TYR A 1 185 ? -12.506 -7.058  1.840   1.00 22.72 ? 185 TYR A OH  1 
ATOM   1300 N  N   . SER A 1 186 ? -8.973  -2.169  7.708   1.00 23.13 ? 186 SER A N   1 
ATOM   1301 C  CA  . SER A 1 186 ? -7.941  -1.447  8.456   1.00 22.18 ? 186 SER A CA  1 
ATOM   1302 C  C   . SER A 1 186 ? -6.560  -2.043  8.167   1.00 20.65 ? 186 SER A C   1 
ATOM   1303 O  O   . SER A 1 186 ? -6.440  -3.225  7.838   1.00 20.60 ? 186 SER A O   1 
ATOM   1304 C  CB  . SER A 1 186 ? -8.238  -1.469  9.957   1.00 22.40 ? 186 SER A CB  1 
ATOM   1305 O  OG  . SER A 1 186 ? -8.031  -2.752  10.508  1.00 23.65 ? 186 SER A OG  1 
ATOM   1306 N  N   . ALA A 1 187 ? -5.527  -1.213  8.291   1.00 19.46 ? 187 ALA A N   1 
ATOM   1307 C  CA  . ALA A 1 187 ? -4.161  -1.600  7.941   1.00 18.57 ? 187 ALA A CA  1 
ATOM   1308 C  C   . ALA A 1 187 ? -3.224  -1.529  9.145   1.00 18.33 ? 187 ALA A C   1 
ATOM   1309 O  O   . ALA A 1 187 ? -3.506  -0.837  10.122  1.00 19.05 ? 187 ALA A O   1 
ATOM   1310 C  CB  . ALA A 1 187 ? -3.637  -0.711  6.819   1.00 17.03 ? 187 ALA A CB  1 
ATOM   1311 N  N   . ALA A 1 188 ? -2.111  -2.253  9.058   1.00 17.57 ? 188 ALA A N   1 
ATOM   1312 C  CA  . ALA A 1 188 ? -1.066  -2.219  10.077  1.00 16.87 ? 188 ALA A CA  1 
ATOM   1313 C  C   . ALA A 1 188 ? 0.295   -2.407  9.419   1.00 16.34 ? 188 ALA A C   1 
ATOM   1314 O  O   . ALA A 1 188 ? 0.414   -3.165  8.458   1.00 15.26 ? 188 ALA A O   1 
ATOM   1315 C  CB  . ALA A 1 188 ? -1.302  -3.302  11.115  1.00 16.76 ? 188 ALA A CB  1 
ATOM   1316 N  N   . PHE A 1 189 ? 1.307   -1.701  9.927   1.00 16.59 ? 189 PHE A N   1 
ATOM   1317 C  CA  . PHE A 1 189 ? 2.678   -1.817  9.430   1.00 18.02 ? 189 PHE A CA  1 
ATOM   1318 C  C   . PHE A 1 189 ? 3.577   -2.383  10.517  1.00 18.15 ? 189 PHE A C   1 
ATOM   1319 O  O   . PHE A 1 189 ? 3.672   -1.813  11.606  1.00 18.85 ? 189 PHE A O   1 
ATOM   1320 C  CB  . PHE A 1 189 ? 3.240   -0.455  8.997   1.00 19.56 ? 189 PHE A CB  1 
ATOM   1321 C  CG  . PHE A 1 189 ? 2.503   0.200   7.850   1.00 21.63 ? 189 PHE A CG  1 
ATOM   1322 C  CD1 . PHE A 1 189 ? 1.704   -0.532  6.975   1.00 22.13 ? 189 PHE A CD1 1 
ATOM   1323 C  CD2 . PHE A 1 189 ? 2.658   1.561   7.621   1.00 23.71 ? 189 PHE A CD2 1 
ATOM   1324 C  CE1 . PHE A 1 189 ? 1.049   0.082   5.923   1.00 23.02 ? 189 PHE A CE1 1 
ATOM   1325 C  CE2 . PHE A 1 189 ? 2.006   2.186   6.561   1.00 24.82 ? 189 PHE A CE2 1 
ATOM   1326 C  CZ  . PHE A 1 189 ? 1.200   1.444   5.710   1.00 24.52 ? 189 PHE A CZ  1 
ATOM   1327 N  N   . LEU A 1 190 ? 4.244   -3.493  10.213  1.00 17.94 ? 190 LEU A N   1 
ATOM   1328 C  CA  . LEU A 1 190 ? 5.169   -4.126  11.147  1.00 18.62 ? 190 LEU A CA  1 
ATOM   1329 C  C   . LEU A 1 190 ? 6.610   -3.988  10.661  1.00 19.20 ? 190 LEU A C   1 
ATOM   1330 O  O   . LEU A 1 190 ? 6.872   -3.993  9.460   1.00 19.39 ? 190 LEU A O   1 
ATOM   1331 C  CB  . LEU A 1 190 ? 4.826   -5.607  11.332  1.00 18.33 ? 190 LEU A CB  1 
ATOM   1332 C  CG  . LEU A 1 190 ? 3.454   -5.953  11.915  1.00 18.81 ? 190 LEU A CG  1 
ATOM   1333 C  CD1 . LEU A 1 190 ? 3.326   -7.461  12.061  1.00 18.04 ? 190 LEU A CD1 1 
ATOM   1334 C  CD2 . LEU A 1 190 ? 3.224   -5.273  13.253  1.00 18.52 ? 190 LEU A CD2 1 
ATOM   1335 N  N   . THR A 1 191 ? 7.532   -3.887  11.614  1.00 19.62 ? 191 THR A N   1 
ATOM   1336 C  CA  . THR A 1 191 ? 8.942   -3.629  11.341  1.00 20.46 ? 191 THR A CA  1 
ATOM   1337 C  C   . THR A 1 191 ? 9.823   -4.717  11.962  1.00 19.24 ? 191 THR A C   1 
ATOM   1338 O  O   . THR A 1 191 ? 9.505   -5.267  13.016  1.00 18.92 ? 191 THR A O   1 
ATOM   1339 C  CB  . THR A 1 191 ? 9.335   -2.224  11.872  1.00 21.39 ? 191 THR A CB  1 
ATOM   1340 O  OG1 . THR A 1 191 ? 9.050   -1.243  10.865  1.00 22.50 ? 191 THR A OG1 1 
ATOM   1341 C  CG2 . THR A 1 191 ? 10.803  -2.142  12.236  1.00 21.37 ? 191 THR A CG2 1 
ATOM   1342 N  N   . GLY A 1 192 ? 10.929  -5.020  11.289  1.00 18.11 ? 192 GLY A N   1 
ATOM   1343 C  CA  . GLY A 1 192 ? 11.875  -6.048  11.737  1.00 16.80 ? 192 GLY A CA  1 
ATOM   1344 C  C   . GLY A 1 192 ? 12.710  -6.516  10.564  1.00 15.54 ? 192 GLY A C   1 
ATOM   1345 O  O   . GLY A 1 192 ? 12.686  -5.892  9.501   1.00 13.61 ? 192 GLY A O   1 
ATOM   1346 N  N   . SER A 1 193 ? 13.441  -7.616  10.739  1.00 16.13 ? 193 SER A N   1 
ATOM   1347 C  CA  . SER A 1 193 ? 14.242  -8.173  9.645   1.00 16.68 ? 193 SER A CA  1 
ATOM   1348 C  C   . SER A 1 193 ? 13.337  -8.700  8.528   1.00 17.69 ? 193 SER A C   1 
ATOM   1349 O  O   . SER A 1 193 ? 12.139  -8.919  8.735   1.00 18.58 ? 193 SER A O   1 
ATOM   1350 C  CB  . SER A 1 193 ? 15.181  -9.282  10.144  1.00 17.26 ? 193 SER A CB  1 
ATOM   1351 O  OG  . SER A 1 193 ? 14.494  -10.504 10.357  1.00 17.73 ? 193 SER A OG  1 
ATOM   1352 N  N   . GLN A 1 194 ? 13.917  -8.906  7.349   1.00 17.61 ? 194 GLN A N   1 
ATOM   1353 C  CA  . GLN A 1 194 ? 13.154  -9.341  6.177   1.00 17.79 ? 194 GLN A CA  1 
ATOM   1354 C  C   . GLN A 1 194 ? 12.470  -10.697 6.417   1.00 15.79 ? 194 GLN A C   1 
ATOM   1355 O  O   . GLN A 1 194 ? 11.299  -10.874 6.079   1.00 14.80 ? 194 GLN A O   1 
ATOM   1356 C  CB  . GLN A 1 194 ? 14.073  -9.400  4.947   1.00 19.50 ? 194 GLN A CB  1 
ATOM   1357 C  CG  . GLN A 1 194 ? 13.385  -9.117  3.611   1.00 21.60 ? 194 GLN A CG  1 
ATOM   1358 C  CD  . GLN A 1 194 ? 12.963  -10.369 2.869   1.00 23.23 ? 194 GLN A CD  1 
ATOM   1359 O  OE1 . GLN A 1 194 ? 11.825  -10.479 2.409   1.00 25.67 ? 194 GLN A OE1 1 
ATOM   1360 N  NE2 . GLN A 1 194 ? 13.882  -11.315 2.736   1.00 24.44 ? 194 GLN A NE2 1 
ATOM   1361 N  N   . ALA A 1 195 ? 13.203  -11.636 7.011   1.00 14.04 ? 195 ALA A N   1 
ATOM   1362 C  CA  . ALA A 1 195 ? 12.679  -12.971 7.296   1.00 13.11 ? 195 ALA A CA  1 
ATOM   1363 C  C   . ALA A 1 195 ? 11.581  -12.935 8.358   1.00 12.33 ? 195 ALA A C   1 
ATOM   1364 O  O   . ALA A 1 195 ? 10.592  -13.669 8.257   1.00 11.52 ? 195 ALA A O   1 
ATOM   1365 C  CB  . ALA A 1 195 ? 13.805  -13.900 7.740   1.00 13.55 ? 195 ALA A CB  1 
ATOM   1366 N  N   . ALA A 1 196 ? 11.761  -12.087 9.369   1.00 11.05 ? 196 ALA A N   1 
ATOM   1367 C  CA  . ALA A 1 196 ? 10.783  -11.948 10.452  1.00 10.79 ? 196 ALA A CA  1 
ATOM   1368 C  C   . ALA A 1 196 ? 9.479   -11.310 9.964   1.00 10.73 ? 196 ALA A C   1 
ATOM   1369 O  O   . ALA A 1 196 ? 8.398   -11.652 10.447  1.00 8.77  ? 196 ALA A O   1 
ATOM   1370 C  CB  . ALA A 1 196 ? 11.376  -11.148 11.610  1.00 9.43  ? 196 ALA A CB  1 
ATOM   1371 N  N   . CYS A 1 197 ? 9.581   -10.393 9.004   1.00 12.48 ? 197 CYS A N   1 
ATOM   1372 C  CA  . CYS A 1 197 ? 8.396   -9.810  8.365   1.00 13.36 ? 197 CYS A CA  1 
ATOM   1373 C  C   . CYS A 1 197 ? 7.617   -10.853 7.557   1.00 14.05 ? 197 CYS A C   1 
ATOM   1374 O  O   . CYS A 1 197 ? 6.385   -10.792 7.493   1.00 13.74 ? 197 CYS A O   1 
ATOM   1375 C  CB  . CYS A 1 197 ? 8.781   -8.628  7.472   1.00 14.30 ? 197 CYS A CB  1 
ATOM   1376 S  SG  . CYS A 1 197 ? 9.360   -7.171  8.384   1.00 15.64 ? 197 CYS A SG  1 
ATOM   1377 N  N   . LYS A 1 198 ? 8.333   -11.805 6.953   1.00 14.58 ? 198 LYS A N   1 
ATOM   1378 C  CA  . LYS A 1 198 ? 7.700   -12.902 6.207   1.00 16.27 ? 198 LYS A CA  1 
ATOM   1379 C  C   . LYS A 1 198 ? 6.913   -13.815 7.148   1.00 15.18 ? 198 LYS A C   1 
ATOM   1380 O  O   . LYS A 1 198 ? 5.771   -14.183 6.860   1.00 14.87 ? 198 LYS A O   1 
ATOM   1381 C  CB  . LYS A 1 198 ? 8.744   -13.736 5.442   1.00 18.16 ? 198 LYS A CB  1 
ATOM   1382 C  CG  . LYS A 1 198 ? 8.381   -14.013 3.984   1.00 20.78 ? 198 LYS A CG  1 
ATOM   1383 C  CD  . LYS A 1 198 ? 7.087   -14.816 3.816   1.00 22.55 ? 198 LYS A CD  1 
ATOM   1384 C  CE  . LYS A 1 198 ? 6.191   -14.231 2.718   1.00 24.22 ? 198 LYS A CE  1 
ATOM   1385 N  NZ  . LYS A 1 198 ? 4.784   -14.746 2.786   1.00 26.21 ? 198 LYS A NZ  1 
ATOM   1386 N  N   . ALA A 1 199 ? 7.531   -14.182 8.268   1.00 13.99 ? 199 ALA A N   1 
ATOM   1387 C  CA  . ALA A 1 199 ? 6.871   -15.023 9.268   1.00 13.93 ? 199 ALA A CA  1 
ATOM   1388 C  C   . ALA A 1 199 ? 5.623   -14.341 9.829   1.00 12.99 ? 199 ALA A C   1 
ATOM   1389 O  O   . ALA A 1 199 ? 4.618   -14.997 10.085  1.00 13.53 ? 199 ALA A O   1 
ATOM   1390 C  CB  . ALA A 1 199 ? 7.840   -15.375 10.395  1.00 12.75 ? 199 ALA A CB  1 
ATOM   1391 N  N   . ALA A 1 200 ? 5.694   -13.023 10.006  1.00 13.20 ? 200 ALA A N   1 
ATOM   1392 C  CA  . ALA A 1 200 ? 4.551   -12.242 10.477  1.00 12.68 ? 200 ALA A CA  1 
ATOM   1393 C  C   . ALA A 1 200 ? 3.411   -12.236 9.456   1.00 12.89 ? 200 ALA A C   1 
ATOM   1394 O  O   . ALA A 1 200 ? 2.242   -12.330 9.829   1.00 13.47 ? 200 ALA A O   1 
ATOM   1395 C  CB  . ALA A 1 200 ? 4.979   -10.817 10.813  1.00 11.93 ? 200 ALA A CB  1 
ATOM   1396 N  N   . CYS A 1 201 ? 3.751   -12.126 8.174   1.00 13.60 ? 201 CYS A N   1 
ATOM   1397 C  CA  . CYS A 1 201 ? 2.751   -12.211 7.103   1.00 14.34 ? 201 CYS A CA  1 
ATOM   1398 C  C   . CYS A 1 201 ? 2.057   -13.581 7.062   1.00 13.11 ? 201 CYS A C   1 
ATOM   1399 O  O   . CYS A 1 201 ? 0.842   -13.648 6.877   1.00 13.53 ? 201 CYS A O   1 
ATOM   1400 C  CB  . CYS A 1 201 ? 3.378   -11.902 5.738   1.00 15.75 ? 201 CYS A CB  1 
ATOM   1401 S  SG  . CYS A 1 201 ? 3.751   -10.151 5.454   1.00 18.63 ? 201 CYS A SG  1 
ATOM   1402 N  N   . ASN A 1 202 ? 2.825   -14.660 7.236   1.00 11.27 ? 202 ASN A N   1 
ATOM   1403 C  CA  . ASN A 1 202 ? 2.266   -16.030 7.287   1.00 12.30 ? 202 ASN A CA  1 
ATOM   1404 C  C   . ASN A 1 202 ? 1.316   -16.257 8.465   1.00 11.36 ? 202 ASN A C   1 
ATOM   1405 O  O   . ASN A 1 202 ? 0.288   -16.921 8.318   1.00 10.66 ? 202 ASN A O   1 
ATOM   1406 C  CB  . ASN A 1 202 ? 3.385   -17.085 7.354   1.00 13.20 ? 202 ASN A CB  1 
ATOM   1407 C  CG  . ASN A 1 202 ? 4.189   -17.185 6.062   1.00 14.75 ? 202 ASN A CG  1 
ATOM   1408 O  OD1 . ASN A 1 202 ? 3.765   -16.708 5.006   1.00 16.12 ? 202 ASN A OD1 1 
ATOM   1409 N  ND2 . ASN A 1 202 ? 5.355   -17.816 6.142   1.00 14.69 ? 202 ASN A ND2 1 
ATOM   1410 N  N   . ALA A 1 203 ? 1.674   -15.717 9.629   1.00 11.08 ? 203 ALA A N   1 
ATOM   1411 C  CA  . ALA A 1 203 ? 0.850   -15.833 10.835  1.00 11.51 ? 203 ALA A CA  1 
ATOM   1412 C  C   . ALA A 1 203 ? -0.414  -14.971 10.746  1.00 12.04 ? 203 ALA A C   1 
ATOM   1413 O  O   . ALA A 1 203 ? -1.486  -15.385 11.190  1.00 12.85 ? 203 ALA A O   1 
ATOM   1414 C  CB  . ALA A 1 203 ? 1.660   -15.458 12.060  1.00 11.17 ? 203 ALA A CB  1 
ATOM   1415 N  N   . PHE A 1 204 ? -0.280  -13.778 10.170  1.00 12.03 ? 204 PHE A N   1 
ATOM   1416 C  CA  . PHE A 1 204 ? -1.422  -12.897 9.910   1.00 10.96 ? 204 PHE A CA  1 
ATOM   1417 C  C   . PHE A 1 204 ? -2.426  -13.586 8.980   1.00 10.23 ? 204 PHE A C   1 
ATOM   1418 O  O   . PHE A 1 204 ? -3.626  -13.572 9.238   1.00 10.29 ? 204 PHE A O   1 
ATOM   1419 C  CB  . PHE A 1 204 ? -0.935  -11.577 9.298   1.00 10.54 ? 204 PHE A CB  1 
ATOM   1420 C  CG  . PHE A 1 204 ? -2.024  -10.562 9.063   1.00 10.49 ? 204 PHE A CG  1 
ATOM   1421 C  CD1 . PHE A 1 204 ? -2.494  -9.777  10.103  1.00 10.32 ? 204 PHE A CD1 1 
ATOM   1422 C  CD2 . PHE A 1 204 ? -2.563  -10.377 7.795   1.00 10.71 ? 204 PHE A CD2 1 
ATOM   1423 C  CE1 . PHE A 1 204 ? -3.490  -8.836  9.893   1.00 10.40 ? 204 PHE A CE1 1 
ATOM   1424 C  CE2 . PHE A 1 204 ? -3.555  -9.435  7.574   1.00 9.92  ? 204 PHE A CE2 1 
ATOM   1425 C  CZ  . PHE A 1 204 ? -4.020  -8.664  8.626   1.00 10.85 ? 204 PHE A CZ  1 
ATOM   1426 N  N   . THR A 1 205 ? -1.916  -14.208 7.920   1.00 11.17 ? 205 THR A N   1 
ATOM   1427 C  CA  . THR A 1 205 ? -2.740  -14.928 6.948   1.00 11.71 ? 205 THR A CA  1 
ATOM   1428 C  C   . THR A 1 205 ? -3.514  -16.083 7.584   1.00 12.86 ? 205 THR A C   1 
ATOM   1429 O  O   . THR A 1 205 ? -4.702  -16.251 7.314   1.00 12.96 ? 205 THR A O   1 
ATOM   1430 C  CB  . THR A 1 205 ? -1.876  -15.480 5.791   1.00 12.51 ? 205 THR A CB  1 
ATOM   1431 O  OG1 . THR A 1 205 ? -1.179  -14.399 5.163   1.00 12.74 ? 205 THR A OG1 1 
ATOM   1432 C  CG2 . THR A 1 205 ? -2.731  -16.208 4.748   1.00 11.52 ? 205 THR A CG2 1 
ATOM   1433 N  N   . ASP A 1 206 ? -2.841  -16.869 8.424   1.00 14.25 ? 206 ASP A N   1 
ATOM   1434 C  CA  . ASP A 1 206 ? -3.474  -18.007 9.108   1.00 14.87 ? 206 ASP A CA  1 
ATOM   1435 C  C   . ASP A 1 206 ? -4.644  -17.571 9.992   1.00 14.10 ? 206 ASP A C   1 
ATOM   1436 O  O   . ASP A 1 206 ? -5.690  -18.217 9.998   1.00 13.32 ? 206 ASP A O   1 
ATOM   1437 C  CB  . ASP A 1 206 ? -2.454  -18.776 9.961   1.00 16.31 ? 206 ASP A CB  1 
ATOM   1438 C  CG  . ASP A 1 206 ? -1.388  -19.477 9.126   1.00 18.73 ? 206 ASP A CG  1 
ATOM   1439 O  OD1 . ASP A 1 206 ? -1.493  -19.490 7.882   1.00 21.07 ? 206 ASP A OD1 1 
ATOM   1440 O  OD2 . ASP A 1 206 ? -0.433  -20.017 9.723   1.00 20.80 ? 206 ASP A OD2 1 
ATOM   1441 N  N   . ALA A 1 207 ? -4.460  -16.479 10.733  1.00 13.49 ? 207 ALA A N   1 
ATOM   1442 C  CA  . ALA A 1 207 ? -5.519  -15.935 11.590  1.00 13.75 ? 207 ALA A CA  1 
ATOM   1443 C  C   . ALA A 1 207 ? -6.729  -15.442 10.784  1.00 14.01 ? 207 ALA A C   1 
ATOM   1444 O  O   . ALA A 1 207 ? -7.877  -15.649 11.188  1.00 13.20 ? 207 ALA A O   1 
ATOM   1445 C  CB  . ALA A 1 207 ? -4.968  -14.809 12.464  1.00 13.80 ? 207 ALA A CB  1 
ATOM   1446 N  N   . VAL A 1 208 ? -6.474  -14.795 9.648   1.00 15.06 ? 208 VAL A N   1 
ATOM   1447 C  CA  . VAL A 1 208 ? -7.553  -14.283 8.800   1.00 16.04 ? 208 VAL A CA  1 
ATOM   1448 C  C   . VAL A 1 208 ? -8.346  -15.431 8.171   1.00 17.89 ? 208 VAL A C   1 
ATOM   1449 O  O   . VAL A 1 208 ? -9.579  -15.407 8.156   1.00 18.25 ? 208 VAL A O   1 
ATOM   1450 C  CB  . VAL A 1 208 ? -7.008  -13.349 7.695   1.00 16.74 ? 208 VAL A CB  1 
ATOM   1451 C  CG1 . VAL A 1 208 ? -8.120  -12.936 6.734   1.00 16.15 ? 208 VAL A CG1 1 
ATOM   1452 C  CG2 . VAL A 1 208 ? -6.354  -12.124 8.311   1.00 14.57 ? 208 VAL A CG2 1 
ATOM   1453 N  N   . LEU A 1 209 ? -7.640  -16.436 7.656   1.00 19.27 ? 209 LEU A N   1 
ATOM   1454 C  CA  . LEU A 1 209 ? -8.294  -17.625 7.098   1.00 20.14 ? 209 LEU A CA  1 
ATOM   1455 C  C   . LEU A 1 209 ? -9.147  -18.344 8.149   1.00 21.12 ? 209 LEU A C   1 
ATOM   1456 O  O   . LEU A 1 209 ? -10.268 -18.773 7.855   1.00 19.69 ? 209 LEU A O   1 
ATOM   1457 C  CB  . LEU A 1 209 ? -7.260  -18.594 6.512   1.00 20.03 ? 209 LEU A CB  1 
ATOM   1458 C  CG  . LEU A 1 209 ? -6.549  -18.145 5.231   1.00 20.99 ? 209 LEU A CG  1 
ATOM   1459 C  CD1 . LEU A 1 209 ? -5.388  -19.082 4.917   1.00 21.56 ? 209 LEU A CD1 1 
ATOM   1460 C  CD2 . LEU A 1 209 ? -7.512  -18.082 4.053   1.00 20.48 ? 209 LEU A CD2 1 
ATOM   1461 N  N   . GLU A 1 210 ? -8.612  -18.464 9.366   1.00 22.07 ? 210 GLU A N   1 
ATOM   1462 C  CA  . GLU A 1 210 ? -9.316  -19.129 10.472  1.00 23.91 ? 210 GLU A CA  1 
ATOM   1463 C  C   . GLU A 1 210 ? -10.643 -18.455 10.811  1.00 22.92 ? 210 GLU A C   1 
ATOM   1464 O  O   . GLU A 1 210 ? -11.643 -19.135 11.039  1.00 21.74 ? 210 GLU A O   1 
ATOM   1465 C  CB  . GLU A 1 210 ? -8.439  -19.172 11.729  1.00 26.43 ? 210 GLU A CB  1 
ATOM   1466 C  CG  . GLU A 1 210 ? -7.414  -20.300 11.731  1.00 29.02 ? 210 GLU A CG  1 
ATOM   1467 C  CD  . GLU A 1 210 ? -6.414  -20.196 12.876  1.00 31.40 ? 210 GLU A CD  1 
ATOM   1468 O  OE1 . GLU A 1 210 ? -6.587  -19.320 13.759  1.00 32.85 ? 210 GLU A OE1 1 
ATOM   1469 O  OE2 . GLU A 1 210 ? -5.453  -20.997 12.892  1.00 32.62 ? 210 GLU A OE2 1 
ATOM   1470 N  N   . ILE A 1 211 ? -10.641 -17.123 10.854  1.00 22.54 ? 211 ILE A N   1 
ATOM   1471 C  CA  . ILE A 1 211 ? -11.855 -16.359 11.145  1.00 22.42 ? 211 ILE A CA  1 
ATOM   1472 C  C   . ILE A 1 211 ? -12.812 -16.385 9.949   1.00 23.45 ? 211 ILE A C   1 
ATOM   1473 O  O   . ILE A 1 211 ? -14.025 -16.502 10.128  1.00 22.82 ? 211 ILE A O   1 
ATOM   1474 C  CB  . ILE A 1 211 ? -11.535 -14.901 11.548  1.00 20.89 ? 211 ILE A CB  1 
ATOM   1475 C  CG1 . ILE A 1 211 ? -10.757 -14.874 12.863  1.00 20.41 ? 211 ILE A CG1 1 
ATOM   1476 C  CG2 . ILE A 1 211 ? -12.817 -14.088 11.698  1.00 19.70 ? 211 ILE A CG2 1 
ATOM   1477 C  CD1 . ILE A 1 211 ? -10.216 -13.511 13.225  1.00 20.44 ? 211 ILE A CD1 1 
ATOM   1478 N  N   . ALA A 1 212 ? -12.264 -16.284 8.739   1.00 24.00 ? 212 ALA A N   1 
ATOM   1479 C  CA  . ALA A 1 212 ? -13.068 -16.360 7.513   1.00 24.67 ? 212 ALA A CA  1 
ATOM   1480 C  C   . ALA A 1 212 ? -13.754 -17.723 7.355   1.00 25.43 ? 212 ALA A C   1 
ATOM   1481 O  O   . ALA A 1 212 ? -14.844 -17.803 6.794   1.00 25.68 ? 212 ALA A O   1 
ATOM   1482 C  CB  . ALA A 1 212 ? -12.211 -16.050 6.296   1.00 24.34 ? 212 ALA A CB  1 
ATOM   1483 N  N   . ARG A 1 213 ? -13.114 -18.781 7.852   1.00 27.51 ? 213 ARG A N   1 
ATOM   1484 C  CA  . ARG A 1 213 ? -13.722 -20.120 7.902   1.00 28.53 ? 213 ARG A CA  1 
ATOM   1485 C  C   . ARG A 1 213 ? -14.844 -20.210 8.939   1.00 28.09 ? 213 ARG A C   1 
ATOM   1486 O  O   . ARG A 1 213 ? -15.957 -20.623 8.621   1.00 28.47 ? 213 ARG A O   1 
ATOM   1487 C  CB  . ARG A 1 213 ? -12.675 -21.186 8.244   1.00 30.34 ? 213 ARG A CB  1 
ATOM   1488 C  CG  . ARG A 1 213 ? -11.924 -21.751 7.054   1.00 32.52 ? 213 ARG A CG  1 
ATOM   1489 C  CD  . ARG A 1 213 ? -11.205 -23.051 7.419   1.00 33.90 ? 213 ARG A CD  1 
ATOM   1490 N  NE  . ARG A 1 213 ? -10.045 -22.820 8.283   1.00 34.87 ? 213 ARG A NE  1 
ATOM   1491 C  CZ  . ARG A 1 213 ? -8.839  -22.439 7.858   1.00 36.55 ? 213 ARG A CZ  1 
ATOM   1492 N  NH1 . ARG A 1 213 ? -8.596  -22.225 6.564   1.00 36.95 ? 213 ARG A NH1 1 
ATOM   1493 N  NH2 . ARG A 1 213 ? -7.860  -22.264 8.741   1.00 37.32 ? 213 ARG A NH2 1 
ATOM   1494 N  N   . ASN A 1 214 ? -14.526 -19.846 10.180  1.00 26.95 ? 214 ASN A N   1 
ATOM   1495 C  CA  . ASN A 1 214 ? -15.445 -19.988 11.309  1.00 26.53 ? 214 ASN A CA  1 
ATOM   1496 C  C   . ASN A 1 214 ? -15.504 -18.691 12.128  1.00 25.07 ? 214 ASN A C   1 
ATOM   1497 O  O   . ASN A 1 214 ? -14.861 -18.581 13.178  1.00 23.63 ? 214 ASN A O   1 
ATOM   1498 C  CB  . ASN A 1 214 ? -15.003 -21.175 12.179  1.00 27.88 ? 214 ASN A CB  1 
ATOM   1499 C  CG  . ASN A 1 214 ? -15.966 -21.469 13.326  1.00 29.43 ? 214 ASN A CG  1 
ATOM   1500 O  OD1 . ASN A 1 214 ? -15.578 -22.075 14.327  1.00 30.54 ? 214 ASN A OD1 1 
ATOM   1501 N  ND2 . ASN A 1 214 ? -17.219 -21.047 13.187  1.00 30.44 ? 214 ASN A ND2 1 
ATOM   1502 N  N   . PRO A 1 215 ? -16.276 -17.699 11.647  1.00 24.02 ? 215 PRO A N   1 
ATOM   1503 C  CA  . PRO A 1 215 ? -16.304 -16.382 12.287  1.00 24.92 ? 215 PRO A CA  1 
ATOM   1504 C  C   . PRO A 1 215 ? -16.943 -16.377 13.677  1.00 26.11 ? 215 PRO A C   1 
ATOM   1505 O  O   . PRO A 1 215 ? -16.558 -15.567 14.518  1.00 25.85 ? 215 PRO A O   1 
ATOM   1506 C  CB  . PRO A 1 215 ? -17.118 -15.530 11.307  1.00 24.67 ? 215 PRO A CB  1 
ATOM   1507 C  CG  . PRO A 1 215 ? -17.969 -16.489 10.583  1.00 24.46 ? 215 PRO A CG  1 
ATOM   1508 C  CD  . PRO A 1 215 ? -17.176 -17.760 10.482  1.00 24.31 ? 215 PRO A CD  1 
ATOM   1509 N  N   . ILE A 1 216 ? -17.904 -17.271 13.909  1.00 27.98 ? 216 ILE A N   1 
ATOM   1510 C  CA  . ILE A 1 216 ? -18.530 -17.429 15.221  1.00 30.08 ? 216 ILE A CA  1 
ATOM   1511 C  C   . ILE A 1 216 ? -18.311 -18.859 15.728  1.00 31.96 ? 216 ILE A C   1 
ATOM   1512 O  O   . ILE A 1 216 ? -18.853 -19.817 15.168  1.00 32.41 ? 216 ILE A O   1 
ATOM   1513 C  CB  . ILE A 1 216 ? -20.043 -17.113 15.161  1.00 30.34 ? 216 ILE A CB  1 
ATOM   1514 C  CG1 . ILE A 1 216 ? -20.275 -15.689 14.649  1.00 29.96 ? 216 ILE A CG1 1 
ATOM   1515 C  CG2 . ILE A 1 216 ? -20.682 -17.280 16.536  1.00 30.51 ? 216 ILE A CG2 1 
ATOM   1516 C  CD1 . ILE A 1 216 ? -21.728 -15.367 14.394  1.00 30.14 ? 216 ILE A CD1 1 
ATOM   1517 N  N   . GLN A 1 217 ? -17.507 -18.996 16.780  1.00 33.75 ? 217 GLN A N   1 
ATOM   1518 C  CA  . GLN A 1 217 ? -17.192 -20.305 17.358  1.00 35.06 ? 217 GLN A CA  1 
ATOM   1519 C  C   . GLN A 1 217 ? -18.223 -20.709 18.410  1.00 35.93 ? 217 GLN A C   1 
ATOM   1520 O  O   . GLN A 1 217 ? -19.425 -20.713 18.148  1.00 36.76 ? 217 GLN A O   1 
ATOM   1521 C  CB  . GLN A 1 217 ? -15.792 -20.295 17.982  1.00 35.75 ? 217 GLN A CB  1 
ATOM   1522 C  CG  . GLN A 1 217 ? -14.660 -20.336 16.968  1.00 36.38 ? 217 GLN A CG  1 
ATOM   1523 C  CD  . GLN A 1 217 ? -13.292 -20.367 17.622  1.00 37.02 ? 217 GLN A CD  1 
ATOM   1524 O  OE1 . GLN A 1 217 ? -12.986 -19.543 18.485  1.00 37.26 ? 217 GLN A OE1 1 
ATOM   1525 N  NE2 . GLN A 1 217 ? -12.457 -21.318 17.209  1.00 37.11 ? 217 GLN A NE2 1 
HETATM 1526 CL CL  . CL  B 2 .   ? 7.642   10.313  -1.304  1.00 19.20 ? 228 CL  A CL  1 
HETATM 1527 O  O   . HOH C 3 .   ? -7.072  -4.895  -5.357  1.00 2.00  ? 229 HOH A O   1 
HETATM 1528 O  O   . HOH C 3 .   ? 9.925   7.381   9.276   1.00 14.00 ? 230 HOH A O   1 
HETATM 1529 O  O   . HOH C 3 .   ? 10.902  7.230   11.582  1.00 5.85  ? 231 HOH A O   1 
HETATM 1530 O  O   . HOH C 3 .   ? 1.271   -9.603  -1.850  1.00 7.61  ? 232 HOH A O   1 
HETATM 1531 O  O   . HOH C 3 .   ? -0.282  12.609  -20.626 1.00 6.89  ? 233 HOH A O   1 
HETATM 1532 O  O   . HOH C 3 .   ? -1.634  -10.757 -0.130  1.00 11.94 ? 234 HOH A O   1 
HETATM 1533 O  O   . HOH C 3 .   ? 15.800  -6.735  2.631   1.00 12.09 ? 235 HOH A O   1 
HETATM 1534 O  O   . HOH C 3 .   ? 14.495  8.218   -6.625  1.00 15.02 ? 236 HOH A O   1 
HETATM 1535 O  O   . HOH C 3 .   ? 11.717  8.571   5.049   1.00 29.90 ? 237 HOH A O   1 
HETATM 1536 O  O   . HOH C 3 .   ? -4.752  -2.153  -15.471 1.00 32.42 ? 238 HOH A O   1 
HETATM 1537 O  O   . HOH C 3 .   ? -10.614 -19.665 4.868   1.00 19.10 ? 239 HOH A O   1 
HETATM 1538 O  O   . HOH C 3 .   ? -10.912 -21.923 3.482   1.00 47.34 ? 240 HOH A O   1 
HETATM 1539 O  O   . HOH C 3 .   ? 15.284  -12.358 12.631  1.00 8.08  ? 241 HOH A O   1 
HETATM 1540 O  O   . HOH C 3 .   ? 13.771  -8.935  13.439  1.00 20.71 ? 242 HOH A O   1 
HETATM 1541 O  O   . HOH C 3 .   ? 7.126   -4.068  -2.964  1.00 20.70 ? 243 HOH A O   1 
HETATM 1542 O  O   . HOH C 3 .   ? 4.584   -4.273  -5.418  1.00 19.58 ? 244 HOH A O   1 
HETATM 1543 O  O   . HOH C 3 .   ? 9.049   -1.416  -12.287 1.00 29.25 ? 245 HOH A O   1 
HETATM 1544 O  O   . HOH C 3 .   ? -13.605 -20.951 2.987   1.00 19.81 ? 246 HOH A O   1 
HETATM 1545 O  O   . HOH C 3 .   ? 1.835   18.288  -20.560 1.00 30.19 ? 247 HOH A O   1 
HETATM 1546 O  O   . HOH C 3 .   ? 5.233   31.458  -8.090  1.00 41.28 ? 248 HOH A O   1 
HETATM 1547 O  O   . HOH C 3 .   ? -12.333 -1.237  -1.075  1.00 30.98 ? 249 HOH A O   1 
HETATM 1548 O  O   . HOH C 3 .   ? -1.250  -6.454  -8.422  1.00 39.95 ? 250 HOH A O   1 
HETATM 1549 O  O   . HOH C 3 .   ? 1.975   -2.736  -6.099  1.00 31.14 ? 251 HOH A O   1 
HETATM 1550 O  O   . HOH C 3 .   ? -4.916  -6.767  -5.501  1.00 28.11 ? 252 HOH A O   1 
HETATM 1551 O  O   . HOH C 3 .   ? -16.396 -19.938 2.286   1.00 29.66 ? 253 HOH A O   1 
HETATM 1552 O  O   . HOH C 3 .   ? 0.836   -11.672 -0.342  1.00 28.49 ? 254 HOH A O   1 
HETATM 1553 O  O   . HOH C 3 .   ? 11.320  -3.999  -2.078  1.00 14.09 ? 255 HOH A O   1 
HETATM 1554 O  O   . HOH C 3 .   ? 9.189   -5.697  -2.199  1.00 26.72 ? 256 HOH A O   1 
HETATM 1555 O  O   . HOH C 3 .   ? 3.845   15.552  -21.528 1.00 11.57 ? 257 HOH A O   1 
HETATM 1556 O  O   . HOH C 3 .   ? -6.015  1.462   9.547   1.00 22.22 ? 258 HOH A O   1 
HETATM 1557 O  O   . HOH C 3 .   ? -9.330  -10.386 -9.971  1.00 21.01 ? 259 HOH A O   1 
HETATM 1558 O  O   . HOH C 3 .   ? 16.224  -13.096 9.538   1.00 14.51 ? 260 HOH A O   1 
HETATM 1559 O  O   . HOH C 3 .   ? -14.707 -19.354 -5.059  0.50 36.11 ? 261 HOH A O   1 
HETATM 1560 O  O   . HOH C 3 .   ? -4.077  31.141  -5.289  1.00 18.75 ? 262 HOH A O   1 
HETATM 1561 O  O   . HOH C 3 .   ? -5.000  -16.796 -8.208  1.00 12.48 ? 263 HOH A O   1 
HETATM 1562 O  O   . HOH C 3 .   ? -2.753  -16.316 21.062  1.00 15.52 ? 264 HOH A O   1 
HETATM 1563 O  O   . HOH C 3 .   ? 16.594  13.366  -14.593 1.00 11.09 ? 265 HOH A O   1 
HETATM 1564 O  O   . HOH C 3 .   ? 15.372  2.949   -0.338  1.00 29.83 ? 266 HOH A O   1 
HETATM 1565 O  O   . HOH C 3 .   ? 15.459  5.495   -2.260  1.00 30.72 ? 267 HOH A O   1 
HETATM 1566 O  O   . HOH C 3 .   ? -4.649  -13.368 18.533  1.00 12.08 ? 268 HOH A O   1 
HETATM 1567 O  O   . HOH C 3 .   ? 5.207   25.728  -4.032  1.00 23.30 ? 269 HOH A O   1 
HETATM 1568 O  O   . HOH C 3 .   ? -5.385  -15.162 20.633  1.00 17.36 ? 270 HOH A O   1 
HETATM 1569 O  O   . HOH C 3 .   ? 15.777  17.944  -15.211 1.00 16.16 ? 271 HOH A O   1 
HETATM 1570 O  O   . HOH C 3 .   ? 16.255  6.490   -7.490  1.00 39.23 ? 272 HOH A O   1 
HETATM 1571 O  O   . HOH C 3 .   ? 1.856   21.008  -18.836 1.00 25.73 ? 273 HOH A O   1 
HETATM 1572 O  O   . HOH C 3 .   ? -11.996 1.012   0.863   1.00 30.59 ? 274 HOH A O   1 
HETATM 1573 O  O   . HOH C 3 .   ? 7.760   -0.409  -2.134  1.00 37.12 ? 275 HOH A O   1 
HETATM 1574 O  O   . HOH C 3 .   ? 5.283   -11.122 0.591   1.00 13.14 ? 276 HOH A O   1 
HETATM 1575 O  O   . HOH C 3 .   ? 14.019  21.829  -4.030  1.00 27.96 ? 277 HOH A O   1 
HETATM 1576 O  O   . HOH C 3 .   ? 15.183  8.110   -1.770  1.00 32.66 ? 278 HOH A O   1 
HETATM 1577 O  O   . HOH C 3 .   ? -0.591  12.217  -3.826  1.00 12.16 ? 279 HOH A O   1 
# 
